data_6LLA
#
_entry.id   6LLA
#
_cell.length_a   89.390
_cell.length_b   59.920
_cell.length_c   143.800
_cell.angle_alpha   90.000
_cell.angle_beta   93.950
_cell.angle_gamma   90.000
#
_symmetry.space_group_name_H-M   'P 1 21 1'
#
loop_
_entity.id
_entity.type
_entity.pdbx_description
1 polymer '3-dehydroquinate synthase'
2 non-polymer NICOTINAMIDE-ADENINE-DINUCLEOTIDE
3 non-polymer 'MAGNESIUM ION'
4 non-polymer 1,2-ETHANEDIOL
5 non-polymer DI(HYDROXYETHYL)ETHER
6 water water
#
_entity_poly.entity_id   1
_entity_poly.type   'polypeptide(L)'
_entity_poly.pdbx_seq_one_letter_code
;HHHHHHENLYFQGMEKVTVTLDERSYPINIAPSLYQQQDAFWPLTAGQRAMIVTNETLAPLYLHKIQTVLEVSGVKVDSI
ILPDGEQYKSLFIMNDVFTALLEKHHNRDTTLIALGGGVIGDLTGFAAASYQRGVRFIQVPTTLLSQVDSSVGGKTAVNH
PLGKNMIGAFYQPASVVIDLDCLKTLPKRELSSGLAEVIKYGIILDGEFFSWLEENIDALMALDNQAMAYCIRRCCELKA
QVVAADEKETSGLRALLNLGHTFGHAIEAEMGYGVWLHGEAVAAGMVMAAKTAELIGQFTPEQTDRVIALLKRAELPVTG
PAKMQPDDYLPHMMRDKKVMGGKLHLILPTTIGHSEMRSDVDASTVTAAISACIP
;
_entity_poly.pdbx_strand_id   A,B,C,D
#
# COMPACT_ATOMS: atom_id res chain seq x y z
N MET A 14 0.35 -30.36 -0.45
CA MET A 14 0.72 -28.98 -0.86
C MET A 14 0.82 -27.98 0.27
N GLU A 15 1.99 -27.35 0.44
CA GLU A 15 2.16 -26.26 1.39
C GLU A 15 2.09 -24.92 0.65
N LYS A 16 1.69 -23.89 1.38
CA LYS A 16 1.59 -22.57 0.81
C LYS A 16 2.09 -21.56 1.82
N VAL A 17 3.02 -20.67 1.37
CA VAL A 17 3.41 -19.53 2.18
C VAL A 17 3.02 -18.24 1.42
N THR A 18 2.32 -17.34 2.09
CA THR A 18 2.09 -16.02 1.55
C THR A 18 3.11 -15.05 2.17
N VAL A 19 3.79 -14.32 1.29
CA VAL A 19 4.83 -13.37 1.67
C VAL A 19 4.34 -12.00 1.30
N THR A 20 4.51 -11.05 2.19
CA THR A 20 4.09 -9.67 1.91
C THR A 20 5.20 -8.73 2.36
N LEU A 21 5.90 -8.16 1.39
CA LEU A 21 7.06 -7.30 1.64
C LEU A 21 6.96 -6.13 0.69
N ASP A 22 7.39 -4.97 1.15
N ASP A 22 7.38 -4.96 1.16
CA ASP A 22 7.46 -3.75 0.32
CA ASP A 22 7.46 -3.75 0.32
C ASP A 22 6.13 -3.53 -0.39
C ASP A 22 6.12 -3.51 -0.39
N GLU A 23 5.05 -3.70 0.37
CA GLU A 23 3.68 -3.58 -0.13
C GLU A 23 3.32 -4.49 -1.31
N ARG A 24 4.05 -5.57 -1.59
CA ARG A 24 3.67 -6.55 -2.58
C ARG A 24 3.23 -7.78 -1.76
N SER A 25 2.48 -8.66 -2.36
CA SER A 25 2.12 -9.96 -1.74
C SER A 25 2.16 -11.07 -2.81
N TYR A 26 2.71 -12.21 -2.46
CA TYR A 26 2.75 -13.34 -3.39
C TYR A 26 2.73 -14.64 -2.69
N PRO A 27 2.22 -15.69 -3.35
CA PRO A 27 2.27 -17.02 -2.81
C PRO A 27 3.52 -17.78 -3.19
N ILE A 28 3.98 -18.62 -2.27
CA ILE A 28 4.99 -19.68 -2.56
C ILE A 28 4.28 -20.97 -2.37
N ASN A 29 4.06 -21.71 -3.47
CA ASN A 29 3.33 -23.00 -3.40
C ASN A 29 4.32 -24.14 -3.61
N ILE A 30 4.21 -25.20 -2.82
CA ILE A 30 5.23 -26.30 -2.72
C ILE A 30 4.48 -27.62 -2.70
N ALA A 31 4.73 -28.47 -3.69
CA ALA A 31 4.17 -29.78 -3.73
C ALA A 31 4.89 -30.67 -4.75
N PRO A 32 4.87 -31.98 -4.51
CA PRO A 32 5.36 -32.89 -5.56
C PRO A 32 4.38 -32.87 -6.73
N SER A 33 4.89 -32.78 -7.94
CA SER A 33 4.10 -32.73 -9.18
C SER A 33 3.27 -31.42 -9.34
N LEU A 34 3.70 -30.34 -8.68
CA LEU A 34 3.03 -29.06 -8.79
C LEU A 34 3.04 -28.50 -10.21
N TYR A 35 4.05 -28.78 -11.04
CA TYR A 35 4.09 -28.27 -12.40
C TYR A 35 2.84 -28.69 -13.18
N GLN A 36 2.26 -29.83 -12.84
CA GLN A 36 1.09 -30.33 -13.55
C GLN A 36 -0.22 -29.89 -13.00
N GLN A 37 -0.27 -29.02 -11.99
CA GLN A 37 -1.59 -28.92 -11.31
C GLN A 37 -2.34 -27.70 -11.83
N GLN A 38 -3.63 -27.66 -11.56
CA GLN A 38 -4.61 -26.70 -12.10
C GLN A 38 -4.03 -25.35 -12.50
N ASP A 39 -4.02 -24.41 -11.55
CA ASP A 39 -3.61 -23.08 -11.87
C ASP A 39 -2.22 -22.89 -11.24
N ALA A 40 -1.32 -23.85 -11.48
CA ALA A 40 0.01 -23.89 -10.80
C ALA A 40 0.86 -22.66 -11.04
N PHE A 41 0.69 -22.02 -12.20
CA PHE A 41 1.44 -20.80 -12.56
C PHE A 41 0.66 -19.54 -12.45
N TRP A 42 -0.33 -19.55 -11.57
CA TRP A 42 -1.05 -18.31 -11.22
C TRP A 42 -0.01 -17.31 -10.78
N PRO A 43 -0.16 -16.03 -11.16
CA PRO A 43 -1.36 -15.36 -11.76
C PRO A 43 -1.46 -15.38 -13.26
N LEU A 44 -0.66 -16.19 -13.98
CA LEU A 44 -0.77 -16.24 -15.41
C LEU A 44 -2.07 -16.91 -15.75
N THR A 45 -2.80 -16.33 -16.69
CA THR A 45 -4.10 -16.82 -17.03
C THR A 45 -4.22 -16.82 -18.54
N ALA A 46 -5.25 -17.48 -19.02
CA ALA A 46 -5.38 -17.80 -20.44
C ALA A 46 -5.41 -16.52 -21.30
N GLY A 47 -4.74 -16.54 -22.45
CA GLY A 47 -4.61 -15.34 -23.29
C GLY A 47 -3.38 -14.46 -23.00
N GLN A 48 -2.75 -14.66 -21.88
CA GLN A 48 -1.53 -13.88 -21.54
C GLN A 48 -0.27 -14.55 -22.13
N ARG A 49 0.81 -13.79 -22.16
CA ARG A 49 2.11 -14.27 -22.64
C ARG A 49 3.09 -14.53 -21.54
N ALA A 50 3.99 -15.45 -21.76
CA ALA A 50 5.14 -15.66 -20.85
C ALA A 50 6.40 -15.94 -21.69
N MET A 51 7.53 -15.50 -21.14
CA MET A 51 8.84 -15.82 -21.62
C MET A 51 9.54 -16.63 -20.58
N ILE A 52 9.84 -17.89 -20.87
CA ILE A 52 10.58 -18.74 -19.92
C ILE A 52 12.08 -18.53 -20.14
N VAL A 53 12.80 -18.20 -19.10
CA VAL A 53 14.26 -18.09 -19.12
C VAL A 53 14.78 -19.28 -18.33
N THR A 54 15.67 -20.05 -18.95
CA THR A 54 16.26 -21.21 -18.28
C THR A 54 17.71 -21.34 -18.74
N ASN A 55 18.38 -22.39 -18.28
CA ASN A 55 19.75 -22.63 -18.76
C ASN A 55 19.84 -23.95 -19.50
N GLU A 56 20.99 -24.16 -20.10
CA GLU A 56 21.21 -25.28 -21.02
C GLU A 56 21.12 -26.61 -20.30
N THR A 57 21.37 -26.60 -18.99
CA THR A 57 21.26 -27.84 -18.19
C THR A 57 19.80 -28.18 -17.88
N LEU A 58 19.03 -27.20 -17.46
CA LEU A 58 17.63 -27.44 -17.11
C LEU A 58 16.73 -27.62 -18.34
N ALA A 59 17.05 -26.95 -19.45
CA ALA A 59 16.19 -27.01 -20.63
C ALA A 59 15.77 -28.41 -21.07
N PRO A 60 16.70 -29.36 -21.29
CA PRO A 60 16.24 -30.68 -21.71
C PRO A 60 15.42 -31.45 -20.64
N LEU A 61 15.52 -31.04 -19.40
CA LEU A 61 14.86 -31.69 -18.29
C LEU A 61 13.44 -31.18 -18.04
N TYR A 62 13.22 -29.87 -18.09
CA TYR A 62 11.95 -29.28 -17.63
C TYR A 62 11.31 -28.28 -18.58
N LEU A 63 12.04 -27.76 -19.58
CA LEU A 63 11.46 -26.68 -20.40
C LEU A 63 10.25 -27.14 -21.14
N HIS A 64 10.33 -28.29 -21.81
CA HIS A 64 9.17 -28.79 -22.60
C HIS A 64 7.93 -29.05 -21.71
N LYS A 65 8.18 -29.69 -20.57
CA LYS A 65 7.11 -30.00 -19.63
C LYS A 65 6.36 -28.74 -19.20
N ILE A 66 7.08 -27.72 -18.80
CA ILE A 66 6.50 -26.47 -18.33
C ILE A 66 5.80 -25.76 -19.49
N GLN A 67 6.44 -25.71 -20.66
CA GLN A 67 5.79 -25.08 -21.81
C GLN A 67 4.43 -25.71 -22.12
N THR A 68 4.39 -27.04 -22.10
CA THR A 68 3.15 -27.79 -22.39
C THR A 68 2.04 -27.44 -21.44
N VAL A 69 2.36 -27.40 -20.14
CA VAL A 69 1.36 -27.09 -19.11
C VAL A 69 0.84 -25.67 -19.28
N LEU A 70 1.71 -24.73 -19.59
CA LEU A 70 1.29 -23.35 -19.80
C LEU A 70 0.41 -23.22 -21.02
N GLU A 71 0.81 -23.88 -22.10
CA GLU A 71 0.07 -23.80 -23.36
C GLU A 71 -1.25 -24.50 -23.24
N VAL A 72 -1.33 -25.57 -22.45
CA VAL A 72 -2.65 -26.21 -22.15
C VAL A 72 -3.60 -25.28 -21.36
N SER A 73 -3.06 -24.35 -20.59
CA SER A 73 -3.80 -23.32 -19.85
C SER A 73 -4.17 -22.08 -20.64
N GLY A 74 -3.87 -22.05 -21.93
CA GLY A 74 -4.15 -20.88 -22.76
C GLY A 74 -3.04 -19.82 -22.80
N VAL A 75 -1.86 -20.14 -22.29
CA VAL A 75 -0.82 -19.14 -22.15
C VAL A 75 0.11 -19.28 -23.36
N LYS A 76 0.46 -18.14 -23.98
CA LYS A 76 1.29 -18.16 -25.16
C LYS A 76 2.77 -18.06 -24.71
N VAL A 77 3.60 -19.05 -25.12
CA VAL A 77 4.91 -19.22 -24.49
C VAL A 77 6.04 -19.00 -25.48
N ASP A 78 6.98 -18.18 -25.10
CA ASP A 78 8.30 -18.12 -25.74
C ASP A 78 9.35 -18.52 -24.71
N SER A 79 10.55 -18.81 -25.19
CA SER A 79 11.59 -19.24 -24.25
C SER A 79 12.95 -18.75 -24.76
N ILE A 80 13.87 -18.61 -23.81
CA ILE A 80 15.29 -18.41 -24.15
C ILE A 80 16.13 -19.29 -23.22
N ILE A 81 17.11 -19.96 -23.79
CA ILE A 81 18.02 -20.86 -23.06
C ILE A 81 19.38 -20.20 -23.01
N LEU A 82 19.85 -20.00 -21.79
CA LEU A 82 21.08 -19.32 -21.52
C LEU A 82 22.14 -20.34 -21.08
N PRO A 83 23.44 -19.99 -21.21
CA PRO A 83 24.40 -20.91 -20.68
C PRO A 83 24.40 -21.01 -19.20
N ASP A 84 24.82 -22.18 -18.72
CA ASP A 84 24.82 -22.52 -17.29
C ASP A 84 26.09 -22.02 -16.68
N GLY A 85 25.98 -21.18 -15.67
CA GLY A 85 27.08 -20.90 -14.82
C GLY A 85 27.05 -19.55 -14.19
N GLU A 86 27.63 -19.44 -12.98
CA GLU A 86 27.81 -18.16 -12.32
C GLU A 86 28.60 -17.17 -13.23
N GLN A 87 29.52 -17.68 -14.07
CA GLN A 87 30.31 -16.80 -14.89
C GLN A 87 29.45 -16.15 -16.00
N TYR A 88 28.30 -16.67 -16.26
CA TYR A 88 27.35 -16.08 -17.24
C TYR A 88 26.31 -15.15 -16.60
N LYS A 89 26.44 -14.89 -15.31
CA LYS A 89 25.41 -14.05 -14.59
C LYS A 89 25.88 -12.59 -14.81
N SER A 90 25.65 -12.12 -16.04
CA SER A 90 26.28 -10.90 -16.50
C SER A 90 25.28 -9.97 -17.14
N LEU A 91 25.60 -8.68 -17.16
CA LEU A 91 24.79 -7.75 -17.92
C LEU A 91 24.65 -8.13 -19.41
N PHE A 92 25.67 -8.67 -19.97
CA PHE A 92 25.64 -8.97 -21.39
C PHE A 92 24.80 -10.15 -21.77
N ILE A 93 24.74 -11.14 -20.89
CA ILE A 93 23.87 -12.29 -21.10
C ILE A 93 22.41 -11.84 -20.84
N MET A 94 22.20 -11.01 -19.84
CA MET A 94 20.89 -10.49 -19.58
C MET A 94 20.33 -9.73 -20.79
N ASN A 95 21.19 -9.02 -21.49
CA ASN A 95 20.86 -8.33 -22.75
C ASN A 95 20.20 -9.27 -23.76
N ASP A 96 20.67 -10.51 -23.83
CA ASP A 96 20.01 -11.52 -24.70
C ASP A 96 18.56 -11.81 -24.35
N VAL A 97 18.20 -11.74 -23.07
CA VAL A 97 16.79 -11.79 -22.68
C VAL A 97 15.97 -10.66 -23.26
N PHE A 98 16.46 -9.48 -23.13
CA PHE A 98 15.83 -8.32 -23.75
C PHE A 98 15.66 -8.50 -25.22
N THR A 99 16.70 -9.04 -25.89
CA THR A 99 16.59 -9.22 -27.35
C THR A 99 15.46 -10.23 -27.70
N ALA A 100 15.39 -11.32 -26.92
CA ALA A 100 14.38 -12.36 -27.18
C ALA A 100 13.01 -11.78 -27.00
N LEU A 101 12.86 -10.94 -25.95
CA LEU A 101 11.56 -10.33 -25.65
C LEU A 101 11.16 -9.39 -26.74
N LEU A 102 12.09 -8.56 -27.21
CA LEU A 102 11.75 -7.58 -28.22
C LEU A 102 11.52 -8.27 -29.58
N GLU A 103 12.28 -9.30 -29.89
CA GLU A 103 12.15 -9.99 -31.18
C GLU A 103 10.73 -10.61 -31.29
N LYS A 104 10.17 -11.05 -30.19
CA LYS A 104 8.83 -11.66 -30.22
C LYS A 104 7.75 -10.67 -29.79
N HIS A 105 8.12 -9.38 -29.68
CA HIS A 105 7.14 -8.32 -29.47
C HIS A 105 6.38 -8.45 -28.11
N HIS A 106 7.09 -8.84 -27.05
CA HIS A 106 6.53 -8.87 -25.75
C HIS A 106 6.34 -7.45 -25.19
N ASN A 107 5.09 -7.12 -24.83
CA ASN A 107 4.77 -5.80 -24.35
C ASN A 107 4.89 -5.81 -22.83
N ARG A 108 4.47 -4.70 -22.20
CA ARG A 108 4.66 -4.58 -20.74
C ARG A 108 3.80 -5.56 -19.94
N ASP A 109 2.80 -6.19 -20.57
CA ASP A 109 1.94 -7.14 -19.89
C ASP A 109 2.47 -8.59 -19.89
N THR A 110 3.65 -8.83 -20.42
CA THR A 110 4.24 -10.15 -20.38
C THR A 110 4.64 -10.58 -18.96
N THR A 111 4.91 -11.84 -18.81
CA THR A 111 5.52 -12.39 -17.61
C THR A 111 6.82 -13.13 -17.94
N LEU A 112 7.87 -12.85 -17.20
CA LEU A 112 9.13 -13.63 -17.23
C LEU A 112 9.02 -14.73 -16.18
N ILE A 113 9.36 -15.95 -16.61
CA ILE A 113 9.43 -17.11 -15.75
C ILE A 113 10.87 -17.57 -15.61
N ALA A 114 11.38 -17.51 -14.39
CA ALA A 114 12.71 -17.96 -14.09
C ALA A 114 12.72 -19.43 -13.75
N LEU A 115 13.10 -20.26 -14.71
CA LEU A 115 13.17 -21.72 -14.55
C LEU A 115 14.62 -22.11 -14.35
N GLY A 116 15.01 -22.30 -13.09
CA GLY A 116 16.36 -22.74 -12.79
C GLY A 116 16.74 -22.42 -11.38
N GLY A 117 18.05 -22.39 -11.13
CA GLY A 117 18.54 -22.07 -9.83
C GLY A 117 18.60 -20.63 -9.51
N GLY A 118 19.37 -20.29 -8.46
CA GLY A 118 19.50 -18.89 -8.05
C GLY A 118 20.17 -17.99 -9.08
N VAL A 119 21.02 -18.56 -9.92
CA VAL A 119 21.68 -17.77 -10.95
C VAL A 119 20.68 -17.33 -11.96
N ILE A 120 19.90 -18.26 -12.50
CA ILE A 120 18.79 -17.93 -13.35
C ILE A 120 17.80 -16.98 -12.65
N GLY A 121 17.49 -17.27 -11.40
CA GLY A 121 16.53 -16.46 -10.69
C GLY A 121 16.95 -15.02 -10.58
N ASP A 122 18.20 -14.77 -10.20
CA ASP A 122 18.70 -13.39 -10.07
C ASP A 122 18.73 -12.64 -11.41
N LEU A 123 19.26 -13.28 -12.45
CA LEU A 123 19.37 -12.64 -13.73
C LEU A 123 17.97 -12.37 -14.33
N THR A 124 17.09 -13.34 -14.23
CA THR A 124 15.74 -13.18 -14.73
C THR A 124 14.99 -12.13 -13.95
N GLY A 125 15.14 -12.14 -12.65
CA GLY A 125 14.51 -11.14 -11.80
C GLY A 125 14.90 -9.74 -12.17
N PHE A 126 16.21 -9.51 -12.40
CA PHE A 126 16.66 -8.19 -12.77
C PHE A 126 16.20 -7.84 -14.21
N ALA A 127 16.14 -8.82 -15.07
CA ALA A 127 15.57 -8.66 -16.41
C ALA A 127 14.09 -8.20 -16.34
N ALA A 128 13.34 -8.81 -15.44
CA ALA A 128 11.93 -8.46 -15.26
C ALA A 128 11.75 -7.05 -14.63
N ALA A 129 12.66 -6.67 -13.70
CA ALA A 129 12.68 -5.36 -13.11
C ALA A 129 12.95 -4.28 -14.12
N SER A 130 13.78 -4.57 -15.12
CA SER A 130 14.30 -3.58 -16.05
C SER A 130 13.59 -3.52 -17.39
N TYR A 131 12.96 -4.59 -17.82
CA TYR A 131 12.33 -4.59 -19.12
C TYR A 131 11.11 -3.67 -19.09
N GLN A 132 11.14 -2.63 -19.92
CA GLN A 132 10.18 -1.59 -19.97
C GLN A 132 9.90 -1.01 -18.54
N ARG A 133 10.96 -1.02 -17.72
CA ARG A 133 10.92 -0.53 -16.32
C ARG A 133 10.06 -1.36 -15.41
N GLY A 134 9.73 -2.58 -15.82
CA GLY A 134 9.19 -3.61 -14.93
C GLY A 134 8.01 -4.34 -15.49
N VAL A 135 8.18 -5.66 -15.64
CA VAL A 135 7.12 -6.59 -16.02
C VAL A 135 6.99 -7.65 -14.94
N ARG A 136 5.96 -8.47 -15.05
CA ARG A 136 5.67 -9.45 -14.03
C ARG A 136 6.70 -10.57 -14.11
N PHE A 137 6.96 -11.15 -12.95
CA PHE A 137 8.02 -12.13 -12.74
C PHE A 137 7.49 -13.28 -11.90
N ILE A 138 7.66 -14.50 -12.37
CA ILE A 138 7.36 -15.72 -11.61
C ILE A 138 8.64 -16.55 -11.46
N GLN A 139 8.95 -16.98 -10.25
CA GLN A 139 10.06 -17.85 -9.92
C GLN A 139 9.73 -19.25 -9.97
N VAL A 140 10.53 -20.10 -10.66
CA VAL A 140 10.33 -21.54 -10.63
C VAL A 140 11.67 -22.15 -10.21
N PRO A 141 12.00 -22.07 -8.92
CA PRO A 141 13.36 -22.42 -8.50
C PRO A 141 13.58 -23.92 -8.43
N THR A 142 14.72 -24.37 -8.93
CA THR A 142 14.97 -25.78 -9.12
C THR A 142 16.11 -26.31 -8.24
N THR A 143 16.77 -25.47 -7.45
CA THR A 143 17.69 -25.90 -6.43
C THR A 143 17.12 -25.72 -5.07
N LEU A 144 17.57 -26.50 -4.11
CA LEU A 144 17.10 -26.30 -2.73
C LEU A 144 17.49 -24.92 -2.22
N LEU A 145 18.71 -24.49 -2.56
CA LEU A 145 19.18 -23.19 -2.12
C LEU A 145 18.26 -22.08 -2.63
N SER A 146 17.90 -22.12 -3.91
CA SER A 146 17.01 -21.10 -4.43
C SER A 146 15.59 -21.21 -3.89
N GLN A 147 15.14 -22.41 -3.62
CA GLN A 147 13.79 -22.61 -2.99
C GLN A 147 13.72 -21.96 -1.60
N VAL A 148 14.83 -22.02 -0.84
CA VAL A 148 14.82 -21.58 0.57
C VAL A 148 15.45 -20.23 0.83
N ASP A 149 16.12 -19.66 -0.18
CA ASP A 149 16.84 -18.39 -0.02
C ASP A 149 16.36 -17.37 -1.09
N SER A 150 16.49 -17.65 -2.35
CA SER A 150 16.04 -16.74 -3.45
C SER A 150 14.56 -16.40 -3.48
N SER A 151 13.73 -17.26 -2.90
CA SER A 151 12.33 -17.14 -2.99
C SER A 151 11.74 -16.00 -2.16
N VAL A 152 12.52 -15.41 -1.27
CA VAL A 152 12.11 -14.31 -0.44
C VAL A 152 13.24 -13.25 -0.40
N GLY A 153 12.87 -11.99 -0.44
CA GLY A 153 13.71 -10.89 -0.20
C GLY A 153 13.70 -9.84 -1.34
N GLY A 154 13.40 -10.27 -2.51
CA GLY A 154 13.43 -9.44 -3.68
C GLY A 154 14.78 -9.01 -4.25
N LYS A 155 15.88 -9.58 -3.73
CA LYS A 155 17.20 -9.17 -4.27
C LYS A 155 17.37 -9.84 -5.64
N THR A 156 17.57 -9.03 -6.65
CA THR A 156 17.93 -9.50 -7.96
C THR A 156 19.26 -8.79 -8.35
N ALA A 157 20.03 -9.43 -9.22
CA ALA A 157 21.31 -8.87 -9.60
C ALA A 157 22.03 -9.66 -10.67
N VAL A 158 23.02 -9.01 -11.29
CA VAL A 158 24.04 -9.72 -12.04
C VAL A 158 25.40 -9.30 -11.46
N ASN A 159 26.42 -10.02 -11.85
CA ASN A 159 27.82 -9.70 -11.44
C ASN A 159 28.49 -8.71 -12.41
N HIS A 160 29.46 -8.00 -11.88
CA HIS A 160 30.44 -7.24 -12.64
C HIS A 160 31.78 -7.85 -12.36
N PRO A 161 32.72 -7.73 -13.32
CA PRO A 161 34.06 -8.31 -13.05
C PRO A 161 34.76 -7.79 -11.79
N LEU A 162 34.41 -6.61 -11.34
CA LEU A 162 34.92 -6.02 -10.11
C LEU A 162 34.03 -6.28 -8.86
N GLY A 163 32.96 -7.03 -8.96
CA GLY A 163 32.20 -7.32 -7.74
C GLY A 163 30.94 -8.18 -8.07
N LYS A 164 30.72 -9.24 -7.29
CA LYS A 164 29.52 -9.99 -7.34
C LYS A 164 28.25 -9.21 -6.91
N ASN A 165 27.16 -9.43 -7.61
CA ASN A 165 25.87 -8.81 -7.32
C ASN A 165 25.92 -7.30 -7.18
N MET A 166 26.77 -6.68 -7.97
CA MET A 166 26.94 -5.20 -7.86
C MET A 166 25.94 -4.40 -8.66
N ILE A 167 25.19 -5.05 -9.56
CA ILE A 167 24.27 -4.43 -10.44
C ILE A 167 22.91 -5.20 -10.33
N GLY A 168 21.85 -4.51 -9.89
CA GLY A 168 20.58 -5.15 -9.73
C GLY A 168 19.47 -4.25 -9.32
N ALA A 169 18.44 -4.85 -8.74
CA ALA A 169 17.19 -4.21 -8.32
C ALA A 169 16.49 -5.03 -7.24
N PHE A 170 15.79 -4.35 -6.34
CA PHE A 170 14.82 -5.01 -5.52
C PHE A 170 13.57 -5.17 -6.34
N TYR A 171 13.16 -6.40 -6.52
CA TYR A 171 11.98 -6.67 -7.34
C TYR A 171 11.37 -8.03 -6.90
N GLN A 172 10.10 -8.00 -6.51
N GLN A 172 10.11 -8.01 -6.50
CA GLN A 172 9.44 -9.17 -5.95
CA GLN A 172 9.51 -9.22 -6.01
C GLN A 172 8.70 -9.95 -7.01
C GLN A 172 8.73 -9.97 -7.05
N PRO A 173 8.71 -11.29 -6.94
CA PRO A 173 7.88 -12.10 -7.83
C PRO A 173 6.39 -11.99 -7.56
N ALA A 174 5.59 -12.37 -8.57
CA ALA A 174 4.14 -12.51 -8.43
C ALA A 174 3.74 -13.79 -7.77
N SER A 175 4.62 -14.78 -7.77
CA SER A 175 4.39 -16.11 -7.22
C SER A 175 5.69 -16.92 -7.44
N VAL A 176 5.85 -17.97 -6.65
CA VAL A 176 6.96 -18.85 -6.63
C VAL A 176 6.41 -20.28 -6.68
N VAL A 177 6.83 -21.06 -7.68
CA VAL A 177 6.24 -22.35 -7.96
C VAL A 177 7.34 -23.36 -7.65
N ILE A 178 7.15 -24.15 -6.62
CA ILE A 178 8.15 -25.15 -6.17
C ILE A 178 7.63 -26.58 -6.33
N ASP A 179 8.05 -27.26 -7.39
CA ASP A 179 7.68 -28.66 -7.60
C ASP A 179 8.81 -29.51 -7.07
N LEU A 180 8.57 -30.24 -5.98
CA LEU A 180 9.60 -30.98 -5.30
C LEU A 180 10.25 -31.99 -6.18
N ASP A 181 9.56 -32.45 -7.22
CA ASP A 181 10.15 -33.45 -8.14
C ASP A 181 11.40 -32.95 -8.81
N CYS A 182 11.52 -31.62 -9.03
CA CYS A 182 12.72 -31.12 -9.68
C CYS A 182 13.97 -31.46 -8.85
N LEU A 183 13.84 -31.68 -7.53
CA LEU A 183 15.05 -31.98 -6.77
C LEU A 183 15.61 -33.39 -7.10
N LYS A 184 14.83 -34.24 -7.76
CA LYS A 184 15.29 -35.59 -8.07
C LYS A 184 16.50 -35.62 -9.04
N THR A 185 16.66 -34.56 -9.81
CA THR A 185 17.77 -34.46 -10.74
C THR A 185 18.89 -33.57 -10.22
N LEU A 186 18.72 -32.94 -9.05
CA LEU A 186 19.72 -32.04 -8.55
C LEU A 186 20.87 -32.87 -7.99
N PRO A 187 22.12 -32.53 -8.34
CA PRO A 187 23.21 -33.27 -7.77
C PRO A 187 23.19 -33.22 -6.24
N LYS A 188 23.61 -34.32 -5.63
CA LYS A 188 23.54 -34.45 -4.21
C LYS A 188 24.37 -33.41 -3.45
N ARG A 189 25.51 -33.03 -4.03
CA ARG A 189 26.30 -32.00 -3.44
C ARG A 189 25.57 -30.64 -3.36
N GLU A 190 24.82 -30.31 -4.40
CA GLU A 190 24.03 -29.08 -4.40
C GLU A 190 22.84 -29.19 -3.40
N LEU A 191 22.32 -30.38 -3.22
CA LEU A 191 21.24 -30.55 -2.21
C LEU A 191 21.78 -30.26 -0.81
N SER A 192 22.93 -30.82 -0.51
CA SER A 192 23.58 -30.57 0.78
C SER A 192 23.91 -29.09 0.98
N SER A 193 24.35 -28.45 -0.11
CA SER A 193 24.74 -27.03 0.00
C SER A 193 23.47 -26.22 0.42
N GLY A 194 22.35 -26.53 -0.18
CA GLY A 194 21.08 -25.93 0.21
C GLY A 194 20.69 -26.21 1.65
N LEU A 195 20.97 -27.44 2.13
CA LEU A 195 20.64 -27.78 3.51
C LEU A 195 21.49 -26.99 4.50
N ALA A 196 22.68 -26.45 4.08
CA ALA A 196 23.42 -25.57 4.96
C ALA A 196 22.55 -24.33 5.33
N GLU A 197 21.87 -23.75 4.33
CA GLU A 197 21.10 -22.59 4.57
C GLU A 197 19.80 -22.96 5.33
N VAL A 198 19.27 -24.17 5.06
CA VAL A 198 18.15 -24.67 5.87
C VAL A 198 18.52 -24.72 7.38
N ILE A 199 19.64 -25.34 7.66
CA ILE A 199 20.11 -25.42 9.05
C ILE A 199 20.39 -23.99 9.70
N LYS A 200 20.95 -23.09 8.92
CA LYS A 200 21.19 -21.72 9.34
C LYS A 200 19.92 -21.10 9.95
N TYR A 201 18.80 -21.23 9.26
CA TYR A 201 17.52 -20.74 9.75
C TYR A 201 17.20 -21.24 11.15
N GLY A 202 17.40 -22.53 11.39
CA GLY A 202 17.20 -23.05 12.67
C GLY A 202 18.09 -22.43 13.74
N ILE A 203 19.37 -22.20 13.39
CA ILE A 203 20.25 -21.61 14.35
C ILE A 203 19.89 -20.16 14.65
N ILE A 204 19.67 -19.36 13.63
CA ILE A 204 19.49 -17.90 13.87
C ILE A 204 18.10 -17.52 14.42
N LEU A 205 17.05 -18.31 14.09
CA LEU A 205 15.65 -17.80 14.30
C LEU A 205 14.68 -18.78 14.95
N ASP A 206 14.91 -20.09 14.88
CA ASP A 206 13.86 -20.98 15.34
C ASP A 206 14.52 -22.27 15.82
N GLY A 207 14.75 -22.37 17.14
CA GLY A 207 15.32 -23.56 17.72
C GLY A 207 14.44 -24.80 17.65
N GLU A 208 13.13 -24.60 17.62
CA GLU A 208 12.23 -25.73 17.43
C GLU A 208 12.37 -26.31 16.04
N PHE A 209 12.53 -25.47 15.04
CA PHE A 209 12.86 -25.95 13.65
C PHE A 209 14.19 -26.70 13.62
N PHE A 210 15.19 -26.16 14.31
CA PHE A 210 16.49 -26.88 14.43
C PHE A 210 16.24 -28.29 14.99
N SER A 211 15.48 -28.37 16.06
CA SER A 211 15.18 -29.70 16.69
C SER A 211 14.44 -30.60 15.69
N TRP A 212 13.50 -30.04 14.95
CA TRP A 212 12.82 -30.78 13.86
C TRP A 212 13.82 -31.26 12.82
N LEU A 213 14.78 -30.44 12.46
CA LEU A 213 15.83 -30.88 11.52
C LEU A 213 16.65 -32.05 12.07
N GLU A 214 16.97 -32.01 13.38
CA GLU A 214 17.72 -33.14 14.01
C GLU A 214 16.95 -34.44 13.90
N GLU A 215 15.62 -34.34 13.97
CA GLU A 215 14.80 -35.53 13.79
C GLU A 215 14.50 -35.92 12.36
N ASN A 216 14.63 -35.01 11.38
CA ASN A 216 14.20 -35.27 10.02
C ASN A 216 15.23 -35.19 8.92
N ILE A 217 16.45 -34.84 9.27
CA ILE A 217 17.49 -34.63 8.27
C ILE A 217 17.71 -35.86 7.36
N ASP A 218 17.55 -37.07 7.91
CA ASP A 218 17.63 -38.29 7.08
C ASP A 218 16.54 -38.31 6.01
N ALA A 219 15.33 -37.93 6.36
CA ALA A 219 14.28 -37.88 5.40
C ALA A 219 14.53 -36.80 4.33
N LEU A 220 15.08 -35.66 4.73
CA LEU A 220 15.38 -34.63 3.80
C LEU A 220 16.46 -35.10 2.81
N MET A 221 17.50 -35.78 3.31
CA MET A 221 18.56 -36.28 2.44
C MET A 221 17.99 -37.29 1.45
N ALA A 222 16.94 -37.97 1.84
CA ALA A 222 16.28 -38.95 0.96
C ALA A 222 15.20 -38.35 0.09
N LEU A 223 15.05 -37.05 0.10
CA LEU A 223 14.00 -36.34 -0.64
C LEU A 223 12.57 -36.80 -0.32
N ASP A 224 12.32 -37.13 0.94
CA ASP A 224 10.94 -37.42 1.40
C ASP A 224 10.01 -36.25 1.12
N ASN A 225 8.91 -36.49 0.39
CA ASN A 225 8.06 -35.28 -0.01
C ASN A 225 7.49 -34.52 1.18
N GLN A 226 7.03 -35.22 2.20
CA GLN A 226 6.33 -34.56 3.30
C GLN A 226 7.31 -33.74 4.13
N ALA A 227 8.48 -34.31 4.42
CA ALA A 227 9.53 -33.51 5.12
C ALA A 227 10.00 -32.30 4.34
N MET A 228 10.33 -32.53 3.09
CA MET A 228 10.96 -31.47 2.30
C MET A 228 10.00 -30.33 2.06
N ALA A 229 8.71 -30.64 1.87
CA ALA A 229 7.69 -29.61 1.70
C ALA A 229 7.63 -28.76 2.99
N TYR A 230 7.62 -29.40 4.13
CA TYR A 230 7.53 -28.63 5.37
C TYR A 230 8.81 -27.79 5.57
N CYS A 231 9.98 -28.42 5.29
CA CYS A 231 11.29 -27.75 5.38
C CYS A 231 11.32 -26.49 4.58
N ILE A 232 10.97 -26.57 3.31
CA ILE A 232 10.95 -25.38 2.44
C ILE A 232 9.92 -24.34 2.89
N ARG A 233 8.71 -24.77 3.24
CA ARG A 233 7.70 -23.84 3.73
C ARG A 233 8.25 -23.07 4.92
N ARG A 234 8.84 -23.75 5.88
CA ARG A 234 9.27 -23.06 7.13
C ARG A 234 10.42 -22.12 6.89
N CYS A 235 11.38 -22.50 6.01
CA CYS A 235 12.49 -21.61 5.73
C CYS A 235 11.99 -20.31 5.08
N CYS A 236 11.10 -20.40 4.14
CA CYS A 236 10.54 -19.23 3.51
C CYS A 236 9.77 -18.35 4.52
N GLU A 237 9.00 -19.01 5.35
CA GLU A 237 8.34 -18.32 6.44
C GLU A 237 9.37 -17.56 7.28
N LEU A 238 10.53 -18.20 7.57
CA LEU A 238 11.46 -17.59 8.53
C LEU A 238 12.15 -16.45 7.91
N LYS A 239 12.58 -16.63 6.61
CA LYS A 239 13.24 -15.55 5.95
C LYS A 239 12.30 -14.32 5.79
N ALA A 240 11.04 -14.58 5.45
CA ALA A 240 10.08 -13.53 5.33
C ALA A 240 9.88 -12.76 6.62
N GLN A 241 9.91 -13.46 7.76
CA GLN A 241 9.72 -12.79 9.06
C GLN A 241 10.91 -11.85 9.35
N VAL A 242 12.12 -12.29 9.00
CA VAL A 242 13.28 -11.46 9.32
C VAL A 242 13.36 -10.23 8.39
N VAL A 243 13.04 -10.44 7.12
CA VAL A 243 13.05 -9.35 6.16
C VAL A 243 11.94 -8.38 6.49
N ALA A 244 10.77 -8.88 6.80
CA ALA A 244 9.63 -7.99 7.10
C ALA A 244 9.88 -7.11 8.32
N ALA A 245 10.59 -7.61 9.32
CA ALA A 245 10.86 -6.84 10.45
C ALA A 245 11.93 -5.77 10.21
N ASP A 246 12.75 -5.95 9.20
CA ASP A 246 13.90 -5.06 9.03
C ASP A 246 14.00 -4.59 7.65
N GLU A 247 12.90 -3.92 7.31
CA GLU A 247 12.66 -3.26 6.05
C GLU A 247 12.81 -1.74 6.35
N LYS A 248 12.03 -1.29 7.36
CA LYS A 248 12.00 0.06 7.91
C LYS A 248 12.53 0.00 9.35
N GLU A 249 13.85 0.02 9.43
CA GLU A 249 14.63 0.07 10.68
C GLU A 249 16.12 0.21 10.55
N THR A 250 16.72 -0.15 9.39
CA THR A 250 18.16 -0.12 9.11
C THR A 250 18.92 -1.14 9.98
N SER A 251 19.72 -0.68 10.96
CA SER A 251 20.47 -1.53 11.86
C SER A 251 21.03 -2.84 11.25
N GLY A 252 20.14 -3.84 11.07
CA GLY A 252 20.49 -5.13 10.49
C GLY A 252 19.95 -6.37 11.19
N LEU A 253 18.62 -6.49 11.30
CA LEU A 253 18.03 -7.80 11.62
C LEU A 253 18.23 -8.74 10.41
N ARG A 254 18.16 -8.15 9.23
CA ARG A 254 18.37 -8.85 8.00
C ARG A 254 19.83 -9.34 7.93
N ALA A 255 20.75 -8.69 8.63
CA ALA A 255 22.13 -9.09 8.63
C ALA A 255 22.31 -10.44 9.29
N LEU A 256 21.38 -10.84 10.14
CA LEU A 256 21.45 -12.19 10.75
C LEU A 256 21.49 -13.30 9.75
N LEU A 257 20.95 -13.06 8.54
CA LEU A 257 21.00 -14.04 7.47
C LEU A 257 22.45 -14.37 7.04
N ASN A 258 23.40 -13.56 7.50
CA ASN A 258 24.83 -13.81 7.17
C ASN A 258 25.56 -14.66 8.17
N LEU A 259 24.85 -15.34 9.10
CA LEU A 259 25.59 -16.32 9.96
C LEU A 259 26.42 -17.23 9.11
N GLY A 260 27.72 -17.37 9.49
CA GLY A 260 28.65 -18.20 8.81
C GLY A 260 29.18 -17.69 7.49
N HIS A 261 28.65 -16.58 6.99
CA HIS A 261 28.98 -16.09 5.65
C HIS A 261 30.26 -15.27 5.64
N THR A 262 30.66 -14.72 6.73
CA THR A 262 31.91 -13.92 6.78
C THR A 262 33.05 -14.90 6.75
N PHE A 263 33.05 -15.90 7.64
CA PHE A 263 34.06 -16.98 7.56
C PHE A 263 33.96 -17.69 6.18
N GLY A 264 32.73 -17.97 5.73
CA GLY A 264 32.56 -18.73 4.53
C GLY A 264 33.03 -18.00 3.28
N HIS A 265 32.85 -16.70 3.21
CA HIS A 265 33.34 -15.92 2.08
C HIS A 265 34.84 -16.07 1.97
N ALA A 266 35.55 -16.06 3.11
CA ALA A 266 37.04 -16.27 3.11
C ALA A 266 37.40 -17.52 2.49
N ILE A 267 36.65 -18.60 2.81
CA ILE A 267 36.94 -19.89 2.25
C ILE A 267 36.71 -19.88 0.75
N GLU A 268 35.53 -19.39 0.31
CA GLU A 268 35.20 -19.35 -1.13
C GLU A 268 36.25 -18.51 -1.90
N ALA A 269 36.62 -17.36 -1.32
CA ALA A 269 37.58 -16.44 -1.98
C ALA A 269 38.96 -17.10 -2.13
N GLU A 270 39.43 -17.78 -1.12
CA GLU A 270 40.80 -18.40 -1.16
C GLU A 270 40.84 -19.70 -1.90
N MET A 271 39.75 -20.47 -1.84
CA MET A 271 39.75 -21.77 -2.48
C MET A 271 39.42 -21.75 -3.96
N GLY A 272 38.66 -20.74 -4.35
CA GLY A 272 38.37 -20.47 -5.76
C GLY A 272 37.03 -21.02 -6.20
N TYR A 273 36.63 -20.62 -7.39
CA TYR A 273 35.26 -20.82 -7.86
C TYR A 273 34.94 -22.32 -8.02
N GLY A 274 33.81 -22.72 -7.45
CA GLY A 274 33.34 -24.09 -7.50
C GLY A 274 34.06 -25.13 -6.70
N VAL A 275 35.14 -24.75 -6.02
CA VAL A 275 35.93 -25.79 -5.30
C VAL A 275 35.13 -26.18 -4.06
N TRP A 276 34.81 -25.16 -3.25
CA TRP A 276 33.82 -25.36 -2.18
C TRP A 276 32.55 -24.69 -2.66
N LEU A 277 31.44 -25.38 -2.60
CA LEU A 277 30.16 -24.71 -2.88
C LEU A 277 29.83 -23.74 -1.74
N HIS A 278 28.95 -22.82 -2.05
CA HIS A 278 28.61 -21.79 -1.08
C HIS A 278 28.13 -22.37 0.25
N GLY A 279 27.24 -23.34 0.20
CA GLY A 279 26.70 -23.89 1.46
C GLY A 279 27.73 -24.71 2.23
N GLU A 280 28.67 -25.35 1.53
CA GLU A 280 29.78 -26.00 2.21
C GLU A 280 30.63 -24.98 3.02
N ALA A 281 30.92 -23.85 2.43
CA ALA A 281 31.67 -22.79 3.12
C ALA A 281 30.86 -22.22 4.28
N VAL A 282 29.55 -22.06 4.06
CA VAL A 282 28.66 -21.53 5.12
C VAL A 282 28.65 -22.48 6.30
N ALA A 283 28.61 -23.80 5.99
CA ALA A 283 28.58 -24.84 7.04
C ALA A 283 29.75 -24.69 7.98
N ALA A 284 30.96 -24.72 7.43
CA ALA A 284 32.15 -24.54 8.24
C ALA A 284 32.15 -23.18 8.92
N GLY A 285 31.63 -22.15 8.24
CA GLY A 285 31.50 -20.84 8.83
C GLY A 285 30.62 -20.75 10.05
N MET A 286 29.51 -21.50 10.03
CA MET A 286 28.63 -21.51 11.18
C MET A 286 29.30 -22.13 12.38
N VAL A 287 30.07 -23.19 12.15
CA VAL A 287 30.85 -23.79 13.23
C VAL A 287 31.81 -22.79 13.84
N MET A 288 32.52 -22.05 12.98
CA MET A 288 33.47 -21.02 13.44
C MET A 288 32.76 -19.94 14.19
N ALA A 289 31.56 -19.57 13.73
CA ALA A 289 30.76 -18.57 14.43
C ALA A 289 30.35 -19.11 15.81
N ALA A 290 29.95 -20.37 15.86
CA ALA A 290 29.61 -21.01 17.16
C ALA A 290 30.81 -20.97 18.12
N LYS A 291 31.99 -21.37 17.60
CA LYS A 291 33.19 -21.35 18.41
C LYS A 291 33.51 -19.96 18.94
N THR A 292 33.27 -18.97 18.06
CA THR A 292 33.50 -17.59 18.45
C THR A 292 32.51 -17.20 19.60
N ALA A 293 31.25 -17.60 19.46
CA ALA A 293 30.30 -17.33 20.47
C ALA A 293 30.65 -18.03 21.81
N GLU A 294 31.26 -19.19 21.73
CA GLU A 294 31.80 -19.83 22.98
C GLU A 294 32.86 -18.97 23.64
N LEU A 295 33.73 -18.39 22.84
CA LEU A 295 34.94 -17.76 23.36
C LEU A 295 34.61 -16.41 23.94
N ILE A 296 33.59 -15.74 23.45
CA ILE A 296 33.19 -14.50 24.08
C ILE A 296 32.33 -14.76 25.35
N GLY A 297 31.94 -16.02 25.59
CA GLY A 297 31.22 -16.43 26.80
C GLY A 297 29.68 -16.50 26.66
N GLN A 298 29.16 -16.55 25.43
CA GLN A 298 27.74 -16.65 25.24
C GLN A 298 27.15 -18.03 24.81
N PHE A 299 27.97 -18.97 24.39
CA PHE A 299 27.50 -20.23 23.80
C PHE A 299 28.19 -21.33 24.56
N THR A 300 27.59 -22.52 24.60
CA THR A 300 28.26 -23.69 25.21
C THR A 300 28.82 -24.64 24.17
N PRO A 301 29.84 -25.45 24.56
CA PRO A 301 30.29 -26.52 23.67
C PRO A 301 29.18 -27.51 23.30
N GLU A 302 28.23 -27.71 24.21
CA GLU A 302 27.08 -28.61 23.92
C GLU A 302 26.24 -28.11 22.74
N GLN A 303 26.04 -26.80 22.73
CA GLN A 303 25.33 -26.15 21.64
C GLN A 303 26.10 -26.27 20.31
N THR A 304 27.39 -26.00 20.34
CA THR A 304 28.19 -26.10 19.19
C THR A 304 28.19 -27.51 18.66
N ASP A 305 28.30 -28.49 19.56
CA ASP A 305 28.27 -29.91 19.20
C ASP A 305 27.01 -30.28 18.43
N ARG A 306 25.86 -29.71 18.80
CA ARG A 306 24.62 -30.01 18.11
C ARG A 306 24.66 -29.50 16.66
N VAL A 307 25.24 -28.30 16.46
CA VAL A 307 25.40 -27.75 15.13
C VAL A 307 26.32 -28.65 14.31
N ILE A 308 27.48 -28.99 14.87
CA ILE A 308 28.44 -29.90 14.18
C ILE A 308 27.76 -31.24 13.76
N ALA A 309 27.10 -31.89 14.71
CA ALA A 309 26.45 -33.19 14.46
C ALA A 309 25.44 -33.14 13.32
N LEU A 310 24.60 -32.12 13.32
CA LEU A 310 23.57 -32.00 12.28
C LEU A 310 24.21 -31.69 10.90
N LEU A 311 25.20 -30.78 10.88
CA LEU A 311 25.95 -30.53 9.63
C LEU A 311 26.52 -31.79 9.05
N LYS A 312 27.13 -32.65 9.88
CA LYS A 312 27.69 -33.87 9.37
C LYS A 312 26.61 -34.79 8.80
N ARG A 313 25.44 -34.80 9.40
CA ARG A 313 24.34 -35.61 8.87
C ARG A 313 23.86 -35.17 7.51
N ALA A 314 23.99 -33.88 7.22
CA ALA A 314 23.71 -33.39 5.94
C ALA A 314 24.90 -33.47 4.97
N GLU A 315 25.99 -34.18 5.35
CA GLU A 315 27.17 -34.37 4.54
C GLU A 315 27.89 -33.07 4.26
N LEU A 316 27.89 -32.16 5.23
CA LEU A 316 28.55 -30.86 5.09
C LEU A 316 29.84 -30.84 5.94
N PRO A 317 30.83 -30.04 5.53
CA PRO A 317 32.08 -29.95 6.33
C PRO A 317 31.88 -29.15 7.59
N VAL A 318 32.68 -29.48 8.59
CA VAL A 318 32.64 -28.75 9.86
C VAL A 318 34.04 -28.24 10.23
N THR A 319 34.96 -28.37 9.28
CA THR A 319 36.37 -27.94 9.44
C THR A 319 36.68 -27.09 8.24
N GLY A 320 37.68 -26.27 8.39
CA GLY A 320 38.18 -25.48 7.29
C GLY A 320 39.09 -26.28 6.36
N PRO A 321 39.38 -25.72 5.19
CA PRO A 321 40.27 -26.38 4.24
C PRO A 321 41.66 -26.53 4.88
N ALA A 322 42.29 -27.67 4.63
CA ALA A 322 43.68 -27.91 5.11
C ALA A 322 44.67 -26.85 4.64
N LYS A 323 44.38 -26.27 3.48
CA LYS A 323 45.26 -25.32 2.80
C LYS A 323 45.25 -23.96 3.50
N MET A 324 44.17 -23.62 4.23
CA MET A 324 44.07 -22.26 4.80
C MET A 324 44.45 -22.24 6.27
N GLN A 325 45.25 -21.26 6.63
CA GLN A 325 45.60 -20.95 8.02
C GLN A 325 44.82 -19.71 8.47
N PRO A 326 44.79 -19.41 9.76
CA PRO A 326 43.97 -18.30 10.21
C PRO A 326 44.21 -16.95 9.54
N ASP A 327 45.46 -16.59 9.33
CA ASP A 327 45.82 -15.34 8.63
C ASP A 327 45.37 -15.33 7.19
N ASP A 328 45.05 -16.49 6.59
CA ASP A 328 44.46 -16.45 5.24
C ASP A 328 43.01 -16.01 5.29
N TYR A 329 42.35 -16.21 6.41
CA TYR A 329 40.92 -15.80 6.50
C TYR A 329 40.77 -14.32 6.70
N LEU A 330 41.55 -13.76 7.59
CA LEU A 330 41.29 -12.40 8.08
C LEU A 330 41.24 -11.31 7.01
N PRO A 331 42.17 -11.28 6.00
CA PRO A 331 42.08 -10.15 5.00
C PRO A 331 40.70 -10.22 4.30
N HIS A 332 40.11 -11.43 4.16
CA HIS A 332 38.78 -11.56 3.54
C HIS A 332 37.64 -11.20 4.45
N MET A 333 37.85 -11.31 5.75
CA MET A 333 36.76 -11.04 6.69
C MET A 333 36.55 -9.60 7.13
N MET A 334 37.61 -8.74 7.01
CA MET A 334 37.49 -7.34 7.27
C MET A 334 36.60 -6.72 6.27
N ARG A 335 35.89 -5.69 6.74
CA ARG A 335 35.02 -4.91 5.88
C ARG A 335 35.81 -4.35 4.69
N ASP A 336 36.97 -3.78 4.94
CA ASP A 336 37.92 -3.51 3.87
C ASP A 336 39.30 -3.41 4.51
N LYS A 337 40.33 -3.05 3.73
CA LYS A 337 41.69 -2.97 4.33
C LYS A 337 42.16 -1.53 4.50
N LYS A 338 41.23 -0.60 4.52
CA LYS A 338 41.60 0.81 4.69
C LYS A 338 42.03 1.04 6.12
N VAL A 339 42.78 2.10 6.34
CA VAL A 339 43.32 2.48 7.61
C VAL A 339 42.20 2.51 8.71
N MET A 340 41.00 3.01 8.34
CA MET A 340 39.82 3.09 9.24
C MET A 340 38.89 1.89 9.12
N GLY A 341 39.40 0.87 8.45
CA GLY A 341 38.72 -0.36 8.18
C GLY A 341 39.36 -1.39 9.06
N GLY A 342 39.58 -2.59 8.54
CA GLY A 342 40.21 -3.65 9.37
C GLY A 342 39.33 -4.25 10.47
N LYS A 343 38.06 -3.91 10.49
CA LYS A 343 37.16 -4.29 11.56
C LYS A 343 36.49 -5.57 11.16
N LEU A 344 36.35 -6.49 12.13
CA LEU A 344 35.73 -7.82 11.89
C LEU A 344 34.31 -7.81 12.60
N HIS A 345 33.29 -7.74 11.82
CA HIS A 345 31.88 -7.74 12.27
C HIS A 345 31.34 -9.13 11.93
N LEU A 346 30.79 -9.77 12.95
CA LEU A 346 30.36 -11.17 12.83
C LEU A 346 28.92 -11.33 13.28
N ILE A 347 28.21 -12.20 12.61
CA ILE A 347 26.96 -12.73 13.13
C ILE A 347 27.28 -13.91 14.03
N LEU A 348 26.86 -13.87 15.31
CA LEU A 348 27.05 -14.95 16.22
C LEU A 348 25.76 -15.53 16.76
N PRO A 349 25.69 -16.86 16.95
CA PRO A 349 24.55 -17.43 17.65
C PRO A 349 24.61 -17.08 19.14
N THR A 350 23.45 -16.88 19.74
CA THR A 350 23.35 -16.68 21.18
C THR A 350 22.69 -17.86 21.91
N THR A 351 21.76 -18.52 21.21
CA THR A 351 21.27 -19.85 21.59
C THR A 351 21.13 -20.59 20.29
N ILE A 352 20.65 -21.84 20.35
CA ILE A 352 20.17 -22.49 19.13
C ILE A 352 18.79 -21.95 18.92
N GLY A 353 18.67 -21.02 17.96
CA GLY A 353 17.45 -20.31 17.70
C GLY A 353 17.48 -18.81 17.85
N HIS A 354 18.58 -18.25 18.28
CA HIS A 354 18.72 -16.78 18.63
C HIS A 354 20.16 -16.38 18.10
N SER A 355 20.32 -15.18 17.57
CA SER A 355 21.55 -14.68 17.06
C SER A 355 21.68 -13.16 17.14
N GLU A 356 22.92 -12.66 16.96
CA GLU A 356 23.19 -11.23 17.13
C GLU A 356 24.34 -10.83 16.23
N MET A 357 24.39 -9.56 15.87
CA MET A 357 25.52 -8.95 15.24
C MET A 357 26.46 -8.52 16.37
N ARG A 358 27.70 -8.93 16.25
CA ARG A 358 28.74 -8.49 17.15
C ARG A 358 29.81 -7.70 16.35
N SER A 359 30.00 -6.46 16.74
CA SER A 359 30.87 -5.56 16.02
C SER A 359 32.25 -5.58 16.63
N ASP A 360 33.26 -5.35 15.79
N ASP A 360 33.26 -5.35 15.80
CA ASP A 360 34.63 -5.09 16.27
CA ASP A 360 34.63 -5.10 16.27
C ASP A 360 35.17 -6.27 17.10
C ASP A 360 35.16 -6.27 17.10
N VAL A 361 35.01 -7.48 16.56
CA VAL A 361 35.50 -8.70 17.27
C VAL A 361 37.02 -8.72 17.16
N ASP A 362 37.69 -9.07 18.27
CA ASP A 362 39.13 -9.05 18.32
C ASP A 362 39.71 -10.12 17.37
N ALA A 363 40.80 -9.76 16.75
CA ALA A 363 41.47 -10.66 15.83
C ALA A 363 41.92 -11.93 16.55
N SER A 364 42.36 -11.80 17.80
CA SER A 364 42.76 -12.99 18.55
C SER A 364 41.59 -13.98 18.77
N THR A 365 40.38 -13.43 19.00
CA THR A 365 39.23 -14.29 19.10
C THR A 365 38.92 -15.00 17.82
N VAL A 366 39.00 -14.30 16.73
CA VAL A 366 38.71 -14.88 15.41
C VAL A 366 39.75 -15.99 15.08
N THR A 367 41.03 -15.69 15.29
CA THR A 367 42.13 -16.67 15.06
C THR A 367 41.91 -17.91 15.93
N ALA A 368 41.52 -17.73 17.20
CA ALA A 368 41.23 -18.88 18.08
C ALA A 368 40.07 -19.69 17.59
N ALA A 369 39.02 -19.05 17.15
CA ALA A 369 37.84 -19.78 16.65
C ALA A 369 38.19 -20.56 15.37
N ILE A 370 38.88 -19.91 14.41
CA ILE A 370 39.33 -20.61 13.19
C ILE A 370 40.24 -21.79 13.54
N SER A 371 41.20 -21.55 14.44
CA SER A 371 42.15 -22.58 14.86
C SER A 371 41.47 -23.81 15.46
N ALA A 372 40.34 -23.58 16.12
CA ALA A 372 39.57 -24.67 16.72
C ALA A 372 38.90 -25.54 15.68
N CYS A 373 38.90 -25.14 14.43
CA CYS A 373 38.23 -25.87 13.35
C CYS A 373 39.21 -26.30 12.26
N ILE A 374 40.47 -26.40 12.58
CA ILE A 374 41.49 -26.80 11.58
C ILE A 374 41.61 -28.32 11.64
N PRO A 375 41.48 -29.02 10.49
CA PRO A 375 41.41 -30.46 10.42
C PRO A 375 42.68 -31.17 10.82
N GLY B 13 11.65 -16.48 26.37
CA GLY B 13 12.56 -15.49 25.66
C GLY B 13 11.70 -14.65 24.76
N MET B 14 12.24 -13.61 24.06
CA MET B 14 11.38 -12.76 23.19
C MET B 14 11.14 -13.26 21.76
N GLU B 15 9.90 -13.56 21.40
CA GLU B 15 9.52 -13.89 20.05
C GLU B 15 8.85 -12.71 19.39
N LYS B 16 8.96 -12.65 18.06
CA LYS B 16 8.35 -11.58 17.31
C LYS B 16 7.73 -12.13 16.07
N VAL B 17 6.42 -11.82 15.84
CA VAL B 17 5.76 -12.08 14.59
C VAL B 17 5.40 -10.74 13.90
N THR B 18 5.83 -10.57 12.67
CA THR B 18 5.33 -9.44 11.86
C THR B 18 4.15 -9.93 10.99
N VAL B 19 3.06 -9.21 11.08
CA VAL B 19 1.83 -9.51 10.34
C VAL B 19 1.61 -8.36 9.40
N THR B 20 1.22 -8.66 8.17
CA THR B 20 0.96 -7.66 7.15
C THR B 20 -0.32 -8.05 6.44
N LEU B 21 -1.41 -7.33 6.70
CA LEU B 21 -2.72 -7.64 6.14
C LEU B 21 -3.37 -6.34 5.77
N ASP B 22 -4.17 -6.36 4.72
N ASP B 22 -4.10 -6.37 4.66
CA ASP B 22 -4.97 -5.20 4.26
CA ASP B 22 -4.95 -5.20 4.23
C ASP B 22 -4.06 -3.99 4.13
C ASP B 22 -4.05 -4.00 4.14
N GLU B 23 -2.84 -4.22 3.62
CA GLU B 23 -1.84 -3.18 3.43
C GLU B 23 -1.46 -2.46 4.73
N ARG B 24 -1.59 -3.11 5.86
CA ARG B 24 -1.10 -2.59 7.14
C ARG B 24 0.01 -3.58 7.55
N SER B 25 0.92 -3.16 8.43
CA SER B 25 1.90 -4.06 9.00
C SER B 25 2.11 -3.79 10.50
N TYR B 26 2.22 -4.81 11.31
CA TYR B 26 2.45 -4.64 12.73
C TYR B 26 3.16 -5.77 13.36
N PRO B 27 3.91 -5.52 14.45
CA PRO B 27 4.55 -6.59 15.19
C PRO B 27 3.68 -7.15 16.31
N ILE B 28 3.82 -8.45 16.55
CA ILE B 28 3.31 -9.12 17.78
C ILE B 28 4.55 -9.55 18.53
N ASN B 29 4.80 -8.93 19.70
CA ASN B 29 6.02 -9.26 20.46
C ASN B 29 5.58 -10.04 21.73
N ILE B 30 6.32 -11.07 22.10
CA ILE B 30 5.91 -12.04 23.13
C ILE B 30 7.12 -12.34 23.99
N ALA B 31 7.03 -12.02 25.28
CA ALA B 31 8.06 -12.34 26.20
C ALA B 31 7.55 -12.25 27.65
N PRO B 32 8.17 -13.03 28.55
CA PRO B 32 7.86 -12.85 29.96
C PRO B 32 8.44 -11.52 30.42
N SER B 33 7.68 -10.77 31.19
CA SER B 33 7.99 -9.43 31.65
C SER B 33 8.13 -8.35 30.54
N LEU B 34 7.48 -8.58 29.41
CA LEU B 34 7.52 -7.61 28.31
C LEU B 34 6.97 -6.22 28.70
N TYR B 35 6.01 -6.16 29.60
CA TYR B 35 5.47 -4.86 30.01
C TYR B 35 6.54 -3.89 30.50
N GLN B 36 7.59 -4.43 31.09
CA GLN B 36 8.65 -3.59 31.67
C GLN B 36 9.77 -3.25 30.71
N GLN B 37 9.73 -3.67 29.46
CA GLN B 37 10.97 -3.47 28.67
C GLN B 37 10.89 -2.26 27.76
N GLN B 38 12.02 -1.95 27.17
CA GLN B 38 12.13 -1.23 25.88
C GLN B 38 11.13 -0.16 25.51
N ASP B 39 10.86 -0.14 24.25
CA ASP B 39 9.80 0.53 23.63
C ASP B 39 8.82 -0.64 23.61
N ALA B 40 8.43 -1.22 24.76
CA ALA B 40 7.49 -2.42 24.73
C ALA B 40 6.14 -2.05 24.10
N PHE B 41 5.79 -0.77 24.23
CA PHE B 41 4.56 -0.22 23.67
C PHE B 41 4.73 0.60 22.45
N TRP B 42 5.81 0.34 21.72
CA TRP B 42 6.00 0.91 20.39
C TRP B 42 4.75 0.58 19.58
N PRO B 43 4.27 1.54 18.76
CA PRO B 43 4.91 2.81 18.33
C PRO B 43 4.63 4.01 19.18
N LEU B 44 4.09 3.85 20.40
CA LEU B 44 3.87 5.01 21.26
C LEU B 44 5.24 5.54 21.64
N THR B 45 5.41 6.85 21.59
CA THR B 45 6.66 7.47 21.89
C THR B 45 6.40 8.63 22.82
N ALA B 46 7.48 9.19 23.38
CA ALA B 46 7.36 10.21 24.41
C ALA B 46 6.61 11.43 23.89
N GLY B 47 5.74 12.02 24.72
CA GLY B 47 4.94 13.17 24.31
C GLY B 47 3.55 12.82 23.73
N GLN B 48 3.34 11.55 23.39
CA GLN B 48 2.06 11.15 22.85
C GLN B 48 1.07 10.78 23.98
N ARG B 49 -0.22 10.72 23.61
CA ARG B 49 -1.25 10.30 24.58
C ARG B 49 -1.75 8.90 24.32
N ALA B 50 -2.20 8.26 25.40
CA ALA B 50 -2.83 6.96 25.32
C ALA B 50 -4.02 6.90 26.26
N MET B 51 -5.07 6.19 25.80
CA MET B 51 -6.20 5.84 26.69
C MET B 51 -6.22 4.36 26.86
N ILE B 52 -6.03 3.88 28.08
CA ILE B 52 -6.06 2.41 28.34
C ILE B 52 -7.52 2.02 28.65
N VAL B 53 -8.02 1.05 27.92
CA VAL B 53 -9.33 0.48 28.19
C VAL B 53 -9.12 -0.92 28.77
N THR B 54 -9.74 -1.18 29.91
CA THR B 54 -9.64 -2.47 30.57
C THR B 54 -10.93 -2.79 31.28
N ASN B 55 -10.98 -3.91 31.97
CA ASN B 55 -12.18 -4.25 32.73
C ASN B 55 -11.87 -4.32 34.23
N GLU B 56 -12.94 -4.47 35.00
CA GLU B 56 -12.86 -4.35 36.43
C GLU B 56 -12.05 -5.49 37.06
N THR B 57 -11.94 -6.61 36.35
CA THR B 57 -11.12 -7.72 36.80
C THR B 57 -9.64 -7.47 36.58
N LEU B 58 -9.28 -7.01 35.40
CA LEU B 58 -7.89 -6.78 35.09
C LEU B 58 -7.32 -5.52 35.74
N ALA B 59 -8.13 -4.52 35.94
CA ALA B 59 -7.63 -3.22 36.45
C ALA B 59 -6.75 -3.33 37.70
N PRO B 60 -7.20 -4.00 38.79
CA PRO B 60 -6.35 -4.03 39.96
C PRO B 60 -5.07 -4.83 39.78
N LEU B 61 -5.03 -5.69 38.77
CA LEU B 61 -3.90 -6.57 38.51
C LEU B 61 -2.82 -5.90 37.63
N TYR B 62 -3.21 -5.18 36.59
CA TYR B 62 -2.24 -4.72 35.60
C TYR B 62 -2.30 -3.26 35.20
N LEU B 63 -3.40 -2.55 35.50
CA LEU B 63 -3.54 -1.19 35.00
C LEU B 63 -2.48 -0.25 35.51
N HIS B 64 -2.22 -0.30 36.82
CA HIS B 64 -1.17 0.59 37.40
C HIS B 64 0.21 0.32 36.83
N LYS B 65 0.55 -0.95 36.69
CA LYS B 65 1.85 -1.37 36.20
C LYS B 65 2.09 -0.78 34.80
N ILE B 66 1.11 -0.95 33.94
CA ILE B 66 1.20 -0.48 32.56
C ILE B 66 1.23 1.05 32.51
N GLN B 67 0.36 1.70 33.30
CA GLN B 67 0.36 3.16 33.30
C GLN B 67 1.76 3.71 33.69
N THR B 68 2.33 3.13 34.73
CA THR B 68 3.66 3.57 35.23
C THR B 68 4.73 3.44 34.17
N VAL B 69 4.77 2.31 33.49
CA VAL B 69 5.75 2.07 32.44
C VAL B 69 5.58 3.04 31.28
N LEU B 70 4.35 3.32 30.88
CA LEU B 70 4.10 4.28 29.82
C LEU B 70 4.53 5.68 30.24
N GLU B 71 4.19 6.06 31.47
CA GLU B 71 4.54 7.37 31.99
C GLU B 71 6.01 7.54 32.16
N VAL B 72 6.74 6.48 32.54
CA VAL B 72 8.26 6.56 32.55
C VAL B 72 8.86 6.74 31.12
N SER B 73 8.14 6.28 30.09
CA SER B 73 8.51 6.49 28.68
C SER B 73 8.07 7.83 28.07
N GLY B 74 7.51 8.71 28.90
CA GLY B 74 7.07 10.03 28.44
C GLY B 74 5.65 10.11 27.90
N VAL B 75 4.86 9.05 28.10
CA VAL B 75 3.56 8.95 27.49
C VAL B 75 2.53 9.42 28.51
N LYS B 76 1.58 10.25 28.04
CA LYS B 76 0.58 10.78 28.98
C LYS B 76 -0.63 9.84 28.93
N VAL B 77 -1.06 9.35 30.10
CA VAL B 77 -1.99 8.21 30.13
C VAL B 77 -3.32 8.59 30.78
N ASP B 78 -4.41 8.23 30.15
CA ASP B 78 -5.72 8.18 30.77
C ASP B 78 -6.22 6.72 30.74
N SER B 79 -7.27 6.44 31.48
CA SER B 79 -7.78 5.11 31.55
C SER B 79 -9.29 5.12 31.74
N ILE B 80 -9.93 4.04 31.32
CA ILE B 80 -11.32 3.78 31.60
C ILE B 80 -11.46 2.29 31.93
N ILE B 81 -12.20 2.00 33.00
CA ILE B 81 -12.45 0.63 33.45
C ILE B 81 -13.90 0.31 33.15
N LEU B 82 -14.11 -0.74 32.40
CA LEU B 82 -15.40 -1.21 31.99
C LEU B 82 -15.81 -2.44 32.82
N PRO B 83 -17.12 -2.74 32.87
CA PRO B 83 -17.46 -3.98 33.45
C PRO B 83 -17.05 -5.18 32.70
N ASP B 84 -16.85 -6.27 33.48
CA ASP B 84 -16.32 -7.54 32.94
C ASP B 84 -17.50 -8.36 32.44
N GLY B 85 -17.51 -8.73 31.19
CA GLY B 85 -18.37 -9.75 30.69
C GLY B 85 -18.76 -9.60 29.24
N GLU B 86 -19.04 -10.73 28.59
CA GLU B 86 -19.61 -10.72 27.23
C GLU B 86 -20.90 -9.93 27.13
N GLN B 87 -21.69 -9.89 28.24
CA GLN B 87 -22.98 -9.20 28.16
C GLN B 87 -22.77 -7.67 28.08
N TYR B 88 -21.61 -7.19 28.39
CA TYR B 88 -21.24 -5.79 28.27
C TYR B 88 -20.59 -5.40 26.94
N LYS B 89 -20.49 -6.33 26.01
CA LYS B 89 -19.80 -6.06 24.72
C LYS B 89 -20.80 -5.42 23.75
N SER B 90 -21.15 -4.18 24.09
CA SER B 90 -22.33 -3.51 23.54
C SER B 90 -22.01 -2.16 23.02
N LEU B 91 -22.87 -1.67 22.09
CA LEU B 91 -22.73 -0.28 21.67
C LEU B 91 -22.81 0.72 22.79
N PHE B 92 -23.61 0.43 23.76
CA PHE B 92 -23.84 1.37 24.86
C PHE B 92 -22.68 1.53 25.80
N ILE B 93 -21.98 0.42 26.03
CA ILE B 93 -20.78 0.44 26.86
C ILE B 93 -19.63 1.08 26.05
N MET B 94 -19.56 0.76 24.77
CA MET B 94 -18.55 1.40 23.93
C MET B 94 -18.67 2.91 23.93
N ASN B 95 -19.90 3.42 23.95
CA ASN B 95 -20.20 4.84 24.10
C ASN B 95 -19.44 5.49 25.28
N ASP B 96 -19.33 4.77 26.40
CA ASP B 96 -18.55 5.26 27.55
C ASP B 96 -17.06 5.50 27.24
N VAL B 97 -16.46 4.70 26.35
CA VAL B 97 -15.09 4.99 25.90
C VAL B 97 -15.01 6.33 25.17
N PHE B 98 -15.91 6.55 24.27
CA PHE B 98 -16.00 7.83 23.61
C PHE B 98 -16.14 8.96 24.59
N THR B 99 -16.98 8.77 25.64
CA THR B 99 -17.15 9.85 26.60
C THR B 99 -15.81 10.18 27.34
N ALA B 100 -15.10 9.12 27.71
CA ALA B 100 -13.85 9.29 28.44
C ALA B 100 -12.84 10.00 27.55
N LEU B 101 -12.82 9.65 26.27
CA LEU B 101 -11.88 10.24 25.31
C LEU B 101 -12.18 11.71 25.13
N LEU B 102 -13.46 12.04 24.97
CA LEU B 102 -13.82 13.41 24.72
C LEU B 102 -13.66 14.27 26.01
N GLU B 103 -13.97 13.69 27.17
CA GLU B 103 -13.88 14.43 28.44
C GLU B 103 -12.39 14.84 28.69
N LYS B 104 -11.44 14.03 28.23
CA LYS B 104 -10.05 14.34 28.44
C LYS B 104 -9.43 14.97 27.20
N HIS B 105 -10.25 15.34 26.20
CA HIS B 105 -9.81 16.10 25.05
C HIS B 105 -8.74 15.34 24.19
N HIS B 106 -8.93 14.02 24.03
CA HIS B 106 -8.12 13.24 23.16
C HIS B 106 -8.39 13.55 21.69
N ASN B 107 -7.34 13.95 20.97
CA ASN B 107 -7.52 14.31 19.55
C ASN B 107 -7.25 13.07 18.70
N ARG B 108 -7.15 13.25 17.38
CA ARG B 108 -7.03 12.09 16.48
C ARG B 108 -5.66 11.39 16.62
N ASP B 109 -4.70 12.01 17.29
CA ASP B 109 -3.39 11.43 17.46
C ASP B 109 -3.26 10.56 18.72
N THR B 110 -4.37 10.33 19.44
CA THR B 110 -4.31 9.43 20.55
C THR B 110 -4.12 7.97 20.12
N THR B 111 -3.78 7.14 21.07
CA THR B 111 -3.77 5.71 20.92
C THR B 111 -4.69 5.06 21.97
N LEU B 112 -5.57 4.16 21.54
CA LEU B 112 -6.34 3.31 22.46
C LEU B 112 -5.54 2.02 22.71
N ILE B 113 -5.43 1.64 23.96
CA ILE B 113 -4.77 0.42 24.38
C ILE B 113 -5.81 -0.56 24.98
N ALA B 114 -5.96 -1.69 24.34
CA ALA B 114 -6.91 -2.73 24.77
C ALA B 114 -6.20 -3.68 25.76
N LEU B 115 -6.41 -3.45 27.05
CA LEU B 115 -5.81 -4.23 28.11
C LEU B 115 -6.85 -5.23 28.63
N GLY B 116 -6.81 -6.44 28.10
CA GLY B 116 -7.70 -7.47 28.54
C GLY B 116 -7.84 -8.58 27.57
N GLY B 117 -8.94 -9.33 27.71
CA GLY B 117 -9.20 -10.41 26.79
C GLY B 117 -9.79 -9.99 25.49
N GLY B 118 -10.40 -10.97 24.82
CA GLY B 118 -11.03 -10.71 23.54
C GLY B 118 -12.22 -9.79 23.57
N VAL B 119 -12.89 -9.75 24.73
CA VAL B 119 -14.08 -8.88 24.84
C VAL B 119 -13.61 -7.46 24.82
N ILE B 120 -12.65 -7.12 25.70
CA ILE B 120 -12.03 -5.83 25.69
C ILE B 120 -11.41 -5.52 24.31
N GLY B 121 -10.69 -6.48 23.75
CA GLY B 121 -10.05 -6.28 22.50
C GLY B 121 -11.00 -5.90 21.37
N ASP B 122 -12.09 -6.63 21.25
CA ASP B 122 -13.07 -6.34 20.21
C ASP B 122 -13.74 -4.96 20.39
N LEU B 123 -14.19 -4.67 21.61
CA LEU B 123 -14.86 -3.43 21.87
C LEU B 123 -13.92 -2.22 21.70
N THR B 124 -12.72 -2.32 22.24
CA THR B 124 -11.76 -1.23 22.08
C THR B 124 -11.32 -1.05 20.67
N GLY B 125 -11.09 -2.16 19.95
CA GLY B 125 -10.77 -2.08 18.55
C GLY B 125 -11.81 -1.35 17.73
N PHE B 126 -13.10 -1.65 17.97
CA PHE B 126 -14.16 -0.94 17.24
C PHE B 126 -14.23 0.52 17.69
N ALA B 127 -13.99 0.79 18.97
CA ALA B 127 -13.86 2.14 19.46
C ALA B 127 -12.75 2.92 18.74
N ALA B 128 -11.61 2.27 18.55
CA ALA B 128 -10.49 2.92 17.85
C ALA B 128 -10.72 3.14 16.36
N ALA B 129 -11.44 2.19 15.71
CA ALA B 129 -11.88 2.35 14.33
C ALA B 129 -12.82 3.53 14.16
N SER B 130 -13.67 3.77 15.15
CA SER B 130 -14.77 4.76 15.05
C SER B 130 -14.51 6.11 15.64
N TYR B 131 -13.59 6.23 16.62
CA TYR B 131 -13.34 7.50 17.23
C TYR B 131 -12.68 8.45 16.25
N GLN B 132 -13.37 9.56 15.93
CA GLN B 132 -12.96 10.49 14.92
C GLN B 132 -12.62 9.77 13.60
N ARG B 133 -13.34 8.67 13.34
CA ARG B 133 -13.21 7.86 12.11
C ARG B 133 -11.86 7.15 12.04
N GLY B 134 -11.18 7.04 13.16
CA GLY B 134 -10.04 6.09 13.30
C GLY B 134 -8.81 6.70 13.95
N VAL B 135 -8.44 6.12 15.09
CA VAL B 135 -7.24 6.43 15.82
C VAL B 135 -6.43 5.17 16.00
N ARG B 136 -5.18 5.34 16.47
CA ARG B 136 -4.28 4.23 16.58
C ARG B 136 -4.74 3.31 17.71
N PHE B 137 -4.43 2.04 17.55
CA PHE B 137 -4.90 0.96 18.43
C PHE B 137 -3.76 0.01 18.74
N ILE B 138 -3.51 -0.23 20.02
CA ILE B 138 -2.52 -1.26 20.45
C ILE B 138 -3.25 -2.30 21.29
N GLN B 139 -3.05 -3.57 20.97
CA GLN B 139 -3.63 -4.70 21.71
C GLN B 139 -2.71 -5.17 22.77
N VAL B 140 -3.23 -5.36 24.00
CA VAL B 140 -2.46 -5.96 25.06
C VAL B 140 -3.26 -7.14 25.59
N PRO B 141 -3.29 -8.25 24.86
CA PRO B 141 -4.19 -9.33 25.19
C PRO B 141 -3.73 -10.14 26.39
N THR B 142 -4.66 -10.46 27.27
CA THR B 142 -4.34 -11.05 28.57
C THR B 142 -4.90 -12.47 28.73
N THR B 143 -5.63 -12.98 27.75
CA THR B 143 -6.00 -14.39 27.70
C THR B 143 -5.26 -15.09 26.63
N LEU B 144 -5.05 -16.40 26.80
CA LEU B 144 -4.46 -17.18 25.74
C LEU B 144 -5.25 -17.13 24.47
N LEU B 145 -6.59 -17.20 24.58
CA LEU B 145 -7.42 -17.19 23.41
C LEU B 145 -7.21 -15.87 22.62
N SER B 146 -7.21 -14.75 23.31
CA SER B 146 -7.02 -13.46 22.62
C SER B 146 -5.59 -13.31 22.05
N GLN B 147 -4.62 -13.90 22.74
CA GLN B 147 -3.21 -13.87 22.23
C GLN B 147 -3.08 -14.63 20.94
N VAL B 148 -3.82 -15.74 20.78
CA VAL B 148 -3.66 -16.62 19.59
C VAL B 148 -4.72 -16.50 18.54
N ASP B 149 -5.79 -15.76 18.82
CA ASP B 149 -6.94 -15.59 17.92
C ASP B 149 -7.24 -14.12 17.64
N SER B 150 -7.56 -13.32 18.61
CA SER B 150 -7.82 -11.85 18.42
C SER B 150 -6.62 -11.04 17.85
N SER B 151 -5.42 -11.54 18.00
CA SER B 151 -4.25 -10.79 17.64
C SER B 151 -4.03 -10.68 16.14
N VAL B 152 -4.74 -11.48 15.34
CA VAL B 152 -4.64 -11.47 13.90
C VAL B 152 -6.06 -11.46 13.29
N GLY B 153 -6.24 -10.71 12.22
CA GLY B 153 -7.40 -10.72 11.42
C GLY B 153 -8.08 -9.36 11.27
N GLY B 154 -7.93 -8.54 12.26
CA GLY B 154 -8.53 -7.22 12.26
C GLY B 154 -10.06 -7.12 12.44
N LYS B 155 -10.72 -8.23 12.78
CA LYS B 155 -12.13 -8.16 13.08
C LYS B 155 -12.33 -7.48 14.43
N THR B 156 -13.09 -6.41 14.41
CA THR B 156 -13.53 -5.78 15.66
C THR B 156 -15.06 -5.70 15.61
N ALA B 157 -15.66 -5.65 16.79
CA ALA B 157 -17.14 -5.64 16.83
C ALA B 157 -17.67 -5.48 18.23
N VAL B 158 -18.98 -5.15 18.30
CA VAL B 158 -19.74 -5.38 19.51
C VAL B 158 -20.96 -6.22 19.11
N ASN B 159 -21.65 -6.73 20.11
CA ASN B 159 -22.88 -7.50 19.89
C ASN B 159 -24.13 -6.63 19.81
N HIS B 160 -25.15 -7.16 19.14
CA HIS B 160 -26.51 -6.61 19.15
C HIS B 160 -27.38 -7.66 19.71
N PRO B 161 -28.52 -7.29 20.31
CA PRO B 161 -29.42 -8.33 20.85
C PRO B 161 -29.89 -9.37 19.84
N LEU B 162 -29.94 -9.03 18.55
CA LEU B 162 -30.30 -9.95 17.49
C LEU B 162 -29.12 -10.65 16.81
N GLY B 163 -27.89 -10.39 17.24
CA GLY B 163 -26.78 -11.17 16.67
C GLY B 163 -25.45 -10.77 17.25
N LYS B 164 -24.63 -11.77 17.57
CA LYS B 164 -23.27 -11.54 17.97
C LYS B 164 -22.41 -10.95 16.89
N ASN B 165 -21.58 -10.01 17.27
CA ASN B 165 -20.55 -9.40 16.39
C ASN B 165 -21.17 -8.86 15.12
N MET B 166 -22.38 -8.35 15.21
CA MET B 166 -23.07 -7.84 14.01
C MET B 166 -22.77 -6.39 13.71
N ILE B 167 -22.09 -5.68 14.62
CA ILE B 167 -21.80 -4.29 14.42
C ILE B 167 -20.24 -4.10 14.69
N GLY B 168 -19.51 -3.65 13.68
CA GLY B 168 -18.08 -3.53 13.82
C GLY B 168 -17.36 -2.98 12.63
N ALA B 169 -16.07 -3.26 12.56
CA ALA B 169 -15.15 -2.77 11.55
C ALA B 169 -13.91 -3.66 11.42
N PHE B 170 -13.38 -3.76 10.20
CA PHE B 170 -12.05 -4.32 10.01
C PHE B 170 -11.05 -3.24 10.37
N TYR B 171 -10.23 -3.50 11.33
CA TYR B 171 -9.29 -2.46 11.81
C TYR B 171 -8.06 -3.15 12.45
N GLN B 172 -6.89 -2.88 11.93
CA GLN B 172 -5.69 -3.56 12.37
C GLN B 172 -4.99 -2.77 13.47
N PRO B 173 -4.42 -3.47 14.47
CA PRO B 173 -3.60 -2.81 15.46
C PRO B 173 -2.27 -2.30 14.97
N ALA B 174 -1.68 -1.36 15.69
CA ALA B 174 -0.30 -0.89 15.40
C ALA B 174 0.75 -1.82 15.91
N SER B 175 0.39 -2.65 16.90
CA SER B 175 1.28 -3.59 17.56
C SER B 175 0.43 -4.37 18.61
N VAL B 176 0.92 -5.53 19.00
CA VAL B 176 0.32 -6.46 19.92
C VAL B 176 1.40 -6.82 20.95
N VAL B 177 1.15 -6.53 22.24
CA VAL B 177 2.13 -6.66 23.29
C VAL B 177 1.68 -7.81 24.16
N ILE B 178 2.40 -8.92 24.12
CA ILE B 178 2.03 -10.15 24.86
C ILE B 178 3.08 -10.43 25.95
N ASP B 179 2.74 -10.11 27.20
CA ASP B 179 3.60 -10.39 28.35
C ASP B 179 3.10 -11.69 28.94
N LEU B 180 3.88 -12.76 28.82
CA LEU B 180 3.47 -14.07 29.24
C LEU B 180 3.13 -14.11 30.70
N ASP B 181 3.68 -13.22 31.50
CA ASP B 181 3.37 -13.17 32.94
C ASP B 181 1.91 -12.96 33.23
N CYS B 182 1.19 -12.27 32.33
CA CYS B 182 -0.24 -12.07 32.58
C CYS B 182 -0.99 -13.40 32.65
N LEU B 183 -0.47 -14.45 32.06
CA LEU B 183 -1.17 -15.75 32.11
C LEU B 183 -1.16 -16.35 33.51
N LYS B 184 -0.25 -15.91 34.38
CA LYS B 184 -0.17 -16.49 35.74
C LYS B 184 -1.44 -16.19 36.58
N THR B 185 -2.21 -15.20 36.22
CA THR B 185 -3.47 -14.90 36.90
C THR B 185 -4.70 -15.39 36.12
N LEU B 186 -4.52 -15.97 34.95
CA LEU B 186 -5.65 -16.39 34.17
C LEU B 186 -6.20 -17.67 34.76
N PRO B 187 -7.51 -17.77 34.96
CA PRO B 187 -8.04 -19.04 35.50
C PRO B 187 -7.67 -20.20 34.60
N LYS B 188 -7.46 -21.34 35.21
CA LYS B 188 -7.02 -22.52 34.49
C LYS B 188 -7.99 -23.00 33.43
N ARG B 189 -9.29 -22.84 33.67
CA ARG B 189 -10.24 -23.20 32.64
C ARG B 189 -10.14 -22.32 31.42
N GLU B 190 -9.88 -21.05 31.60
CA GLU B 190 -9.69 -20.14 30.48
C GLU B 190 -8.34 -20.46 29.74
N LEU B 191 -7.34 -20.90 30.47
CA LEU B 191 -6.10 -21.31 29.79
C LEU B 191 -6.32 -22.48 28.87
N SER B 192 -7.01 -23.48 29.36
CA SER B 192 -7.37 -24.62 28.56
C SER B 192 -8.25 -24.24 27.39
N SER B 193 -9.19 -23.32 27.61
CA SER B 193 -10.11 -22.90 26.57
C SER B 193 -9.25 -22.29 25.40
N GLY B 194 -8.26 -21.49 25.73
CA GLY B 194 -7.33 -21.01 24.72
C GLY B 194 -6.52 -22.09 24.03
N LEU B 195 -6.15 -23.13 24.76
CA LEU B 195 -5.39 -24.24 24.17
C LEU B 195 -6.23 -25.02 23.19
N ALA B 196 -7.60 -24.97 23.28
CA ALA B 196 -8.43 -25.61 22.27
C ALA B 196 -8.14 -24.98 20.89
N GLU B 197 -8.02 -23.65 20.85
CA GLU B 197 -7.78 -22.98 19.61
C GLU B 197 -6.34 -23.20 19.17
N VAL B 198 -5.40 -23.29 20.12
CA VAL B 198 -4.01 -23.65 19.77
C VAL B 198 -3.98 -25.00 19.05
N ILE B 199 -4.61 -25.99 19.63
CA ILE B 199 -4.68 -27.31 19.04
C ILE B 199 -5.39 -27.31 17.62
N LYS B 200 -6.45 -26.54 17.49
CA LYS B 200 -7.13 -26.35 16.24
C LYS B 200 -6.15 -26.03 15.10
N TYR B 201 -5.31 -25.05 15.32
CA TYR B 201 -4.27 -24.67 14.34
C TYR B 201 -3.46 -25.87 13.87
N GLY B 202 -3.02 -26.71 14.79
CA GLY B 202 -2.33 -27.87 14.44
C GLY B 202 -3.11 -28.82 13.51
N ILE B 203 -4.42 -28.96 13.82
CA ILE B 203 -5.22 -29.83 13.02
C ILE B 203 -5.45 -29.26 11.63
N ILE B 204 -5.83 -27.99 11.54
CA ILE B 204 -6.27 -27.46 10.24
C ILE B 204 -5.10 -27.14 9.28
N LEU B 205 -3.92 -26.78 9.85
CA LEU B 205 -2.88 -26.12 9.04
C LEU B 205 -1.47 -26.67 9.16
N ASP B 206 -1.10 -27.30 10.27
CA ASP B 206 0.31 -27.65 10.40
C ASP B 206 0.40 -28.86 11.31
N GLY B 207 0.54 -30.03 10.67
CA GLY B 207 0.71 -31.27 11.42
C GLY B 207 1.98 -31.37 12.25
N GLU B 208 3.03 -30.68 11.81
CA GLU B 208 4.26 -30.66 12.61
C GLU B 208 4.07 -29.89 13.89
N PHE B 209 3.33 -28.78 13.86
CA PHE B 209 2.97 -28.04 15.09
C PHE B 209 2.11 -28.94 16.02
N PHE B 210 1.16 -29.66 15.45
CA PHE B 210 0.37 -30.61 16.22
C PHE B 210 1.34 -31.61 16.95
N SER B 211 2.29 -32.14 16.23
CA SER B 211 3.27 -33.09 16.83
C SER B 211 4.08 -32.40 17.94
N TRP B 212 4.46 -31.16 17.72
CA TRP B 212 5.11 -30.36 18.75
C TRP B 212 4.21 -30.19 19.98
N LEU B 213 2.92 -29.94 19.77
CA LEU B 213 1.99 -29.87 20.89
C LEU B 213 1.92 -31.16 21.68
N GLU B 214 1.93 -32.30 20.97
CA GLU B 214 1.87 -33.64 21.66
C GLU B 214 3.07 -33.81 22.56
N GLU B 215 4.23 -33.28 22.14
CA GLU B 215 5.40 -33.34 22.99
C GLU B 215 5.53 -32.25 24.03
N ASN B 216 4.79 -31.13 23.92
CA ASN B 216 4.96 -29.97 24.81
C ASN B 216 3.79 -29.52 25.60
N ILE B 217 2.65 -30.12 25.42
CA ILE B 217 1.42 -29.66 26.05
C ILE B 217 1.56 -29.61 27.59
N ASP B 218 2.34 -30.53 28.21
CA ASP B 218 2.55 -30.44 29.67
C ASP B 218 3.31 -29.15 30.06
N ALA B 219 4.30 -28.75 29.26
CA ALA B 219 4.95 -27.52 29.57
C ALA B 219 4.02 -26.30 29.36
N LEU B 220 3.16 -26.35 28.35
CA LEU B 220 2.22 -25.30 28.16
C LEU B 220 1.24 -25.19 29.31
N MET B 221 0.74 -26.35 29.78
CA MET B 221 -0.18 -26.35 30.93
C MET B 221 0.50 -25.78 32.15
N ALA B 222 1.82 -25.95 32.25
CA ALA B 222 2.58 -25.40 33.36
C ALA B 222 3.06 -23.99 33.16
N LEU B 223 2.63 -23.35 32.08
CA LEU B 223 3.03 -21.97 31.72
C LEU B 223 4.58 -21.81 31.57
N ASP B 224 5.23 -22.83 31.07
CA ASP B 224 6.70 -22.72 30.76
C ASP B 224 6.92 -21.57 29.74
N ASN B 225 7.81 -20.65 30.08
CA ASN B 225 7.98 -19.43 29.18
C ASN B 225 8.43 -19.78 27.78
N GLN B 226 9.40 -20.68 27.64
CA GLN B 226 9.94 -20.97 26.30
C GLN B 226 8.92 -21.70 25.44
N ALA B 227 8.19 -22.64 26.01
CA ALA B 227 7.09 -23.31 25.21
C ALA B 227 5.99 -22.37 24.82
N MET B 228 5.50 -21.62 25.79
CA MET B 228 4.35 -20.80 25.56
C MET B 228 4.65 -19.70 24.59
N ALA B 229 5.88 -19.14 24.66
CA ALA B 229 6.28 -18.10 23.69
C ALA B 229 6.26 -18.69 22.29
N TYR B 230 6.78 -19.87 22.13
CA TYR B 230 6.85 -20.44 20.77
C TYR B 230 5.41 -20.78 20.29
N CYS B 231 4.61 -21.38 21.20
CA CYS B 231 3.22 -21.70 20.94
C CYS B 231 2.41 -20.51 20.41
N ILE B 232 2.49 -19.41 21.13
CA ILE B 232 1.79 -18.16 20.68
C ILE B 232 2.33 -17.63 19.37
N ARG B 233 3.66 -17.59 19.24
CA ARG B 233 4.26 -17.11 17.98
C ARG B 233 3.73 -17.93 16.82
N ARG B 234 3.71 -19.26 16.94
CA ARG B 234 3.32 -20.12 15.79
C ARG B 234 1.86 -19.95 15.46
N CYS B 235 1.00 -19.83 16.48
CA CYS B 235 -0.45 -19.67 16.21
C CYS B 235 -0.71 -18.41 15.45
N CYS B 236 -0.11 -17.32 15.84
CA CYS B 236 -0.25 -16.05 15.15
C CYS B 236 0.30 -16.15 13.74
N GLU B 237 1.46 -16.76 13.58
CA GLU B 237 1.98 -17.04 12.26
C GLU B 237 0.93 -17.79 11.43
N LEU B 238 0.27 -18.81 11.99
CA LEU B 238 -0.59 -19.68 11.23
C LEU B 238 -1.81 -18.96 10.85
N LYS B 239 -2.40 -18.18 11.82
CA LYS B 239 -3.59 -17.44 11.50
C LYS B 239 -3.32 -16.41 10.42
N ALA B 240 -2.18 -15.71 10.54
CA ALA B 240 -1.82 -14.70 9.57
C ALA B 240 -1.68 -15.30 8.17
N GLN B 241 -1.15 -16.52 8.06
CA GLN B 241 -0.98 -17.14 6.74
C GLN B 241 -2.39 -17.44 6.10
N VAL B 242 -3.34 -17.89 6.89
CA VAL B 242 -4.67 -18.18 6.30
C VAL B 242 -5.44 -16.90 5.95
N VAL B 243 -5.31 -15.89 6.80
CA VAL B 243 -5.98 -14.62 6.53
C VAL B 243 -5.35 -13.97 5.28
N ALA B 244 -4.05 -13.98 5.22
CA ALA B 244 -3.37 -13.36 4.07
C ALA B 244 -3.67 -14.04 2.71
N ALA B 245 -3.85 -15.33 2.73
CA ALA B 245 -4.19 -16.08 1.56
C ALA B 245 -5.66 -15.86 1.14
N ASP B 246 -6.50 -15.43 2.05
CA ASP B 246 -7.94 -15.28 1.72
C ASP B 246 -8.36 -13.88 2.05
N GLU B 247 -7.52 -13.00 1.56
CA GLU B 247 -7.61 -11.58 1.43
C GLU B 247 -6.75 -11.16 0.16
N LYS B 248 -6.00 -12.08 -0.47
CA LYS B 248 -5.87 -12.05 -1.96
C LYS B 248 -7.35 -12.08 -2.45
N GLU B 249 -8.03 -13.13 -2.04
CA GLU B 249 -9.37 -13.47 -2.38
C GLU B 249 -10.09 -13.48 -1.02
N THR B 250 -10.54 -12.32 -0.53
CA THR B 250 -11.09 -12.10 0.87
C THR B 250 -12.23 -12.98 1.39
N SER B 251 -11.95 -13.94 2.28
CA SER B 251 -12.94 -14.95 2.89
C SER B 251 -13.35 -16.30 2.13
N GLY B 252 -12.89 -17.43 2.70
CA GLY B 252 -13.08 -18.77 2.12
C GLY B 252 -12.16 -19.86 2.74
N LEU B 253 -10.86 -19.65 2.62
CA LEU B 253 -9.81 -20.36 3.36
C LEU B 253 -9.90 -20.00 4.88
N ARG B 254 -10.29 -18.77 5.15
CA ARG B 254 -10.53 -18.31 6.50
C ARG B 254 -11.63 -19.10 7.15
N ALA B 255 -12.53 -19.73 6.38
CA ALA B 255 -13.58 -20.53 6.93
C ALA B 255 -13.03 -21.74 7.67
N LEU B 256 -11.82 -22.20 7.28
CA LEU B 256 -11.20 -23.29 7.97
C LEU B 256 -10.98 -23.05 9.44
N LEU B 257 -10.88 -21.79 9.81
CA LEU B 257 -10.73 -21.37 11.21
C LEU B 257 -11.93 -21.80 12.05
N ASN B 258 -13.01 -22.23 11.39
CA ASN B 258 -14.21 -22.66 12.13
C ASN B 258 -14.26 -24.15 12.42
N LEU B 259 -13.14 -24.88 12.27
CA LEU B 259 -13.16 -26.28 12.71
C LEU B 259 -13.71 -26.40 14.13
N GLY B 260 -14.70 -27.29 14.30
CA GLY B 260 -15.30 -27.53 15.56
C GLY B 260 -16.29 -26.48 16.05
N HIS B 261 -16.43 -25.37 15.32
CA HIS B 261 -17.18 -24.26 15.76
C HIS B 261 -18.69 -24.38 15.41
N THR B 262 -19.04 -25.19 14.45
CA THR B 262 -20.39 -25.41 14.09
C THR B 262 -21.03 -26.29 15.16
N PHE B 263 -20.39 -27.42 15.47
CA PHE B 263 -20.82 -28.26 16.61
C PHE B 263 -20.77 -27.43 17.91
N GLY B 264 -19.66 -26.68 18.09
CA GLY B 264 -19.46 -25.96 19.31
C GLY B 264 -20.46 -24.86 19.56
N HIS B 265 -20.89 -24.17 18.52
CA HIS B 265 -21.93 -23.14 18.68
C HIS B 265 -23.18 -23.76 19.24
N ALA B 266 -23.56 -24.95 18.76
CA ALA B 266 -24.78 -25.66 19.29
C ALA B 266 -24.66 -25.86 20.76
N ILE B 267 -23.46 -26.27 21.22
CA ILE B 267 -23.24 -26.51 22.63
C ILE B 267 -23.37 -25.24 23.41
N GLU B 268 -22.66 -24.19 22.97
CA GLU B 268 -22.74 -22.86 23.67
C GLU B 268 -24.16 -22.34 23.71
N ALA B 269 -24.89 -22.48 22.60
CA ALA B 269 -26.28 -21.94 22.49
C ALA B 269 -27.20 -22.63 23.48
N GLU B 270 -27.08 -23.96 23.59
CA GLU B 270 -27.98 -24.75 24.44
C GLU B 270 -27.59 -24.69 25.90
N MET B 271 -26.30 -24.60 26.18
CA MET B 271 -25.85 -24.66 27.57
C MET B 271 -25.79 -23.30 28.23
N GLY B 272 -25.54 -22.25 27.44
CA GLY B 272 -25.54 -20.88 27.94
C GLY B 272 -24.19 -20.30 28.28
N TYR B 273 -24.10 -18.96 28.38
CA TYR B 273 -22.82 -18.30 28.56
C TYR B 273 -22.15 -18.66 29.89
N GLY B 274 -20.89 -19.02 29.83
CA GLY B 274 -20.08 -19.36 31.03
C GLY B 274 -20.27 -20.75 31.50
N VAL B 275 -21.23 -21.48 30.94
CA VAL B 275 -21.46 -22.87 31.43
C VAL B 275 -20.42 -23.72 30.77
N TRP B 276 -20.44 -23.76 29.42
CA TRP B 276 -19.24 -24.32 28.72
C TRP B 276 -18.52 -23.07 28.17
N LEU B 277 -17.25 -22.98 28.36
CA LEU B 277 -16.52 -21.93 27.67
C LEU B 277 -16.39 -22.24 26.18
N HIS B 278 -16.06 -21.19 25.44
CA HIS B 278 -15.96 -21.32 23.99
C HIS B 278 -15.01 -22.43 23.57
N GLY B 279 -13.81 -22.43 24.14
CA GLY B 279 -12.82 -23.44 23.71
C GLY B 279 -13.18 -24.86 24.16
N GLU B 280 -13.89 -24.99 25.32
CA GLU B 280 -14.41 -26.29 25.69
C GLU B 280 -15.41 -26.83 24.62
N ALA B 281 -16.30 -25.99 24.16
CA ALA B 281 -17.25 -26.36 23.09
C ALA B 281 -16.51 -26.68 21.79
N VAL B 282 -15.50 -25.88 21.48
CA VAL B 282 -14.72 -26.10 20.25
C VAL B 282 -14.02 -27.46 20.32
N ALA B 283 -13.48 -27.80 21.51
CA ALA B 283 -12.76 -29.07 21.74
C ALA B 283 -13.66 -30.24 21.37
N ALA B 284 -14.81 -30.32 22.01
CA ALA B 284 -15.75 -31.38 21.68
C ALA B 284 -16.15 -31.33 20.20
N GLY B 285 -16.28 -30.13 19.65
CA GLY B 285 -16.59 -29.93 18.26
C GLY B 285 -15.58 -30.49 17.29
N MET B 286 -14.30 -30.34 17.62
CA MET B 286 -13.28 -30.88 16.76
C MET B 286 -13.33 -32.39 16.73
N VAL B 287 -13.59 -33.00 17.90
CA VAL B 287 -13.79 -34.44 17.95
C VAL B 287 -14.92 -34.87 17.04
N MET B 288 -16.05 -34.16 17.12
CA MET B 288 -17.22 -34.47 16.27
C MET B 288 -16.90 -34.30 14.82
N ALA B 289 -16.11 -33.25 14.50
CA ALA B 289 -15.72 -33.03 13.12
C ALA B 289 -14.81 -34.19 12.65
N ALA B 290 -13.90 -34.62 13.53
CA ALA B 290 -13.04 -35.75 13.19
C ALA B 290 -13.88 -37.01 12.92
N LYS B 291 -14.83 -37.27 13.80
CA LYS B 291 -15.72 -38.45 13.61
C LYS B 291 -16.47 -38.36 12.30
N THR B 292 -16.90 -37.13 11.96
CA THR B 292 -17.60 -36.91 10.70
C THR B 292 -16.65 -37.25 9.52
N ALA B 293 -15.43 -36.79 9.60
CA ALA B 293 -14.44 -37.08 8.59
C ALA B 293 -14.16 -38.58 8.46
N GLU B 294 -14.19 -39.30 9.58
CA GLU B 294 -14.12 -40.79 9.49
C GLU B 294 -15.25 -41.40 8.71
N LEU B 295 -16.44 -40.88 8.91
CA LEU B 295 -17.66 -41.51 8.42
C LEU B 295 -17.81 -41.27 6.95
N ILE B 296 -17.38 -40.13 6.45
CA ILE B 296 -17.44 -39.93 5.00
C ILE B 296 -16.25 -40.60 4.29
N GLY B 297 -15.31 -41.18 5.06
CA GLY B 297 -14.24 -42.03 4.52
C GLY B 297 -12.90 -41.31 4.28
N GLN B 298 -12.68 -40.17 4.90
CA GLN B 298 -11.46 -39.42 4.71
C GLN B 298 -10.44 -39.44 5.89
N PHE B 299 -10.85 -39.88 7.07
CA PHE B 299 -10.02 -39.77 8.27
C PHE B 299 -9.97 -41.16 8.86
N THR B 300 -8.93 -41.49 9.61
CA THR B 300 -8.87 -42.77 10.33
C THR B 300 -9.16 -42.62 11.82
N PRO B 301 -9.61 -43.73 12.48
CA PRO B 301 -9.73 -43.71 13.95
C PRO B 301 -8.40 -43.38 14.64
N GLU B 302 -7.28 -43.76 14.04
CA GLU B 302 -5.96 -43.44 14.63
C GLU B 302 -5.72 -41.93 14.68
N GLN B 303 -6.11 -41.23 13.61
CA GLN B 303 -6.01 -39.77 13.59
C GLN B 303 -6.93 -39.12 14.65
N THR B 304 -8.16 -39.59 14.74
CA THR B 304 -9.07 -39.07 15.67
C THR B 304 -8.57 -39.27 17.08
N ASP B 305 -8.02 -40.45 17.36
CA ASP B 305 -7.48 -40.76 18.68
C ASP B 305 -6.35 -39.82 19.07
N ARG B 306 -5.54 -39.37 18.10
CA ARG B 306 -4.50 -38.39 18.42
C ARG B 306 -5.09 -37.06 18.86
N VAL B 307 -6.18 -36.65 18.19
CA VAL B 307 -6.87 -35.40 18.58
C VAL B 307 -7.45 -35.57 19.98
N ILE B 308 -8.16 -36.67 20.21
CA ILE B 308 -8.74 -36.96 21.54
C ILE B 308 -7.69 -36.95 22.65
N ALA B 309 -6.59 -37.67 22.46
CA ALA B 309 -5.55 -37.76 23.47
C ALA B 309 -4.97 -36.43 23.83
N LEU B 310 -4.68 -35.60 22.85
CA LEU B 310 -4.09 -34.28 23.10
C LEU B 310 -5.09 -33.36 23.80
N LEU B 311 -6.37 -33.36 23.33
CA LEU B 311 -7.38 -32.59 24.04
C LEU B 311 -7.49 -32.98 25.50
N LYS B 312 -7.45 -34.29 25.81
CA LYS B 312 -7.53 -34.72 27.18
C LYS B 312 -6.35 -34.23 28.00
N ARG B 313 -5.17 -34.21 27.39
CA ARG B 313 -3.98 -33.72 28.11
C ARG B 313 -4.07 -32.24 28.43
N ALA B 314 -4.78 -31.50 27.59
CA ALA B 314 -5.02 -30.14 27.88
C ALA B 314 -6.22 -29.87 28.79
N GLU B 315 -6.82 -30.95 29.36
CA GLU B 315 -7.96 -30.87 30.27
C GLU B 315 -9.19 -30.34 29.56
N LEU B 316 -9.34 -30.70 28.29
CA LEU B 316 -10.51 -30.29 27.51
C LEU B 316 -11.46 -31.47 27.30
N PRO B 317 -12.75 -31.21 27.15
CA PRO B 317 -13.71 -32.30 26.91
C PRO B 317 -13.61 -32.85 25.51
N VAL B 318 -13.97 -34.10 25.35
CA VAL B 318 -14.00 -34.75 24.09
C VAL B 318 -15.36 -35.41 23.84
N THR B 319 -16.30 -35.13 24.69
CA THR B 319 -17.68 -35.63 24.64
C THR B 319 -18.56 -34.43 24.78
N GLY B 320 -19.78 -34.58 24.26
CA GLY B 320 -20.78 -33.56 24.40
C GLY B 320 -21.44 -33.54 25.77
N PRO B 321 -22.23 -32.49 26.05
CA PRO B 321 -22.92 -32.42 27.33
C PRO B 321 -23.89 -33.55 27.47
N ALA B 322 -23.99 -34.14 28.68
CA ALA B 322 -24.99 -35.22 28.92
C ALA B 322 -26.41 -34.79 28.62
N LYS B 323 -26.68 -33.49 28.79
CA LYS B 323 -28.05 -32.97 28.66
C LYS B 323 -28.46 -32.81 27.18
N MET B 324 -27.51 -32.79 26.26
CA MET B 324 -27.87 -32.62 24.81
C MET B 324 -27.88 -33.92 24.07
N GLN B 325 -28.90 -34.08 23.26
CA GLN B 325 -29.05 -35.18 22.29
C GLN B 325 -28.81 -34.65 20.89
N PRO B 326 -28.59 -35.51 19.91
CA PRO B 326 -28.25 -34.99 18.57
C PRO B 326 -29.26 -34.00 17.96
N ASP B 327 -30.56 -34.23 18.13
CA ASP B 327 -31.57 -33.28 17.67
C ASP B 327 -31.52 -31.94 18.36
N ASP B 328 -30.83 -31.82 19.49
CA ASP B 328 -30.61 -30.51 20.09
C ASP B 328 -29.56 -29.73 19.35
N TYR B 329 -28.65 -30.42 18.69
CA TYR B 329 -27.61 -29.75 17.95
C TYR B 329 -28.08 -29.22 16.63
N LEU B 330 -28.83 -30.00 15.91
CA LEU B 330 -29.06 -29.73 14.47
C LEU B 330 -29.74 -28.37 14.20
N PRO B 331 -30.78 -27.95 14.98
CA PRO B 331 -31.42 -26.63 14.65
C PRO B 331 -30.34 -25.50 14.77
N HIS B 332 -29.35 -25.65 15.66
CA HIS B 332 -28.29 -24.67 15.79
C HIS B 332 -27.21 -24.77 14.70
N MET B 333 -27.06 -25.94 14.10
CA MET B 333 -25.98 -26.14 13.11
C MET B 333 -26.37 -25.82 11.68
N MET B 334 -27.70 -25.85 11.36
CA MET B 334 -28.17 -25.51 10.03
C MET B 334 -27.97 -24.07 9.82
N ARG B 335 -27.69 -23.75 8.54
CA ARG B 335 -27.47 -22.38 8.11
C ARG B 335 -28.68 -21.52 8.50
N ASP B 336 -29.87 -22.01 8.21
CA ASP B 336 -31.08 -21.35 8.72
C ASP B 336 -32.16 -22.42 8.75
N LYS B 337 -33.40 -22.04 9.08
CA LYS B 337 -34.49 -23.03 9.11
C LYS B 337 -35.48 -22.85 7.98
N LYS B 338 -35.07 -22.15 6.95
CA LYS B 338 -35.97 -21.87 5.78
C LYS B 338 -36.14 -23.11 4.96
N VAL B 339 -37.21 -23.15 4.18
CA VAL B 339 -37.57 -24.23 3.33
C VAL B 339 -36.41 -24.66 2.41
N MET B 340 -35.71 -23.68 1.87
CA MET B 340 -34.53 -23.88 0.94
C MET B 340 -33.22 -23.93 1.70
N GLY B 341 -33.31 -23.97 3.03
CA GLY B 341 -32.22 -23.90 3.89
C GLY B 341 -32.07 -25.24 4.57
N GLY B 342 -31.78 -25.21 5.85
CA GLY B 342 -31.66 -26.45 6.64
C GLY B 342 -30.38 -27.26 6.40
N LYS B 343 -29.40 -26.63 5.79
CA LYS B 343 -28.23 -27.32 5.26
C LYS B 343 -27.15 -27.20 6.27
N LEU B 344 -26.34 -28.27 6.36
CA LEU B 344 -25.28 -28.41 7.38
C LEU B 344 -23.94 -28.34 6.62
N HIS B 345 -23.24 -27.24 6.78
CA HIS B 345 -21.93 -26.99 6.19
C HIS B 345 -20.92 -27.13 7.35
N LEU B 346 -19.91 -27.94 7.13
CA LEU B 346 -18.94 -28.25 8.20
C LEU B 346 -17.51 -28.06 7.72
N ILE B 347 -16.66 -27.62 8.59
CA ILE B 347 -15.22 -27.76 8.37
C ILE B 347 -14.78 -29.12 8.87
N LEU B 348 -14.11 -29.90 8.01
CA LEU B 348 -13.59 -31.20 8.38
C LEU B 348 -12.08 -31.31 8.23
N PRO B 349 -11.41 -32.04 9.15
CA PRO B 349 -10.01 -32.39 8.87
C PRO B 349 -9.89 -33.41 7.76
N THR B 350 -8.82 -33.28 6.98
CA THR B 350 -8.50 -34.28 5.96
C THR B 350 -7.27 -35.09 6.29
N THR B 351 -6.32 -34.48 6.98
CA THR B 351 -5.27 -35.20 7.72
C THR B 351 -5.11 -34.43 9.04
N ILE B 352 -4.14 -34.84 9.84
CA ILE B 352 -3.69 -34.00 10.95
C ILE B 352 -2.79 -32.98 10.32
N GLY B 353 -3.34 -31.77 10.13
CA GLY B 353 -2.61 -30.72 9.47
C GLY B 353 -3.24 -30.17 8.22
N HIS B 354 -4.32 -30.72 7.74
CA HIS B 354 -5.06 -30.22 6.58
C HIS B 354 -6.57 -30.35 6.78
N SER B 355 -7.32 -29.41 6.21
CA SER B 355 -8.75 -29.35 6.37
C SER B 355 -9.49 -28.84 5.15
N GLU B 356 -10.81 -29.02 5.14
CA GLU B 356 -11.62 -28.66 4.02
C GLU B 356 -13.01 -28.24 4.50
N MET B 357 -13.69 -27.43 3.71
CA MET B 357 -15.12 -27.17 3.87
C MET B 357 -15.87 -28.28 3.15
N ARG B 358 -16.80 -28.89 3.84
CA ARG B 358 -17.74 -29.82 3.20
C ARG B 358 -19.18 -29.30 3.34
N SER B 359 -19.83 -29.12 2.21
CA SER B 359 -21.16 -28.57 2.15
C SER B 359 -22.18 -29.66 2.10
N ASP B 360 -23.38 -29.36 2.61
N ASP B 360 -23.37 -29.37 2.62
CA ASP B 360 -24.54 -30.25 2.43
CA ASP B 360 -24.53 -30.24 2.43
C ASP B 360 -24.28 -31.65 3.00
C ASP B 360 -24.30 -31.64 3.00
N VAL B 361 -23.77 -31.70 4.23
CA VAL B 361 -23.50 -33.01 4.89
C VAL B 361 -24.83 -33.58 5.34
N ASP B 362 -25.03 -34.90 5.14
CA ASP B 362 -26.26 -35.53 5.48
C ASP B 362 -26.51 -35.47 7.02
N ALA B 363 -27.75 -35.24 7.36
CA ALA B 363 -28.14 -35.19 8.75
C ALA B 363 -27.83 -36.54 9.44
N SER B 364 -27.96 -37.64 8.74
CA SER B 364 -27.63 -38.94 9.31
C SER B 364 -26.12 -39.05 9.73
N THR B 365 -25.27 -38.49 8.88
CA THR B 365 -23.85 -38.48 9.20
C THR B 365 -23.57 -37.61 10.43
N VAL B 366 -24.21 -36.45 10.50
CA VAL B 366 -24.03 -35.55 11.61
C VAL B 366 -24.52 -36.17 12.93
N THR B 367 -25.72 -36.77 12.91
CA THR B 367 -26.26 -37.49 14.08
C THR B 367 -25.33 -38.62 14.48
N ALA B 368 -24.80 -39.36 13.51
CA ALA B 368 -23.82 -40.46 13.83
C ALA B 368 -22.57 -39.92 14.50
N ALA B 369 -22.05 -38.83 13.99
CA ALA B 369 -20.81 -38.27 14.57
C ALA B 369 -21.08 -37.74 16.01
N ILE B 370 -22.20 -37.02 16.20
CA ILE B 370 -22.56 -36.54 17.53
C ILE B 370 -22.76 -37.71 18.50
N SER B 371 -23.50 -38.72 18.05
N SER B 371 -23.49 -38.72 18.06
CA SER B 371 -23.79 -39.90 18.87
CA SER B 371 -23.80 -39.87 18.92
C SER B 371 -22.51 -40.60 19.35
C SER B 371 -22.54 -40.66 19.32
N ALA B 372 -21.51 -40.60 18.49
CA ALA B 372 -20.23 -41.24 18.82
C ALA B 372 -19.48 -40.52 19.90
N CYS B 373 -19.92 -39.32 20.28
CA CYS B 373 -19.26 -38.51 21.31
C CYS B 373 -20.12 -38.27 22.50
N ILE B 374 -21.14 -39.10 22.71
CA ILE B 374 -22.08 -38.90 23.86
C ILE B 374 -21.53 -39.74 25.02
N PRO B 375 -21.32 -39.11 26.21
CA PRO B 375 -20.71 -39.71 27.36
C PRO B 375 -21.52 -40.86 27.99
N GLY C 13 14.91 35.44 -10.79
CA GLY C 13 14.71 35.24 -9.32
C GLY C 13 15.04 33.78 -9.03
N MET C 14 14.94 33.36 -7.78
CA MET C 14 15.06 31.91 -7.42
C MET C 14 13.72 31.23 -7.20
N GLU C 15 13.39 30.24 -8.03
CA GLU C 15 12.18 29.47 -7.87
C GLU C 15 12.47 28.09 -7.32
N LYS C 16 11.50 27.51 -6.66
CA LYS C 16 11.68 26.21 -6.03
C LYS C 16 10.42 25.41 -6.20
N VAL C 17 10.56 24.16 -6.65
CA VAL C 17 9.46 23.19 -6.71
C VAL C 17 9.80 22.00 -5.80
N THR C 18 8.88 21.67 -4.90
CA THR C 18 8.97 20.41 -4.19
C THR C 18 8.07 19.41 -4.88
N VAL C 19 8.64 18.25 -5.23
CA VAL C 19 7.91 17.19 -5.92
C VAL C 19 7.74 16.06 -4.89
N THR C 20 6.52 15.54 -4.81
CA THR C 20 6.18 14.50 -3.88
C THR C 20 5.46 13.38 -4.61
N LEU C 21 6.17 12.31 -4.93
CA LEU C 21 5.68 11.21 -5.76
C LEU C 21 6.22 9.95 -5.12
N ASP C 22 5.43 8.88 -5.17
CA ASP C 22 5.80 7.55 -4.67
C ASP C 22 6.36 7.66 -3.28
N GLU C 23 5.73 8.48 -2.44
CA GLU C 23 6.18 8.73 -1.08
C GLU C 23 7.65 9.18 -0.97
N ARG C 24 8.11 9.90 -1.98
CA ARG C 24 9.37 10.58 -1.97
C ARG C 24 9.01 12.06 -1.96
N SER C 25 9.98 12.87 -1.52
CA SER C 25 9.98 14.29 -1.75
C SER C 25 11.39 14.74 -2.17
N TYR C 26 11.45 15.64 -3.13
CA TYR C 26 12.74 16.23 -3.48
C TYR C 26 12.54 17.63 -3.99
N PRO C 27 13.55 18.49 -3.82
CA PRO C 27 13.47 19.82 -4.35
C PRO C 27 14.03 19.95 -5.76
N ILE C 28 13.40 20.84 -6.54
CA ILE C 28 13.97 21.36 -7.78
C ILE C 28 14.21 22.82 -7.50
N ASN C 29 15.48 23.23 -7.50
CA ASN C 29 15.83 24.64 -7.24
C ASN C 29 16.30 25.27 -8.56
N ILE C 30 15.89 26.49 -8.85
CA ILE C 30 16.10 27.15 -10.16
C ILE C 30 16.54 28.59 -9.89
N ALA C 31 17.71 28.96 -10.36
CA ALA C 31 18.26 30.28 -10.20
C ALA C 31 19.51 30.46 -11.09
N PRO C 32 19.74 31.69 -11.57
CA PRO C 32 20.97 32.02 -12.20
C PRO C 32 22.13 31.93 -11.18
N SER C 33 23.22 31.31 -11.60
CA SER C 33 24.43 31.08 -10.79
C SER C 33 24.21 30.13 -9.57
N LEU C 34 23.20 29.25 -9.67
CA LEU C 34 22.95 28.27 -8.60
C LEU C 34 24.13 27.34 -8.31
N TYR C 35 24.94 27.03 -9.31
CA TYR C 35 26.09 26.12 -9.07
C TYR C 35 27.03 26.66 -7.99
N GLN C 36 27.09 27.97 -7.84
CA GLN C 36 27.97 28.60 -6.88
C GLN C 36 27.36 28.79 -5.50
N GLN C 37 26.17 28.30 -5.22
CA GLN C 37 25.67 28.57 -3.86
C GLN C 37 26.06 27.48 -2.85
N GLN C 38 26.09 27.86 -1.57
CA GLN C 38 26.32 26.88 -0.50
C GLN C 38 25.15 25.94 -0.40
N ASP C 39 25.50 24.67 -0.35
CA ASP C 39 24.57 23.60 -0.25
C ASP C 39 23.69 23.57 -1.47
N ALA C 40 24.11 24.13 -2.62
CA ALA C 40 23.38 23.99 -3.87
C ALA C 40 23.25 22.52 -4.30
N PHE C 41 24.23 21.70 -3.93
CA PHE C 41 24.26 20.28 -4.24
C PHE C 41 23.85 19.40 -3.08
N TRP C 42 23.04 19.96 -2.20
CA TRP C 42 22.35 19.21 -1.19
C TRP C 42 21.57 18.12 -1.90
N PRO C 43 21.52 16.91 -1.30
CA PRO C 43 21.91 16.54 0.07
C PRO C 43 23.33 16.08 0.27
N LEU C 44 24.23 16.33 -0.68
CA LEU C 44 25.63 15.95 -0.51
C LEU C 44 26.22 16.80 0.59
N THR C 45 26.98 16.18 1.46
CA THR C 45 27.62 16.87 2.54
C THR C 45 29.05 16.42 2.67
N ALA C 46 29.81 17.13 3.49
CA ALA C 46 31.26 16.92 3.62
C ALA C 46 31.57 15.50 4.07
N GLY C 47 32.61 14.89 3.50
CA GLY C 47 32.97 13.49 3.83
C GLY C 47 32.35 12.48 2.85
N GLN C 48 31.36 12.89 2.05
CA GLN C 48 30.71 11.98 1.14
C GLN C 48 31.41 11.96 -0.21
N ARG C 49 31.10 10.99 -1.05
CA ARG C 49 31.64 10.86 -2.41
C ARG C 49 30.57 11.15 -3.46
N ALA C 50 31.02 11.59 -4.64
CA ALA C 50 30.14 11.78 -5.79
C ALA C 50 30.83 11.35 -7.07
N MET C 51 30.06 10.78 -7.99
CA MET C 51 30.57 10.45 -9.34
C MET C 51 29.77 11.26 -10.31
N ILE C 52 30.43 12.19 -11.00
CA ILE C 52 29.77 13.05 -11.97
C ILE C 52 29.83 12.34 -13.32
N VAL C 53 28.66 12.15 -13.95
CA VAL C 53 28.58 11.61 -15.30
C VAL C 53 28.19 12.79 -16.20
N THR C 54 28.96 12.99 -17.27
CA THR C 54 28.70 14.10 -18.19
C THR C 54 29.14 13.68 -19.57
N ASN C 55 28.99 14.58 -20.55
CA ASN C 55 29.47 14.30 -21.88
C ASN C 55 30.59 15.23 -22.31
N GLU C 56 31.17 14.92 -23.47
CA GLU C 56 32.36 15.62 -23.96
C GLU C 56 32.05 17.08 -24.28
N THR C 57 30.79 17.39 -24.55
CA THR C 57 30.38 18.76 -24.80
C THR C 57 30.27 19.60 -23.52
N LEU C 58 29.64 19.03 -22.50
CA LEU C 58 29.46 19.76 -21.24
C LEU C 58 30.71 19.81 -20.40
N ALA C 59 31.57 18.78 -20.49
CA ALA C 59 32.74 18.73 -19.60
C ALA C 59 33.60 19.99 -19.61
N PRO C 60 34.03 20.50 -20.79
CA PRO C 60 34.85 21.69 -20.77
C PRO C 60 34.16 22.93 -20.25
N LEU C 61 32.82 22.92 -20.25
CA LEU C 61 32.04 24.09 -19.86
C LEU C 61 31.76 24.13 -18.37
N TYR C 62 31.39 23.01 -17.76
CA TYR C 62 30.87 23.04 -16.37
C TYR C 62 31.53 22.05 -15.40
N LEU C 63 32.25 21.04 -15.89
CA LEU C 63 32.67 19.95 -14.99
C LEU C 63 33.66 20.47 -13.96
N HIS C 64 34.66 21.24 -14.38
CA HIS C 64 35.66 21.75 -13.44
C HIS C 64 35.02 22.66 -12.35
N LYS C 65 34.15 23.53 -12.80
CA LYS C 65 33.45 24.45 -11.89
C LYS C 65 32.70 23.70 -10.78
N ILE C 66 31.93 22.73 -11.20
CA ILE C 66 31.12 21.93 -10.27
C ILE C 66 32.04 21.11 -9.35
N GLN C 67 33.06 20.48 -9.93
CA GLN C 67 34.00 19.70 -9.10
C GLN C 67 34.62 20.58 -8.00
N THR C 68 35.04 21.79 -8.37
CA THR C 68 35.66 22.72 -7.42
C THR C 68 34.75 23.05 -6.27
N VAL C 69 33.49 23.39 -6.58
CA VAL C 69 32.54 23.76 -5.53
C VAL C 69 32.30 22.57 -4.59
N LEU C 70 32.18 21.37 -5.14
CA LEU C 70 31.93 20.20 -4.32
C LEU C 70 33.14 19.89 -3.43
N GLU C 71 34.34 19.96 -4.01
CA GLU C 71 35.55 19.62 -3.27
C GLU C 71 35.84 20.62 -2.20
N VAL C 72 35.51 21.90 -2.41
CA VAL C 72 35.63 22.90 -1.30
C VAL C 72 34.64 22.62 -0.15
N SER C 73 33.52 21.98 -0.46
CA SER C 73 32.53 21.54 0.53
C SER C 73 32.81 20.20 1.21
N GLY C 74 33.99 19.63 0.96
CA GLY C 74 34.41 18.37 1.60
C GLY C 74 33.99 17.11 0.85
N VAL C 75 33.53 17.25 -0.39
CA VAL C 75 32.98 16.12 -1.10
C VAL C 75 34.08 15.58 -2.02
N LYS C 76 34.23 14.26 -2.04
CA LYS C 76 35.23 13.65 -2.90
C LYS C 76 34.62 13.37 -4.26
N VAL C 77 35.25 13.86 -5.34
CA VAL C 77 34.64 13.83 -6.67
C VAL C 77 35.45 12.96 -7.61
N ASP C 78 34.77 12.04 -8.27
CA ASP C 78 35.29 11.39 -9.48
C ASP C 78 34.36 11.75 -10.64
N SER C 79 34.82 11.48 -11.86
CA SER C 79 34.01 11.82 -12.99
C SER C 79 34.25 10.82 -14.10
N ILE C 80 33.24 10.70 -14.96
CA ILE C 80 33.39 9.99 -16.21
C ILE C 80 32.75 10.82 -17.32
N ILE C 81 33.48 10.96 -18.43
CA ILE C 81 33.04 11.77 -19.57
C ILE C 81 32.71 10.85 -20.71
N LEU C 82 31.46 10.93 -21.15
CA LEU C 82 30.98 10.12 -22.27
C LEU C 82 30.90 10.89 -23.53
N PRO C 83 30.92 10.24 -24.68
CA PRO C 83 30.72 11.01 -25.91
C PRO C 83 29.29 11.54 -25.96
N ASP C 84 29.15 12.57 -26.75
CA ASP C 84 27.81 13.26 -26.95
C ASP C 84 27.04 12.52 -27.99
N GLY C 85 25.85 12.10 -27.62
CA GLY C 85 24.97 11.44 -28.61
C GLY C 85 23.97 10.48 -27.98
N GLU C 86 22.80 10.43 -28.59
CA GLU C 86 21.75 9.49 -28.22
C GLU C 86 22.25 8.03 -28.29
N GLN C 87 23.18 7.73 -29.19
CA GLN C 87 23.63 6.35 -29.35
C GLN C 87 24.42 5.86 -28.12
N TYR C 88 24.82 6.75 -27.23
CA TYR C 88 25.55 6.32 -26.00
C TYR C 88 24.65 6.00 -24.82
N LYS C 89 23.32 6.13 -25.02
CA LYS C 89 22.37 5.73 -24.03
C LYS C 89 22.14 4.23 -24.21
N SER C 90 23.14 3.45 -23.80
CA SER C 90 23.28 2.05 -24.12
C SER C 90 23.61 1.24 -22.90
N LEU C 91 23.17 0.01 -22.87
CA LEU C 91 23.53 -0.91 -21.80
C LEU C 91 25.03 -1.10 -21.66
N PHE C 92 25.69 -1.11 -22.77
CA PHE C 92 27.16 -1.30 -22.74
C PHE C 92 27.89 -0.08 -22.19
N ILE C 93 27.36 1.11 -22.41
CA ILE C 93 27.93 2.30 -21.89
C ILE C 93 27.63 2.42 -20.43
N MET C 94 26.42 2.06 -20.02
CA MET C 94 26.08 2.08 -18.60
C MET C 94 27.04 1.18 -17.81
N ASN C 95 27.40 0.04 -18.35
CA ASN C 95 28.38 -0.86 -17.76
C ASN C 95 29.72 -0.15 -17.50
N ASP C 96 30.16 0.69 -18.43
CA ASP C 96 31.36 1.50 -18.20
C ASP C 96 31.25 2.47 -17.04
N VAL C 97 30.06 2.99 -16.78
CA VAL C 97 29.83 3.80 -15.55
C VAL C 97 30.02 2.92 -14.30
N PHE C 98 29.47 1.72 -14.33
CA PHE C 98 29.70 0.81 -13.22
C PHE C 98 31.18 0.52 -13.04
N THR C 99 31.93 0.34 -14.13
CA THR C 99 33.33 0.07 -14.02
C THR C 99 34.08 1.25 -13.38
N ALA C 100 33.73 2.47 -13.76
CA ALA C 100 34.35 3.66 -13.17
C ALA C 100 34.07 3.72 -11.69
N LEU C 101 32.84 3.40 -11.31
CA LEU C 101 32.44 3.42 -9.90
C LEU C 101 33.21 2.35 -9.12
N LEU C 102 33.29 1.15 -9.65
CA LEU C 102 33.94 0.05 -8.95
C LEU C 102 35.50 0.29 -8.95
N GLU C 103 36.05 0.83 -10.02
CA GLU C 103 37.51 1.05 -10.06
C GLU C 103 37.92 2.08 -8.99
N LYS C 104 37.04 3.03 -8.68
CA LYS C 104 37.37 4.02 -7.63
C LYS C 104 36.76 3.65 -6.30
N HIS C 105 36.22 2.44 -6.19
CA HIS C 105 35.76 1.87 -4.92
C HIS C 105 34.59 2.65 -4.31
N HIS C 106 33.66 3.10 -5.16
CA HIS C 106 32.46 3.78 -4.71
C HIS C 106 31.50 2.78 -4.06
N ASN C 107 31.16 3.03 -2.78
CA ASN C 107 30.31 2.13 -2.03
C ASN C 107 28.86 2.59 -2.20
N ARG C 108 27.94 1.98 -1.43
CA ARG C 108 26.49 2.21 -1.69
C ARG C 108 26.07 3.59 -1.23
N ASP C 109 26.92 4.30 -0.49
CA ASP C 109 26.63 5.66 -0.05
C ASP C 109 27.11 6.73 -1.03
N THR C 110 27.58 6.35 -2.21
CA THR C 110 27.97 7.33 -3.20
C THR C 110 26.76 8.03 -3.77
N THR C 111 27.02 9.14 -4.44
CA THR C 111 25.96 9.83 -5.18
C THR C 111 26.40 9.97 -6.64
N LEU C 112 25.51 9.59 -7.56
CA LEU C 112 25.69 9.86 -8.99
C LEU C 112 25.09 11.19 -9.34
N ILE C 113 25.85 12.01 -10.05
CA ILE C 113 25.43 13.34 -10.48
C ILE C 113 25.33 13.35 -12.01
N ALA C 114 24.11 13.57 -12.50
CA ALA C 114 23.90 13.64 -13.96
C ALA C 114 24.06 15.09 -14.43
N LEU C 115 25.24 15.40 -14.99
CA LEU C 115 25.52 16.72 -15.50
C LEU C 115 25.37 16.71 -17.01
N GLY C 116 24.20 17.13 -17.47
CA GLY C 116 23.96 17.16 -18.90
C GLY C 116 22.51 17.21 -19.21
N GLY C 117 22.18 16.90 -20.44
CA GLY C 117 20.81 16.86 -20.89
C GLY C 117 20.10 15.58 -20.51
N GLY C 118 18.98 15.35 -21.17
CA GLY C 118 18.18 14.17 -20.91
C GLY C 118 18.85 12.84 -21.27
N VAL C 119 19.79 12.85 -22.19
CA VAL C 119 20.50 11.64 -22.52
C VAL C 119 21.35 11.20 -21.35
N ILE C 120 22.18 12.11 -20.87
CA ILE C 120 22.96 11.89 -19.71
C ILE C 120 22.05 11.59 -18.49
N GLY C 121 20.98 12.34 -18.35
CA GLY C 121 20.06 12.14 -17.26
C GLY C 121 19.49 10.76 -17.22
N ASP C 122 19.03 10.26 -18.34
CA ASP C 122 18.41 8.93 -18.39
C ASP C 122 19.42 7.83 -18.06
N LEU C 123 20.61 7.89 -18.69
CA LEU C 123 21.61 6.89 -18.47
C LEU C 123 22.11 6.88 -17.03
N THR C 124 22.37 8.08 -16.49
CA THR C 124 22.84 8.19 -15.14
C THR C 124 21.81 7.73 -14.15
N GLY C 125 20.56 8.13 -14.38
CA GLY C 125 19.48 7.71 -13.51
C GLY C 125 19.34 6.22 -13.41
N PHE C 126 19.42 5.52 -14.54
CA PHE C 126 19.32 4.07 -14.52
C PHE C 126 20.57 3.44 -13.88
N ALA C 127 21.71 4.04 -14.11
CA ALA C 127 22.93 3.63 -13.41
C ALA C 127 22.78 3.75 -11.89
N ALA C 128 22.15 4.83 -11.44
CA ALA C 128 21.96 5.04 -9.99
C ALA C 128 20.92 4.08 -9.40
N ALA C 129 19.89 3.75 -10.16
CA ALA C 129 18.91 2.78 -9.80
C ALA C 129 19.47 1.40 -9.62
N SER C 130 20.46 1.06 -10.47
CA SER C 130 20.95 -0.29 -10.57
C SER C 130 22.25 -0.56 -9.82
N TYR C 131 23.04 0.46 -9.56
CA TYR C 131 24.31 0.23 -8.90
C TYR C 131 24.05 -0.15 -7.43
N GLN C 132 24.50 -1.34 -7.06
CA GLN C 132 24.24 -1.95 -5.77
C GLN C 132 22.74 -1.90 -5.42
N ARG C 133 21.91 -2.01 -6.47
CA ARG C 133 20.44 -1.99 -6.34
C ARG C 133 19.91 -0.66 -5.87
N GLY C 134 20.72 0.39 -5.96
CA GLY C 134 20.22 1.78 -5.82
C GLY C 134 21.08 2.64 -4.92
N VAL C 135 21.63 3.69 -5.51
CA VAL C 135 22.37 4.73 -4.80
C VAL C 135 21.73 6.07 -5.11
N ARG C 136 22.16 7.10 -4.39
CA ARG C 136 21.56 8.39 -4.50
C ARG C 136 21.89 9.01 -5.82
N PHE C 137 20.96 9.84 -6.31
CA PHE C 137 21.01 10.38 -7.68
C PHE C 137 20.63 11.84 -7.60
N ILE C 138 21.50 12.72 -8.15
CA ILE C 138 21.18 14.15 -8.26
C ILE C 138 21.21 14.54 -9.73
N GLN C 139 20.14 15.20 -10.19
CA GLN C 139 20.04 15.72 -11.56
C GLN C 139 20.58 17.12 -11.64
N VAL C 140 21.45 17.38 -12.63
CA VAL C 140 21.88 18.74 -12.92
C VAL C 140 21.59 18.97 -14.42
N PRO C 141 20.32 19.21 -14.76
CA PRO C 141 19.95 19.26 -16.18
C PRO C 141 20.40 20.55 -16.85
N THR C 142 20.94 20.41 -18.06
CA THR C 142 21.56 21.51 -18.73
C THR C 142 20.86 21.93 -20.01
N THR C 143 19.84 21.21 -20.44
CA THR C 143 18.99 21.65 -21.55
C THR C 143 17.64 22.10 -20.99
N LEU C 144 16.96 22.98 -21.69
CA LEU C 144 15.62 23.36 -21.29
C LEU C 144 14.71 22.16 -21.29
N LEU C 145 14.83 21.29 -22.30
CA LEU C 145 14.00 20.14 -22.39
C LEU C 145 14.11 19.26 -21.09
N SER C 146 15.33 18.97 -20.69
CA SER C 146 15.55 18.14 -19.52
C SER C 146 15.14 18.86 -18.25
N GLN C 147 15.27 20.18 -18.20
CA GLN C 147 14.80 20.95 -17.03
C GLN C 147 13.30 20.83 -16.83
N VAL C 148 12.52 20.78 -17.93
CA VAL C 148 11.07 20.83 -17.86
C VAL C 148 10.36 19.51 -18.07
N ASP C 149 11.11 18.49 -18.48
CA ASP C 149 10.57 17.18 -18.76
C ASP C 149 11.26 16.09 -17.91
N SER C 150 12.54 15.88 -18.07
CA SER C 150 13.30 14.85 -17.29
C SER C 150 13.32 15.02 -15.76
N SER C 151 13.10 16.24 -15.29
CA SER C 151 13.22 16.55 -13.90
C SER C 151 12.11 16.01 -13.02
N VAL C 152 11.03 15.52 -13.64
CA VAL C 152 9.90 14.94 -12.95
C VAL C 152 9.47 13.68 -13.66
N GLY C 153 9.05 12.68 -12.90
CA GLY C 153 8.41 11.48 -13.38
C GLY C 153 9.16 10.22 -12.98
N GLY C 154 10.46 10.34 -12.74
CA GLY C 154 11.23 9.20 -12.35
C GLY C 154 11.60 8.19 -13.45
N LYS C 155 11.26 8.45 -14.71
CA LYS C 155 11.59 7.52 -15.77
C LYS C 155 13.10 7.60 -16.07
N THR C 156 13.76 6.49 -15.94
CA THR C 156 15.15 6.37 -16.36
C THR C 156 15.20 5.16 -17.33
N ALA C 157 16.22 5.15 -18.19
CA ALA C 157 16.35 4.08 -19.15
C ALA C 157 17.62 4.21 -19.99
N VAL C 158 17.93 3.11 -20.66
CA VAL C 158 18.78 3.16 -21.87
C VAL C 158 18.01 2.52 -23.01
N ASN C 159 18.55 2.65 -24.23
CA ASN C 159 17.97 2.07 -25.41
C ASN C 159 18.42 0.62 -25.66
N HIS C 160 17.61 -0.11 -26.42
CA HIS C 160 17.98 -1.32 -27.07
C HIS C 160 17.85 -1.10 -28.54
N PRO C 161 18.63 -1.84 -29.37
CA PRO C 161 18.49 -1.62 -30.82
C PRO C 161 17.05 -1.86 -31.37
N LEU C 162 16.29 -2.72 -30.73
CA LEU C 162 14.91 -3.00 -31.11
C LEU C 162 13.86 -2.11 -30.40
N GLY C 163 14.26 -1.18 -29.56
CA GLY C 163 13.30 -0.23 -29.02
C GLY C 163 13.98 0.80 -28.16
N LYS C 164 13.63 2.08 -28.34
CA LYS C 164 14.06 3.14 -27.45
C LYS C 164 13.50 2.99 -26.03
N ASN C 165 14.32 3.31 -25.05
CA ASN C 165 13.94 3.32 -23.63
C ASN C 165 13.32 2.00 -23.18
N MET C 166 13.79 0.91 -23.75
CA MET C 166 13.23 -0.41 -23.41
C MET C 166 13.84 -1.06 -22.17
N ILE C 167 14.93 -0.51 -21.63
CA ILE C 167 15.57 -1.10 -20.47
C ILE C 167 15.76 0.05 -19.42
N GLY C 168 15.14 -0.08 -18.24
CA GLY C 168 15.24 1.01 -17.30
C GLY C 168 14.52 0.75 -15.98
N ALA C 169 14.27 1.84 -15.26
CA ALA C 169 13.72 1.83 -13.93
C ALA C 169 13.01 3.14 -13.60
N PHE C 170 11.97 3.04 -12.76
CA PHE C 170 11.42 4.24 -12.13
C PHE C 170 12.32 4.52 -10.94
N TYR C 171 12.91 5.68 -10.93
CA TYR C 171 13.86 6.06 -9.88
C TYR C 171 13.92 7.57 -9.75
N GLN C 172 13.63 8.07 -8.57
CA GLN C 172 13.49 9.51 -8.33
C GLN C 172 14.79 10.09 -7.81
N PRO C 173 15.11 11.32 -8.21
CA PRO C 173 16.33 11.99 -7.72
C PRO C 173 16.19 12.48 -6.29
N ALA C 174 17.31 12.72 -5.65
CA ALA C 174 17.34 13.36 -4.30
C ALA C 174 17.14 14.86 -4.38
N SER C 175 17.45 15.43 -5.54
CA SER C 175 17.38 16.88 -5.79
C SER C 175 17.68 17.10 -7.26
N VAL C 176 17.23 18.25 -7.77
CA VAL C 176 17.45 18.69 -9.13
C VAL C 176 18.00 20.13 -9.03
N VAL C 177 19.18 20.38 -9.64
CA VAL C 177 19.85 21.64 -9.51
C VAL C 177 19.82 22.29 -10.89
N ILE C 178 19.07 23.38 -11.01
CA ILE C 178 18.92 24.09 -12.29
C ILE C 178 19.53 25.47 -12.22
N ASP C 179 20.75 25.61 -12.77
CA ASP C 179 21.41 26.90 -12.88
C ASP C 179 21.10 27.45 -14.26
N LEU C 180 20.33 28.52 -14.32
CA LEU C 180 19.86 29.05 -15.57
C LEU C 180 20.98 29.51 -16.44
N ASP C 181 22.14 29.82 -15.86
CA ASP C 181 23.31 30.22 -16.67
C ASP C 181 23.75 29.14 -17.63
N CYS C 182 23.49 27.87 -17.34
CA CYS C 182 23.83 26.80 -18.27
C CYS C 182 23.12 26.99 -19.61
N LEU C 183 21.99 27.67 -19.63
CA LEU C 183 21.28 27.88 -20.90
C LEU C 183 21.98 28.82 -21.82
N LYS C 184 22.91 29.64 -21.31
CA LYS C 184 23.65 30.59 -22.15
C LYS C 184 24.56 29.91 -23.16
N THR C 185 24.90 28.65 -22.95
CA THR C 185 25.70 27.91 -23.93
C THR C 185 24.88 26.93 -24.75
N LEU C 186 23.59 26.82 -24.48
CA LEU C 186 22.77 25.87 -25.21
C LEU C 186 22.51 26.42 -26.59
N PRO C 187 22.70 25.60 -27.63
CA PRO C 187 22.38 26.14 -28.98
C PRO C 187 20.93 26.57 -29.03
N LYS C 188 20.68 27.60 -29.81
CA LYS C 188 19.35 28.16 -29.91
C LYS C 188 18.33 27.18 -30.46
N ARG C 189 18.73 26.29 -31.33
CA ARG C 189 17.87 25.24 -31.82
C ARG C 189 17.43 24.29 -30.70
N GLU C 190 18.33 23.95 -29.79
CA GLU C 190 17.98 23.13 -28.65
C GLU C 190 17.09 23.90 -27.66
N LEU C 191 17.31 25.20 -27.54
CA LEU C 191 16.43 26.01 -26.68
C LEU C 191 15.00 26.01 -27.20
N SER C 192 14.86 26.19 -28.49
CA SER C 192 13.53 26.15 -29.11
C SER C 192 12.91 24.79 -28.99
N SER C 193 13.72 23.75 -29.13
CA SER C 193 13.20 22.39 -29.02
C SER C 193 12.58 22.19 -27.64
N GLY C 194 13.26 22.66 -26.62
CA GLY C 194 12.69 22.65 -25.28
C GLY C 194 11.43 23.46 -25.13
N LEU C 195 11.35 24.61 -25.79
CA LEU C 195 10.13 25.42 -25.68
C LEU C 195 8.93 24.77 -26.32
N ALA C 196 9.13 23.80 -27.25
CA ALA C 196 7.96 23.06 -27.77
C ALA C 196 7.27 22.30 -26.61
N GLU C 197 8.04 21.71 -25.74
CA GLU C 197 7.50 20.95 -24.61
C GLU C 197 6.93 21.93 -23.57
N VAL C 198 7.57 23.08 -23.41
CA VAL C 198 7.00 24.14 -22.55
C VAL C 198 5.58 24.53 -23.02
N ILE C 199 5.47 24.81 -24.32
CA ILE C 199 4.16 25.17 -24.88
C ILE C 199 3.12 24.03 -24.76
N LYS C 200 3.55 22.79 -24.97
CA LYS C 200 2.71 21.61 -24.80
C LYS C 200 1.95 21.64 -23.49
N TYR C 201 2.65 21.89 -22.38
CA TYR C 201 1.99 21.97 -21.06
C TYR C 201 0.82 22.94 -21.04
N GLY C 202 1.03 24.11 -21.62
CA GLY C 202 -0.03 25.04 -21.71
C GLY C 202 -1.23 24.54 -22.49
N ILE C 203 -0.97 23.82 -23.59
CA ILE C 203 -2.07 23.31 -24.38
C ILE C 203 -2.83 22.21 -23.63
N ILE C 204 -2.10 21.25 -23.06
CA ILE C 204 -2.76 20.08 -22.50
C ILE C 204 -3.46 20.32 -21.14
N LEU C 205 -2.91 21.23 -20.34
CA LEU C 205 -3.23 21.26 -18.89
C LEU C 205 -3.54 22.64 -18.30
N ASP C 206 -3.04 23.72 -18.90
CA ASP C 206 -3.14 24.97 -18.24
C ASP C 206 -3.21 26.08 -19.27
N GLY C 207 -4.45 26.48 -19.64
CA GLY C 207 -4.64 27.56 -20.61
C GLY C 207 -4.15 28.92 -20.15
N GLU C 208 -4.18 29.14 -18.83
CA GLU C 208 -3.64 30.35 -18.25
C GLU C 208 -2.13 30.45 -18.43
N PHE C 209 -1.42 29.32 -18.25
CA PHE C 209 0.02 29.26 -18.55
C PHE C 209 0.29 29.52 -20.03
N PHE C 210 -0.54 28.95 -20.91
CA PHE C 210 -0.42 29.24 -22.35
C PHE C 210 -0.50 30.75 -22.57
N SER C 211 -1.49 31.40 -21.96
CA SER C 211 -1.63 32.87 -22.09
C SER C 211 -0.39 33.59 -21.56
N TRP C 212 0.15 33.11 -20.44
CA TRP C 212 1.39 33.65 -19.91
C TRP C 212 2.54 33.47 -20.92
N LEU C 213 2.61 32.31 -21.57
CA LEU C 213 3.61 32.11 -22.61
C LEU C 213 3.46 33.10 -23.77
N GLU C 214 2.21 33.36 -24.19
CA GLU C 214 1.95 34.34 -25.30
C GLU C 214 2.46 35.71 -24.95
N GLU C 215 2.38 36.05 -23.66
CA GLU C 215 2.81 37.34 -23.17
C GLU C 215 4.31 37.40 -22.85
N ASN C 216 5.00 36.26 -22.67
CA ASN C 216 6.39 36.25 -22.24
C ASN C 216 7.37 35.49 -23.13
N ILE C 217 6.89 34.93 -24.23
CA ILE C 217 7.72 34.07 -25.05
C ILE C 217 8.97 34.80 -25.57
N ASP C 218 8.85 36.11 -25.83
CA ASP C 218 10.02 36.93 -26.24
C ASP C 218 11.09 36.97 -25.16
N ALA C 219 10.68 37.09 -23.89
CA ALA C 219 11.63 37.10 -22.82
C ALA C 219 12.28 35.73 -22.65
N LEU C 220 11.53 34.65 -22.84
CA LEU C 220 12.10 33.33 -22.73
C LEU C 220 13.14 33.12 -23.83
N MET C 221 12.84 33.54 -25.06
CA MET C 221 13.80 33.42 -26.15
C MET C 221 15.07 34.20 -25.86
N ALA C 222 14.94 35.28 -25.10
CA ALA C 222 16.10 36.10 -24.71
C ALA C 222 16.80 35.62 -23.45
N LEU C 223 16.38 34.47 -22.91
CA LEU C 223 16.93 33.94 -21.66
C LEU C 223 16.80 34.91 -20.45
N ASP C 224 15.70 35.64 -20.42
CA ASP C 224 15.38 36.45 -19.23
C ASP C 224 15.30 35.57 -17.96
N ASN C 225 16.05 35.94 -16.92
CA ASN C 225 16.06 35.08 -15.70
C ASN C 225 14.68 34.91 -15.04
N GLN C 226 13.96 36.00 -14.90
CA GLN C 226 12.69 35.95 -14.16
C GLN C 226 11.64 35.15 -14.92
N ALA C 227 11.55 35.35 -16.24
CA ALA C 227 10.57 34.55 -17.01
C ALA C 227 10.94 33.07 -17.04
N MET C 228 12.18 32.81 -17.33
CA MET C 228 12.61 31.43 -17.52
C MET C 228 12.53 30.63 -16.24
N ALA C 229 12.83 31.27 -15.12
CA ALA C 229 12.73 30.61 -13.81
C ALA C 229 11.28 30.24 -13.55
N TYR C 230 10.37 31.16 -13.79
CA TYR C 230 8.96 30.84 -13.55
C TYR C 230 8.48 29.76 -14.55
N CYS C 231 8.89 29.89 -15.81
CA CYS C 231 8.56 28.95 -16.88
C CYS C 231 8.91 27.51 -16.48
N ILE C 232 10.15 27.32 -16.06
CA ILE C 232 10.60 26.02 -15.59
C ILE C 232 9.81 25.50 -14.36
N ARG C 233 9.68 26.36 -13.37
CA ARG C 233 8.93 26.04 -12.18
C ARG C 233 7.51 25.55 -12.54
N ARG C 234 6.80 26.24 -13.41
CA ARG C 234 5.41 25.87 -13.69
C ARG C 234 5.30 24.58 -14.48
N CYS C 235 6.23 24.37 -15.44
CA CYS C 235 6.23 23.10 -16.18
C CYS C 235 6.42 21.92 -15.25
N CYS C 236 7.37 22.06 -14.34
CA CYS C 236 7.64 20.99 -13.37
C CYS C 236 6.43 20.79 -12.45
N GLU C 237 5.85 21.87 -12.00
CA GLU C 237 4.61 21.80 -11.22
C GLU C 237 3.56 21.02 -11.97
N LEU C 238 3.37 21.33 -13.26
CA LEU C 238 2.29 20.72 -14.05
C LEU C 238 2.57 19.26 -14.26
N LYS C 239 3.82 18.93 -14.60
CA LYS C 239 4.18 17.55 -14.80
C LYS C 239 4.01 16.73 -13.54
N ALA C 240 4.43 17.27 -12.40
CA ALA C 240 4.32 16.56 -11.14
C ALA C 240 2.85 16.32 -10.79
N GLN C 241 1.97 17.26 -11.11
CA GLN C 241 0.54 17.08 -10.80
C GLN C 241 -0.03 15.94 -11.65
N VAL C 242 0.37 15.83 -12.92
CA VAL C 242 -0.22 14.79 -13.77
C VAL C 242 0.35 13.42 -13.42
N VAL C 243 1.63 13.34 -13.09
CA VAL C 243 2.20 12.07 -12.68
C VAL C 243 1.59 11.64 -11.36
N ALA C 244 1.43 12.58 -10.43
CA ALA C 244 0.80 12.25 -9.12
C ALA C 244 -0.63 11.72 -9.24
N ALA C 245 -1.39 12.26 -10.17
CA ALA C 245 -2.74 11.86 -10.37
C ALA C 245 -2.83 10.48 -10.99
N ASP C 246 -1.78 9.99 -11.69
CA ASP C 246 -1.84 8.56 -12.06
C ASP C 246 -0.52 7.92 -12.06
N GLU C 247 0.05 7.76 -10.87
CA GLU C 247 1.43 7.28 -10.77
C GLU C 247 1.69 5.91 -11.44
N LYS C 248 0.67 5.06 -11.48
CA LYS C 248 0.75 3.78 -12.22
C LYS C 248 0.11 3.83 -13.60
N GLU C 249 -0.08 5.05 -14.13
CA GLU C 249 -0.76 5.27 -15.40
C GLU C 249 -2.17 4.62 -15.47
N THR C 250 -2.88 4.62 -14.33
CA THR C 250 -4.27 4.16 -14.18
C THR C 250 -5.16 4.74 -15.34
N SER C 251 -5.65 5.96 -15.13
CA SER C 251 -6.31 6.74 -16.16
C SER C 251 -5.35 6.96 -17.34
N GLY C 252 -5.82 7.67 -18.36
CA GLY C 252 -4.95 8.15 -19.46
C GLY C 252 -4.41 9.54 -19.21
N LEU C 253 -4.21 9.96 -17.95
CA LEU C 253 -3.82 11.32 -17.63
C LEU C 253 -2.36 11.57 -17.96
N ARG C 254 -1.48 10.65 -17.57
CA ARG C 254 -0.06 10.78 -17.90
C ARG C 254 0.15 10.70 -19.41
N ALA C 255 -0.76 10.00 -20.10
CA ALA C 255 -0.68 9.85 -21.54
C ALA C 255 -0.79 11.19 -22.26
N LEU C 256 -1.48 12.15 -21.61
CA LEU C 256 -1.66 13.46 -22.21
C LEU C 256 -0.34 14.15 -22.53
N LEU C 257 0.74 13.74 -21.82
CA LEU C 257 2.05 14.28 -22.05
C LEU C 257 2.55 13.98 -23.48
N ASN C 258 1.85 13.09 -24.20
CA ASN C 258 2.26 12.72 -25.55
C ASN C 258 1.59 13.55 -26.64
N LEU C 259 0.95 14.67 -26.30
CA LEU C 259 0.44 15.56 -27.36
C LEU C 259 1.55 15.83 -28.39
N GLY C 260 1.21 15.62 -29.66
CA GLY C 260 2.10 15.84 -30.77
C GLY C 260 3.17 14.81 -30.98
N HIS C 261 3.29 13.83 -30.07
CA HIS C 261 4.36 12.88 -30.10
C HIS C 261 4.10 11.70 -31.04
N THR C 262 2.86 11.43 -31.37
CA THR C 262 2.56 10.34 -32.28
C THR C 262 2.96 10.78 -33.69
N PHE C 263 2.48 11.96 -34.10
CA PHE C 263 2.89 12.58 -35.36
C PHE C 263 4.42 12.82 -35.34
N GLY C 264 4.92 13.36 -34.22
CA GLY C 264 6.32 13.71 -34.16
C GLY C 264 7.26 12.52 -34.27
N HIS C 265 6.89 11.40 -33.67
CA HIS C 265 7.71 10.20 -33.79
C HIS C 265 7.88 9.81 -35.26
N ALA C 266 6.79 9.89 -36.03
CA ALA C 266 6.85 9.57 -37.48
C ALA C 266 7.88 10.42 -38.20
N ILE C 267 7.90 11.71 -37.87
CA ILE C 267 8.84 12.63 -38.49
C ILE C 267 10.28 12.25 -38.11
N GLU C 268 10.52 12.06 -36.81
CA GLU C 268 11.87 11.68 -36.34
C GLU C 268 12.33 10.37 -36.98
N ALA C 269 11.42 9.40 -37.06
CA ALA C 269 11.74 8.06 -37.61
C ALA C 269 12.16 8.15 -39.08
N GLU C 270 11.41 8.94 -39.87
CA GLU C 270 11.67 9.04 -41.31
C GLU C 270 12.84 9.96 -41.63
N MET C 271 13.00 11.02 -40.83
CA MET C 271 14.04 11.99 -41.11
C MET C 271 15.41 11.62 -40.55
N GLY C 272 15.42 10.88 -39.43
CA GLY C 272 16.67 10.41 -38.83
C GLY C 272 17.19 11.31 -37.70
N TYR C 273 18.08 10.77 -36.88
CA TYR C 273 18.51 11.43 -35.67
C TYR C 273 19.29 12.74 -35.99
N GLY C 274 18.92 13.81 -35.31
CA GLY C 274 19.57 15.10 -35.44
C GLY C 274 19.12 15.91 -36.65
N VAL C 275 18.30 15.30 -37.52
CA VAL C 275 17.84 16.05 -38.69
C VAL C 275 16.74 16.97 -38.23
N TRP C 276 15.66 16.40 -37.69
CA TRP C 276 14.68 17.21 -36.93
C TRP C 276 14.93 16.87 -35.46
N LEU C 277 15.08 17.87 -34.62
CA LEU C 277 15.15 17.63 -33.19
C LEU C 277 13.82 17.21 -32.66
N HIS C 278 13.85 16.57 -31.51
CA HIS C 278 12.60 16.07 -30.92
C HIS C 278 11.52 17.16 -30.81
N GLY C 279 11.88 18.30 -30.25
CA GLY C 279 10.87 19.34 -30.02
C GLY C 279 10.35 19.98 -31.31
N GLU C 280 11.21 20.04 -32.34
CA GLU C 280 10.76 20.46 -33.64
C GLU C 280 9.66 19.54 -34.20
N ALA C 281 9.89 18.24 -34.08
CA ALA C 281 8.88 17.27 -34.52
C ALA C 281 7.61 17.36 -33.67
N VAL C 282 7.78 17.56 -32.37
CA VAL C 282 6.61 17.69 -31.48
C VAL C 282 5.79 18.93 -31.86
N ALA C 283 6.47 20.03 -32.19
CA ALA C 283 5.81 21.26 -32.57
C ALA C 283 4.88 21.05 -33.74
N ALA C 284 5.42 20.54 -34.85
CA ALA C 284 4.62 20.23 -36.02
C ALA C 284 3.51 19.21 -35.64
N GLY C 285 3.84 18.26 -34.76
CA GLY C 285 2.88 17.29 -34.28
C GLY C 285 1.69 17.87 -33.55
N MET C 286 1.94 18.89 -32.74
CA MET C 286 0.86 19.51 -32.01
C MET C 286 -0.13 20.20 -32.95
N VAL C 287 0.42 20.84 -33.97
CA VAL C 287 -0.42 21.44 -35.00
C VAL C 287 -1.28 20.38 -35.71
N MET C 288 -0.65 19.24 -36.05
CA MET C 288 -1.36 18.17 -36.75
C MET C 288 -2.45 17.60 -35.84
N ALA C 289 -2.13 17.50 -34.55
CA ALA C 289 -3.13 17.04 -33.59
C ALA C 289 -4.29 18.06 -33.47
N ALA C 290 -3.96 19.34 -33.45
CA ALA C 290 -4.99 20.39 -33.41
C ALA C 290 -5.89 20.33 -34.64
N LYS C 291 -5.28 20.16 -35.81
CA LYS C 291 -6.06 20.04 -37.07
C LYS C 291 -6.95 18.83 -37.03
N THR C 292 -6.45 17.74 -36.44
CA THR C 292 -7.26 16.53 -36.25
C THR C 292 -8.47 16.84 -35.36
N ALA C 293 -8.23 17.56 -34.27
CA ALA C 293 -9.28 17.92 -33.38
C ALA C 293 -10.34 18.81 -34.09
N GLU C 294 -9.88 19.67 -35.00
CA GLU C 294 -10.85 20.43 -35.83
C GLU C 294 -11.70 19.52 -36.71
N LEU C 295 -11.11 18.51 -37.31
CA LEU C 295 -11.78 17.71 -38.31
C LEU C 295 -12.77 16.75 -37.69
N ILE C 296 -12.50 16.30 -36.48
CA ILE C 296 -13.50 15.48 -35.77
C ILE C 296 -14.62 16.35 -35.18
N GLY C 297 -14.47 17.68 -35.22
CA GLY C 297 -15.53 18.63 -34.86
C GLY C 297 -15.44 19.21 -33.47
N GLN C 298 -14.29 19.08 -32.81
CA GLN C 298 -14.17 19.46 -31.41
C GLN C 298 -13.31 20.72 -31.15
N PHE C 299 -12.54 21.21 -32.12
CA PHE C 299 -11.63 22.33 -31.93
C PHE C 299 -11.97 23.38 -32.95
N THR C 300 -11.69 24.66 -32.65
CA THR C 300 -11.90 25.69 -33.69
C THR C 300 -10.60 26.08 -34.40
N PRO C 301 -10.71 26.57 -35.65
CA PRO C 301 -9.53 27.15 -36.31
C PRO C 301 -8.86 28.27 -35.52
N GLU C 302 -9.66 29.03 -34.79
CA GLU C 302 -9.09 30.15 -33.98
C GLU C 302 -8.18 29.62 -32.87
N GLN C 303 -8.61 28.54 -32.23
CA GLN C 303 -7.77 27.90 -31.22
C GLN C 303 -6.46 27.32 -31.83
N THR C 304 -6.60 26.64 -32.95
CA THR C 304 -5.48 26.09 -33.62
C THR C 304 -4.51 27.17 -34.04
N ASP C 305 -5.04 28.29 -34.54
CA ASP C 305 -4.21 29.43 -34.94
C ASP C 305 -3.40 29.98 -33.80
N ARG C 306 -3.94 29.94 -32.58
CA ARG C 306 -3.15 30.37 -31.42
C ARG C 306 -1.94 29.47 -31.16
N VAL C 307 -2.13 28.16 -31.33
CA VAL C 307 -1.05 27.20 -31.18
C VAL C 307 0.00 27.48 -32.28
N ILE C 308 -0.44 27.59 -33.54
CA ILE C 308 0.47 27.86 -34.66
C ILE C 308 1.30 29.14 -34.41
N ALA C 309 0.62 30.23 -34.08
CA ALA C 309 1.27 31.52 -33.89
C ALA C 309 2.35 31.47 -32.83
N LEU C 310 2.03 30.85 -31.68
CA LEU C 310 2.98 30.77 -30.57
C LEU C 310 4.19 29.90 -30.92
N LEU C 311 3.94 28.76 -31.57
CA LEU C 311 5.08 27.93 -32.03
C LEU C 311 6.02 28.72 -32.94
N LYS C 312 5.48 29.50 -33.87
CA LYS C 312 6.33 30.34 -34.72
C LYS C 312 7.12 31.38 -33.92
N ARG C 313 6.52 31.89 -32.87
CA ARG C 313 7.22 32.84 -31.97
C ARG C 313 8.45 32.21 -31.30
N ALA C 314 8.35 30.93 -31.03
CA ALA C 314 9.43 30.18 -30.47
C ALA C 314 10.38 29.63 -31.53
N GLU C 315 10.24 30.06 -32.79
CA GLU C 315 11.09 29.65 -33.91
C GLU C 315 10.98 28.14 -34.17
N LEU C 316 9.77 27.61 -34.01
CA LEU C 316 9.52 26.21 -34.24
C LEU C 316 8.73 25.98 -35.51
N PRO C 317 8.92 24.84 -36.18
CA PRO C 317 8.13 24.57 -37.39
C PRO C 317 6.69 24.24 -37.09
N VAL C 318 5.82 24.55 -38.04
CA VAL C 318 4.42 24.23 -37.93
C VAL C 318 3.95 23.50 -39.18
N THR C 319 4.90 23.05 -40.00
CA THR C 319 4.63 22.25 -41.18
C THR C 319 5.44 20.98 -41.09
N GLY C 320 5.00 19.97 -41.81
CA GLY C 320 5.77 18.73 -41.91
C GLY C 320 6.88 18.86 -42.95
N PRO C 321 7.89 17.98 -42.91
CA PRO C 321 8.94 18.01 -43.91
C PRO C 321 8.35 17.80 -45.32
N ALA C 322 8.83 18.58 -46.30
CA ALA C 322 8.37 18.44 -47.70
C ALA C 322 8.71 17.04 -48.27
N LYS C 323 9.67 16.44 -47.67
CA LYS C 323 10.44 15.27 -47.96
C LYS C 323 9.61 14.02 -47.55
N MET C 324 8.61 14.16 -46.66
CA MET C 324 7.68 13.10 -46.33
C MET C 324 6.31 13.40 -46.90
N GLN C 325 5.58 12.35 -47.27
CA GLN C 325 4.17 12.45 -47.66
C GLN C 325 3.28 11.84 -46.58
N PRO C 326 2.00 12.16 -46.58
CA PRO C 326 1.12 11.62 -45.53
C PRO C 326 1.14 10.11 -45.31
N ASP C 327 1.18 9.34 -46.40
CA ASP C 327 1.31 7.89 -46.30
C ASP C 327 2.60 7.40 -45.62
N ASP C 328 3.60 8.27 -45.55
CA ASP C 328 4.82 7.93 -44.81
C ASP C 328 4.61 8.03 -43.31
N TYR C 329 3.63 8.81 -42.85
CA TYR C 329 3.45 8.98 -41.40
C TYR C 329 2.78 7.76 -40.74
N LEU C 330 1.72 7.28 -41.36
CA LEU C 330 0.85 6.34 -40.67
C LEU C 330 1.50 4.99 -40.29
N PRO C 331 2.39 4.40 -41.14
CA PRO C 331 3.09 3.15 -40.73
C PRO C 331 3.80 3.31 -39.39
N HIS C 332 4.29 4.52 -39.11
CA HIS C 332 4.92 4.82 -37.79
C HIS C 332 3.90 5.00 -36.66
N MET C 333 2.63 5.27 -36.98
CA MET C 333 1.61 5.69 -35.99
C MET C 333 0.64 4.59 -35.55
N LYS C 343 -8.43 2.46 -35.24
CA LYS C 343 -7.11 1.89 -35.25
C LYS C 343 -6.05 2.77 -34.59
N LEU C 344 -6.21 4.10 -34.68
CA LEU C 344 -5.16 5.03 -34.19
C LEU C 344 -5.45 5.72 -32.84
N HIS C 345 -4.44 5.75 -31.98
CA HIS C 345 -4.51 6.38 -30.67
C HIS C 345 -3.78 7.73 -30.76
N LEU C 346 -4.47 8.81 -30.45
CA LEU C 346 -3.91 10.14 -30.52
C LEU C 346 -4.30 10.89 -29.26
N ILE C 347 -3.40 11.75 -28.79
CA ILE C 347 -3.74 12.76 -27.83
C ILE C 347 -4.24 13.98 -28.59
N LEU C 348 -5.46 14.45 -28.24
CA LEU C 348 -6.02 15.64 -28.87
C LEU C 348 -6.31 16.76 -27.88
N PRO C 349 -6.07 18.02 -28.28
CA PRO C 349 -6.57 19.12 -27.44
C PRO C 349 -8.10 19.22 -27.52
N THR C 350 -8.69 19.65 -26.42
CA THR C 350 -10.14 19.96 -26.39
C THR C 350 -10.43 21.46 -26.24
N THR C 351 -9.56 22.15 -25.51
CA THR C 351 -9.46 23.59 -25.52
C THR C 351 -7.99 23.94 -25.52
N ILE C 352 -7.65 25.24 -25.48
CA ILE C 352 -6.29 25.59 -25.09
C ILE C 352 -6.27 25.52 -23.59
N GLY C 353 -5.67 24.44 -23.09
CA GLY C 353 -5.64 24.15 -21.68
C GLY C 353 -6.28 22.83 -21.24
N HIS C 354 -6.87 22.09 -22.16
CA HIS C 354 -7.61 20.86 -21.83
C HIS C 354 -7.32 19.85 -22.96
N SER C 355 -7.22 18.56 -22.62
CA SER C 355 -6.89 17.55 -23.61
C SER C 355 -7.45 16.18 -23.28
N GLU C 356 -7.39 15.26 -24.24
CA GLU C 356 -7.97 13.94 -24.07
C GLU C 356 -7.16 12.95 -24.88
N MET C 357 -7.19 11.68 -24.46
CA MET C 357 -6.75 10.58 -25.34
C MET C 357 -7.99 10.13 -26.06
N ARG C 358 -7.96 10.13 -27.38
CA ARG C 358 -9.08 9.56 -28.12
C ARG C 358 -8.55 8.44 -29.01
N SER C 359 -9.01 7.21 -28.77
CA SER C 359 -8.65 6.09 -29.58
C SER C 359 -9.72 5.91 -30.69
N ASP C 360 -9.41 5.03 -31.62
CA ASP C 360 -10.24 4.72 -32.74
C ASP C 360 -10.41 5.88 -33.73
N VAL C 361 -9.43 6.78 -33.89
CA VAL C 361 -9.54 7.84 -34.91
C VAL C 361 -9.25 7.21 -36.27
N ASP C 362 -10.05 7.56 -37.28
CA ASP C 362 -9.86 6.98 -38.58
C ASP C 362 -8.58 7.50 -39.24
N ALA C 363 -7.91 6.60 -39.94
CA ALA C 363 -6.68 6.95 -40.62
C ALA C 363 -6.89 8.07 -41.64
N SER C 364 -8.03 8.07 -42.32
CA SER C 364 -8.29 9.15 -43.29
C SER C 364 -8.45 10.52 -42.62
N THR C 365 -8.96 10.57 -41.39
CA THR C 365 -8.99 11.81 -40.65
C THR C 365 -7.57 12.31 -40.36
N VAL C 366 -6.71 11.41 -39.93
CA VAL C 366 -5.34 11.77 -39.59
C VAL C 366 -4.59 12.25 -40.86
N THR C 367 -4.72 11.53 -41.97
CA THR C 367 -4.07 11.88 -43.22
C THR C 367 -4.56 13.25 -43.74
N ALA C 368 -5.86 13.53 -43.58
CA ALA C 368 -6.38 14.89 -43.92
C ALA C 368 -5.74 15.98 -43.06
N ALA C 369 -5.57 15.72 -41.77
CA ALA C 369 -4.91 16.65 -40.89
C ALA C 369 -3.42 16.86 -41.27
N ILE C 370 -2.71 15.77 -41.56
CA ILE C 370 -1.32 15.82 -42.04
C ILE C 370 -1.24 16.64 -43.35
N SER C 371 -2.17 16.39 -44.27
CA SER C 371 -2.23 17.06 -45.54
C SER C 371 -2.42 18.59 -45.41
N ALA C 372 -3.12 19.01 -44.35
CA ALA C 372 -3.33 20.42 -44.07
C ALA C 372 -2.04 21.11 -43.57
N CYS C 373 -0.99 20.35 -43.30
CA CYS C 373 0.29 20.91 -42.82
C CYS C 373 1.43 20.65 -43.80
N ILE C 374 1.11 20.48 -45.07
CA ILE C 374 2.14 20.21 -46.09
C ILE C 374 2.62 21.56 -46.63
N PRO C 375 3.94 21.82 -46.63
CA PRO C 375 4.45 23.12 -47.08
C PRO C 375 4.38 23.31 -48.58
N MET D 14 -28.72 16.43 -18.17
CA MET D 14 -28.05 15.36 -17.37
C MET D 14 -26.51 15.48 -17.28
N GLU D 15 -25.99 15.67 -16.07
CA GLU D 15 -24.56 15.70 -15.84
C GLU D 15 -24.08 14.45 -15.12
N LYS D 16 -22.79 14.16 -15.20
CA LYS D 16 -22.25 12.96 -14.57
C LYS D 16 -20.87 13.27 -14.06
N VAL D 17 -20.58 12.88 -12.80
CA VAL D 17 -19.24 12.96 -12.23
C VAL D 17 -18.81 11.56 -11.80
N THR D 18 -17.64 11.13 -12.24
CA THR D 18 -17.02 9.93 -11.70
C THR D 18 -15.99 10.33 -10.69
N VAL D 19 -16.08 9.73 -9.51
CA VAL D 19 -15.20 10.04 -8.36
C VAL D 19 -14.34 8.81 -8.17
N THR D 20 -13.03 9.06 -8.04
CA THR D 20 -12.07 7.98 -7.85
C THR D 20 -11.15 8.35 -6.70
N LEU D 21 -11.40 7.76 -5.53
CA LEU D 21 -10.75 8.17 -4.29
C LEU D 21 -10.45 6.88 -3.53
N ASP D 22 -9.30 6.89 -2.83
CA ASP D 22 -8.78 5.75 -2.10
C ASP D 22 -8.98 4.44 -2.90
N GLU D 23 -8.54 4.49 -4.16
CA GLU D 23 -8.85 3.49 -5.16
C GLU D 23 -10.12 2.72 -5.17
N ARG D 24 -11.19 3.51 -4.96
CA ARG D 24 -12.53 3.09 -5.28
C ARG D 24 -12.99 4.04 -6.38
N SER D 25 -14.11 3.70 -7.03
CA SER D 25 -14.70 4.53 -8.07
C SER D 25 -16.23 4.47 -7.99
N TYR D 26 -16.89 5.61 -8.16
CA TYR D 26 -18.36 5.60 -8.19
C TYR D 26 -18.90 6.74 -8.98
N PRO D 27 -20.09 6.59 -9.54
CA PRO D 27 -20.70 7.67 -10.30
C PRO D 27 -21.61 8.55 -9.44
N ILE D 28 -21.63 9.84 -9.77
CA ILE D 28 -22.67 10.78 -9.29
C ILE D 28 -23.43 11.17 -10.54
N ASN D 29 -24.71 10.79 -10.62
CA ASN D 29 -25.55 11.15 -11.74
C ASN D 29 -26.54 12.24 -11.34
N ILE D 30 -26.74 13.24 -12.23
CA ILE D 30 -27.57 14.42 -11.87
C ILE D 30 -28.49 14.74 -13.03
N ALA D 31 -29.79 14.67 -12.78
CA ALA D 31 -30.76 14.93 -13.82
C ALA D 31 -32.15 15.15 -13.23
N PRO D 32 -32.96 15.98 -13.88
CA PRO D 32 -34.37 16.06 -13.47
C PRO D 32 -35.07 14.76 -13.83
N SER D 33 -35.86 14.25 -12.89
CA SER D 33 -36.59 12.99 -12.98
C SER D 33 -35.67 11.73 -13.06
N LEU D 34 -34.45 11.84 -12.52
CA LEU D 34 -33.53 10.72 -12.51
C LEU D 34 -34.07 9.48 -11.81
N TYR D 35 -34.88 9.66 -10.74
CA TYR D 35 -35.40 8.49 -10.03
C TYR D 35 -36.15 7.52 -10.95
N GLN D 36 -36.78 8.05 -11.98
CA GLN D 36 -37.57 7.24 -12.90
C GLN D 36 -36.85 6.61 -14.04
N GLN D 37 -35.57 6.93 -14.33
CA GLN D 37 -35.05 6.39 -15.59
C GLN D 37 -34.08 5.25 -15.35
N GLN D 38 -33.48 4.78 -16.46
CA GLN D 38 -32.39 3.83 -16.50
C GLN D 38 -32.31 2.74 -15.42
N ASP D 39 -31.10 2.42 -15.12
CA ASP D 39 -30.75 1.67 -13.97
C ASP D 39 -30.35 2.84 -13.13
N ALA D 40 -31.33 3.67 -12.71
CA ALA D 40 -31.05 4.89 -11.88
C ALA D 40 -30.41 4.52 -10.56
N PHE D 41 -30.78 3.34 -10.03
CA PHE D 41 -30.24 2.88 -8.75
C PHE D 41 -29.16 1.84 -8.87
N TRP D 42 -28.49 1.83 -10.00
CA TRP D 42 -27.28 1.04 -10.17
C TRP D 42 -26.35 1.39 -9.02
N PRO D 43 -25.64 0.40 -8.46
CA PRO D 43 -25.48 -1.00 -8.89
C PRO D 43 -26.51 -2.00 -8.43
N LEU D 44 -27.63 -1.58 -7.85
CA LEU D 44 -28.68 -2.54 -7.42
C LEU D 44 -29.27 -3.18 -8.65
N THR D 45 -29.43 -4.49 -8.62
CA THR D 45 -29.97 -5.23 -9.72
C THR D 45 -30.97 -6.25 -9.20
N ALA D 46 -31.69 -6.88 -10.12
CA ALA D 46 -32.83 -7.72 -9.76
C ALA D 46 -32.45 -8.87 -8.87
N GLY D 47 -33.26 -9.16 -7.85
CA GLY D 47 -32.95 -10.22 -6.87
C GLY D 47 -32.20 -9.71 -5.62
N GLN D 48 -31.66 -8.49 -5.68
CA GLN D 48 -30.96 -7.95 -4.53
C GLN D 48 -31.94 -7.23 -3.58
N ARG D 49 -31.47 -7.01 -2.36
CA ARG D 49 -32.26 -6.33 -1.31
C ARG D 49 -31.74 -4.93 -1.05
N ALA D 50 -32.64 -4.08 -0.58
CA ALA D 50 -32.26 -2.72 -0.15
C ALA D 50 -33.04 -2.35 1.11
N MET D 51 -32.37 -1.60 1.98
CA MET D 51 -33.03 -0.97 3.15
C MET D 51 -32.92 0.50 2.98
N ILE D 52 -34.06 1.18 2.78
CA ILE D 52 -34.06 2.65 2.63
C ILE D 52 -34.18 3.25 4.02
N VAL D 53 -33.24 4.17 4.33
CA VAL D 53 -33.33 4.98 5.54
C VAL D 53 -33.74 6.39 5.13
N THR D 54 -34.77 6.92 5.77
CA THR D 54 -35.23 8.28 5.47
C THR D 54 -35.79 8.92 6.73
N ASN D 55 -36.30 10.14 6.60
CA ASN D 55 -36.91 10.80 7.74
C ASN D 55 -38.41 11.07 7.45
N GLU D 56 -39.09 11.53 8.49
CA GLU D 56 -40.53 11.71 8.46
C GLU D 56 -40.95 12.79 7.49
N THR D 57 -40.04 13.73 7.20
CA THR D 57 -40.30 14.79 6.22
C THR D 57 -40.21 14.29 4.78
N LEU D 58 -39.19 13.54 4.48
CA LEU D 58 -39.03 13.03 3.10
C LEU D 58 -39.93 11.86 2.78
N ALA D 59 -40.24 11.04 3.78
CA ALA D 59 -41.05 9.82 3.52
C ALA D 59 -42.31 10.04 2.71
N PRO D 60 -43.21 10.97 3.12
CA PRO D 60 -44.45 11.10 2.32
C PRO D 60 -44.21 11.69 0.93
N LEU D 61 -43.05 12.30 0.70
CA LEU D 61 -42.74 12.91 -0.58
C LEU D 61 -42.12 11.94 -1.59
N TYR D 62 -41.19 11.10 -1.16
CA TYR D 62 -40.39 10.31 -2.11
C TYR D 62 -40.26 8.82 -1.79
N LEU D 63 -40.60 8.37 -0.61
CA LEU D 63 -40.31 6.97 -0.25
C LEU D 63 -41.08 6.01 -1.14
N HIS D 64 -42.38 6.25 -1.32
CA HIS D 64 -43.21 5.36 -2.16
C HIS D 64 -42.72 5.32 -3.62
N LYS D 65 -42.43 6.50 -4.15
CA LYS D 65 -41.94 6.63 -5.50
C LYS D 65 -40.70 5.80 -5.74
N ILE D 66 -39.75 5.94 -4.85
CA ILE D 66 -38.47 5.23 -4.94
C ILE D 66 -38.68 3.72 -4.76
N GLN D 67 -39.50 3.34 -3.79
CA GLN D 67 -39.77 1.91 -3.62
C GLN D 67 -40.36 1.29 -4.91
N THR D 68 -41.30 1.99 -5.51
CA THR D 68 -41.92 1.52 -6.77
C THR D 68 -40.92 1.27 -7.88
N VAL D 69 -40.03 2.24 -8.10
CA VAL D 69 -39.02 2.12 -9.14
C VAL D 69 -38.06 0.93 -8.85
N LEU D 70 -37.69 0.77 -7.61
CA LEU D 70 -36.82 -0.35 -7.23
C LEU D 70 -37.48 -1.69 -7.40
N GLU D 71 -38.73 -1.77 -6.99
CA GLU D 71 -39.47 -3.04 -7.09
C GLU D 71 -39.77 -3.38 -8.53
N VAL D 72 -39.99 -2.41 -9.40
CA VAL D 72 -40.12 -2.72 -10.87
C VAL D 72 -38.81 -3.26 -11.49
N SER D 73 -37.67 -2.88 -10.90
CA SER D 73 -36.36 -3.43 -11.26
C SER D 73 -35.96 -4.74 -10.58
N GLY D 74 -36.89 -5.36 -9.85
CA GLY D 74 -36.64 -6.65 -9.18
C GLY D 74 -35.98 -6.56 -7.80
N VAL D 75 -36.00 -5.37 -7.19
CA VAL D 75 -35.28 -5.15 -5.96
C VAL D 75 -36.27 -5.29 -4.82
N LYS D 76 -35.88 -6.03 -3.78
CA LYS D 76 -36.75 -6.23 -2.63
C LYS D 76 -36.43 -5.11 -1.63
N VAL D 77 -37.44 -4.35 -1.21
CA VAL D 77 -37.23 -3.10 -0.51
C VAL D 77 -37.85 -3.16 0.88
N ASP D 78 -37.05 -2.81 1.88
CA ASP D 78 -37.53 -2.49 3.22
C ASP D 78 -37.17 -1.05 3.55
N SER D 79 -37.76 -0.50 4.60
CA SER D 79 -37.52 0.87 4.92
C SER D 79 -37.60 1.12 6.41
N ILE D 80 -36.93 2.18 6.87
CA ILE D 80 -37.06 2.68 8.22
C ILE D 80 -37.12 4.19 8.18
N ILE D 81 -38.11 4.77 8.89
CA ILE D 81 -38.34 6.20 8.88
C ILE D 81 -37.99 6.75 10.23
N LEU D 82 -37.06 7.69 10.25
CA LEU D 82 -36.57 8.33 11.44
C LEU D 82 -37.15 9.71 11.61
N PRO D 83 -37.11 10.28 12.82
CA PRO D 83 -37.48 11.65 12.94
C PRO D 83 -36.52 12.60 12.24
N ASP D 84 -37.04 13.78 11.90
CA ASP D 84 -36.27 14.83 11.22
C ASP D 84 -35.53 15.67 12.20
N GLY D 85 -34.22 15.72 12.08
CA GLY D 85 -33.43 16.55 12.97
C GLY D 85 -32.01 16.11 13.17
N GLU D 86 -31.11 17.07 13.34
CA GLU D 86 -29.71 16.81 13.69
C GLU D 86 -29.58 15.97 14.97
N GLN D 87 -30.51 16.10 15.91
CA GLN D 87 -30.37 15.38 17.18
C GLN D 87 -30.56 13.88 16.98
N TYR D 88 -31.07 13.45 15.85
CA TYR D 88 -31.23 11.98 15.62
C TYR D 88 -29.99 11.34 14.97
N LYS D 89 -28.95 12.14 14.71
CA LYS D 89 -27.71 11.60 14.20
C LYS D 89 -26.90 11.11 15.37
N SER D 90 -27.34 9.99 15.95
CA SER D 90 -26.91 9.54 17.28
C SER D 90 -26.59 8.06 17.26
N LEU D 91 -25.70 7.61 18.10
CA LEU D 91 -25.39 6.20 18.24
C LEU D 91 -26.63 5.38 18.62
N PHE D 92 -27.45 5.97 19.45
CA PHE D 92 -28.66 5.27 19.87
C PHE D 92 -29.69 5.09 18.76
N ILE D 93 -29.75 6.06 17.85
CA ILE D 93 -30.66 5.96 16.74
C ILE D 93 -30.12 5.04 15.69
N MET D 94 -28.81 5.12 15.45
CA MET D 94 -28.21 4.21 14.47
C MET D 94 -28.42 2.76 14.88
N ASN D 95 -28.40 2.46 16.20
CA ASN D 95 -28.72 1.15 16.72
C ASN D 95 -30.06 0.62 16.22
N ASP D 96 -31.06 1.51 16.16
CA ASP D 96 -32.39 1.15 15.65
C ASP D 96 -32.37 0.76 14.17
N VAL D 97 -31.46 1.34 13.37
CA VAL D 97 -31.27 0.88 11.99
C VAL D 97 -30.73 -0.57 11.97
N PHE D 98 -29.77 -0.86 12.82
CA PHE D 98 -29.31 -2.23 12.92
C PHE D 98 -30.44 -3.16 13.33
N THR D 99 -31.31 -2.73 14.24
CA THR D 99 -32.41 -3.58 14.64
C THR D 99 -33.38 -3.87 13.45
N ALA D 100 -33.67 -2.84 12.67
CA ALA D 100 -34.54 -3.00 11.50
C ALA D 100 -33.90 -3.97 10.50
N LEU D 101 -32.61 -3.83 10.31
CA LEU D 101 -31.88 -4.72 9.37
C LEU D 101 -31.89 -6.16 9.85
N LEU D 102 -31.60 -6.36 11.14
CA LEU D 102 -31.55 -7.73 11.69
C LEU D 102 -32.98 -8.33 11.76
N GLU D 103 -33.99 -7.53 12.08
CA GLU D 103 -35.35 -8.04 12.18
C GLU D 103 -35.83 -8.57 10.80
N LYS D 104 -35.36 -7.96 9.71
CA LYS D 104 -35.80 -8.42 8.40
C LYS D 104 -34.74 -9.30 7.76
N HIS D 105 -33.72 -9.70 8.53
CA HIS D 105 -32.73 -10.69 8.09
C HIS D 105 -31.89 -10.25 6.89
N HIS D 106 -31.50 -8.97 6.87
CA HIS D 106 -30.58 -8.45 5.85
C HIS D 106 -29.16 -8.99 6.10
N ASN D 107 -28.63 -9.69 5.10
N ASN D 107 -28.62 -9.72 5.11
CA ASN D 107 -27.29 -10.26 5.19
CA ASN D 107 -27.27 -10.27 5.21
C ASN D 107 -26.29 -9.26 4.66
C ASN D 107 -26.28 -9.26 4.68
N ARG D 108 -25.01 -9.66 4.55
CA ARG D 108 -23.97 -8.73 4.15
C ARG D 108 -24.10 -8.23 2.71
N ASP D 109 -24.95 -8.87 1.90
CA ASP D 109 -25.16 -8.43 0.51
C ASP D 109 -26.27 -7.39 0.33
N THR D 110 -26.85 -6.91 1.43
CA THR D 110 -27.83 -5.85 1.32
C THR D 110 -27.20 -4.52 0.89
N THR D 111 -28.05 -3.60 0.49
CA THR D 111 -27.63 -2.24 0.23
C THR D 111 -28.46 -1.29 1.10
N LEU D 112 -27.78 -0.37 1.77
CA LEU D 112 -28.44 0.75 2.47
C LEU D 112 -28.56 1.90 1.51
N ILE D 113 -29.75 2.50 1.48
CA ILE D 113 -30.03 3.65 0.66
C ILE D 113 -30.34 4.83 1.59
N ALA D 114 -29.49 5.87 1.49
CA ALA D 114 -29.74 7.07 2.30
C ALA D 114 -30.62 8.05 1.52
N LEU D 115 -31.93 8.06 1.84
CA LEU D 115 -32.86 9.00 1.22
C LEU D 115 -33.09 10.17 2.12
N GLY D 116 -32.36 11.26 1.89
CA GLY D 116 -32.54 12.46 2.68
C GLY D 116 -31.39 13.39 2.53
N GLY D 117 -31.29 14.30 3.48
CA GLY D 117 -30.20 15.25 3.49
C GLY D 117 -28.95 14.70 4.10
N GLY D 118 -28.06 15.64 4.50
CA GLY D 118 -26.77 15.18 5.04
C GLY D 118 -26.87 14.49 6.40
N VAL D 119 -27.93 14.75 7.13
CA VAL D 119 -28.17 14.08 8.38
C VAL D 119 -28.42 12.61 8.18
N ILE D 120 -29.38 12.32 7.34
CA ILE D 120 -29.67 10.97 6.97
C ILE D 120 -28.48 10.30 6.29
N GLY D 121 -27.81 11.04 5.38
CA GLY D 121 -26.68 10.48 4.71
C GLY D 121 -25.57 10.08 5.63
N ASP D 122 -25.23 10.92 6.56
CA ASP D 122 -24.15 10.56 7.53
C ASP D 122 -24.51 9.36 8.41
N LEU D 123 -25.70 9.36 8.96
CA LEU D 123 -26.12 8.24 9.82
C LEU D 123 -26.21 6.93 9.05
N THR D 124 -26.78 6.99 7.85
CA THR D 124 -26.92 5.83 7.03
C THR D 124 -25.55 5.29 6.58
N GLY D 125 -24.65 6.22 6.17
CA GLY D 125 -23.36 5.85 5.77
C GLY D 125 -22.58 5.11 6.86
N PHE D 126 -22.64 5.63 8.10
CA PHE D 126 -21.96 4.97 9.19
C PHE D 126 -22.60 3.63 9.54
N ALA D 127 -23.93 3.58 9.42
CA ALA D 127 -24.64 2.30 9.57
C ALA D 127 -24.18 1.26 8.54
N ALA D 128 -23.99 1.70 7.31
CA ALA D 128 -23.52 0.79 6.24
C ALA D 128 -22.07 0.33 6.44
N ALA D 129 -21.23 1.22 6.92
CA ALA D 129 -19.84 0.90 7.27
C ALA D 129 -19.73 -0.13 8.35
N SER D 130 -20.65 -0.09 9.31
CA SER D 130 -20.58 -0.85 10.55
C SER D 130 -21.41 -2.12 10.57
N TYR D 131 -22.45 -2.19 9.75
CA TYR D 131 -23.29 -3.36 9.75
C TYR D 131 -22.55 -4.53 9.16
N GLN D 132 -22.36 -5.57 9.98
CA GLN D 132 -21.56 -6.75 9.65
C GLN D 132 -20.17 -6.34 9.10
N ARG D 133 -19.67 -5.22 9.62
CA ARG D 133 -18.38 -4.63 9.25
C ARG D 133 -18.35 -4.14 7.81
N GLY D 134 -19.51 -3.96 7.20
CA GLY D 134 -19.62 -3.16 5.93
C GLY D 134 -20.49 -3.79 4.89
N VAL D 135 -21.56 -3.08 4.54
CA VAL D 135 -22.45 -3.42 3.42
C VAL D 135 -22.50 -2.27 2.44
N ARG D 136 -23.10 -2.51 1.29
CA ARG D 136 -23.09 -1.52 0.22
C ARG D 136 -23.97 -0.37 0.59
N PHE D 137 -23.60 0.81 0.07
CA PHE D 137 -24.23 2.10 0.46
C PHE D 137 -24.49 2.93 -0.80
N ILE D 138 -25.74 3.36 -1.00
CA ILE D 138 -26.07 4.30 -2.11
C ILE D 138 -26.65 5.58 -1.51
N GLN D 139 -26.11 6.74 -1.92
CA GLN D 139 -26.59 8.04 -1.44
C GLN D 139 -27.67 8.57 -2.38
N VAL D 140 -28.79 9.02 -1.81
CA VAL D 140 -29.82 9.72 -2.58
C VAL D 140 -30.07 11.06 -1.90
N PRO D 141 -29.15 12.02 -2.10
CA PRO D 141 -29.22 13.27 -1.34
C PRO D 141 -30.31 14.20 -1.86
N THR D 142 -31.03 14.80 -0.94
CA THR D 142 -32.21 15.58 -1.26
C THR D 142 -32.12 17.02 -0.88
N THR D 143 -31.01 17.48 -0.30
CA THR D 143 -30.74 18.90 -0.12
C THR D 143 -29.63 19.31 -1.04
N LEU D 144 -29.60 20.59 -1.42
CA LEU D 144 -28.48 21.06 -2.22
C LEU D 144 -27.15 20.88 -1.49
N LEU D 145 -27.14 21.16 -0.19
CA LEU D 145 -25.92 21.04 0.55
C LEU D 145 -25.36 19.60 0.50
N SER D 146 -26.23 18.62 0.71
CA SER D 146 -25.75 17.21 0.67
C SER D 146 -25.38 16.78 -0.73
N GLN D 147 -26.05 17.34 -1.76
CA GLN D 147 -25.67 17.02 -3.14
C GLN D 147 -24.25 17.52 -3.46
N VAL D 148 -23.83 18.67 -2.89
CA VAL D 148 -22.56 19.31 -3.28
C VAL D 148 -21.44 19.15 -2.27
N ASP D 149 -21.77 18.61 -1.08
CA ASP D 149 -20.84 18.43 0.00
C ASP D 149 -20.76 16.94 0.43
N SER D 150 -21.84 16.37 0.94
CA SER D 150 -21.86 14.95 1.39
C SER D 150 -21.54 13.89 0.31
N SER D 151 -21.69 14.23 -0.94
CA SER D 151 -21.58 13.31 -2.03
C SER D 151 -20.16 12.90 -2.37
N VAL D 152 -19.18 13.62 -1.81
CA VAL D 152 -17.76 13.34 -2.03
C VAL D 152 -17.07 13.40 -0.68
N GLY D 153 -16.12 12.48 -0.49
CA GLY D 153 -15.18 12.53 0.63
C GLY D 153 -15.22 11.28 1.49
N GLY D 154 -16.36 10.59 1.49
CA GLY D 154 -16.54 9.40 2.28
C GLY D 154 -16.67 9.59 3.80
N LYS D 155 -16.83 10.80 4.29
CA LYS D 155 -16.98 11.00 5.72
C LYS D 155 -18.40 10.59 6.12
N THR D 156 -18.49 9.66 7.05
CA THR D 156 -19.76 9.31 7.69
C THR D 156 -19.58 9.44 9.20
N ALA D 157 -20.66 9.65 9.91
CA ALA D 157 -20.56 9.81 11.37
C ALA D 157 -21.92 9.94 12.02
N VAL D 158 -21.90 9.76 13.33
CA VAL D 158 -22.95 10.33 14.18
C VAL D 158 -22.27 11.28 15.20
N ASN D 159 -23.09 12.01 15.91
CA ASN D 159 -22.64 12.88 16.99
C ASN D 159 -22.46 12.19 18.33
N HIS D 160 -21.64 12.79 19.18
CA HIS D 160 -21.66 12.54 20.60
C HIS D 160 -22.02 13.86 21.24
N PRO D 161 -22.60 13.83 22.42
CA PRO D 161 -22.89 15.14 23.08
C PRO D 161 -21.66 16.04 23.34
N LEU D 162 -20.48 15.46 23.47
CA LEU D 162 -19.26 16.24 23.60
C LEU D 162 -18.54 16.58 22.28
N GLY D 163 -19.06 16.12 21.15
CA GLY D 163 -18.51 16.63 19.90
C GLY D 163 -19.31 16.16 18.72
N LYS D 164 -19.57 17.07 17.78
CA LYS D 164 -20.18 16.71 16.52
C LYS D 164 -19.25 15.80 15.67
N ASN D 165 -19.87 14.82 15.00
CA ASN D 165 -19.20 13.91 14.11
C ASN D 165 -18.00 13.22 14.73
N MET D 166 -18.06 12.93 16.00
CA MET D 166 -16.93 12.32 16.69
C MET D 166 -16.86 10.80 16.60
N ILE D 167 -17.90 10.14 16.09
CA ILE D 167 -17.96 8.70 15.99
C ILE D 167 -18.38 8.38 14.52
N GLY D 168 -17.54 7.70 13.77
CA GLY D 168 -17.82 7.41 12.43
C GLY D 168 -16.79 6.62 11.69
N ALA D 169 -16.86 6.68 10.36
CA ALA D 169 -16.03 5.93 9.46
C ALA D 169 -15.87 6.64 8.13
N PHE D 170 -14.71 6.41 7.49
CA PHE D 170 -14.55 6.76 6.12
C PHE D 170 -15.16 5.61 5.33
N TYR D 171 -16.14 5.91 4.53
CA TYR D 171 -16.85 4.85 3.81
C TYR D 171 -17.49 5.43 2.56
N GLN D 172 -17.11 4.90 1.42
CA GLN D 172 -17.54 5.49 0.15
C GLN D 172 -18.79 4.83 -0.39
N PRO D 173 -19.67 5.60 -1.03
CA PRO D 173 -20.87 5.04 -1.65
C PRO D 173 -20.55 4.26 -2.90
N ALA D 174 -21.48 3.38 -3.29
CA ALA D 174 -21.43 2.70 -4.54
C ALA D 174 -21.87 3.61 -5.70
N SER D 175 -22.67 4.62 -5.40
CA SER D 175 -23.22 5.56 -6.40
C SER D 175 -24.02 6.63 -5.66
N VAL D 176 -24.25 7.76 -6.32
CA VAL D 176 -24.97 8.90 -5.76
C VAL D 176 -26.03 9.31 -6.80
N VAL D 177 -27.30 9.36 -6.40
CA VAL D 177 -28.40 9.56 -7.31
C VAL D 177 -28.98 10.91 -6.97
N ILE D 178 -28.81 11.88 -7.87
CA ILE D 178 -29.30 13.25 -7.64
C ILE D 178 -30.39 13.61 -8.64
N ASP D 179 -31.65 13.52 -8.20
CA ASP D 179 -32.81 13.90 -9.01
C ASP D 179 -33.13 15.33 -8.65
N LEU D 180 -32.92 16.24 -9.59
CA LEU D 180 -33.08 17.67 -9.34
C LEU D 180 -34.47 18.00 -8.92
N ASP D 181 -35.46 17.17 -9.30
CA ASP D 181 -36.85 17.44 -8.90
C ASP D 181 -37.03 17.44 -7.40
N CYS D 182 -36.21 16.71 -6.65
CA CYS D 182 -36.33 16.72 -5.20
C CYS D 182 -36.12 18.12 -4.64
N LEU D 183 -35.41 19.00 -5.35
CA LEU D 183 -35.20 20.35 -4.84
C LEU D 183 -36.47 21.19 -4.82
N LYS D 184 -37.48 20.80 -5.60
CA LYS D 184 -38.73 21.57 -5.66
C LYS D 184 -39.48 21.59 -4.32
N THR D 185 -39.22 20.63 -3.45
CA THR D 185 -39.85 20.62 -2.13
C THR D 185 -38.95 21.14 -1.02
N LEU D 186 -37.71 21.48 -1.35
CA LEU D 186 -36.78 21.88 -0.32
C LEU D 186 -37.11 23.31 0.09
N PRO D 187 -37.20 23.59 1.39
CA PRO D 187 -37.45 24.97 1.80
C PRO D 187 -36.42 25.92 1.22
N LYS D 188 -36.89 27.11 0.91
CA LYS D 188 -36.04 28.07 0.19
C LYS D 188 -34.81 28.50 1.01
N ARG D 189 -34.98 28.57 2.32
CA ARG D 189 -33.88 28.87 3.21
C ARG D 189 -32.77 27.79 3.13
N GLU D 190 -33.14 26.53 3.04
CA GLU D 190 -32.20 25.44 2.90
C GLU D 190 -31.51 25.47 1.53
N LEU D 191 -32.22 25.90 0.50
CA LEU D 191 -31.58 26.04 -0.83
C LEU D 191 -30.48 27.07 -0.78
N SER D 192 -30.76 28.22 -0.18
CA SER D 192 -29.74 29.26 -0.02
C SER D 192 -28.58 28.77 0.83
N SER D 193 -28.90 28.02 1.87
CA SER D 193 -27.86 27.51 2.76
C SER D 193 -26.87 26.62 1.92
N GLY D 194 -27.41 25.79 1.06
CA GLY D 194 -26.61 25.02 0.14
C GLY D 194 -25.79 25.85 -0.82
N LEU D 195 -26.37 26.93 -1.30
CA LEU D 195 -25.64 27.80 -2.23
C LEU D 195 -24.48 28.51 -1.55
N ALA D 196 -24.46 28.62 -0.19
CA ALA D 196 -23.28 29.14 0.49
C ALA D 196 -22.07 28.24 0.21
N GLU D 197 -22.27 26.94 0.27
CA GLU D 197 -21.15 26.00 0.03
C GLU D 197 -20.83 25.98 -1.46
N VAL D 198 -21.83 26.12 -2.33
CA VAL D 198 -21.54 26.28 -3.77
C VAL D 198 -20.60 27.47 -4.03
N ILE D 199 -20.96 28.61 -3.46
CA ILE D 199 -20.14 29.83 -3.64
C ILE D 199 -18.70 29.66 -3.06
N LYS D 200 -18.61 29.00 -1.91
CA LYS D 200 -17.32 28.69 -1.29
C LYS D 200 -16.36 28.08 -2.29
N TYR D 201 -16.79 27.04 -3.01
CA TYR D 201 -15.96 26.39 -4.02
C TYR D 201 -15.34 27.37 -5.02
N GLY D 202 -16.16 28.30 -5.50
CA GLY D 202 -15.67 29.30 -6.37
C GLY D 202 -14.60 30.18 -5.76
N ILE D 203 -14.78 30.54 -4.50
CA ILE D 203 -13.81 31.39 -3.84
C ILE D 203 -12.48 30.61 -3.62
N ILE D 204 -12.57 29.40 -3.10
CA ILE D 204 -11.35 28.71 -2.69
C ILE D 204 -10.52 28.10 -3.86
N LEU D 205 -11.20 27.69 -4.93
CA LEU D 205 -10.59 26.79 -5.93
C LEU D 205 -10.78 27.17 -7.40
N ASP D 206 -11.82 27.91 -7.76
CA ASP D 206 -12.09 28.09 -9.16
C ASP D 206 -12.79 29.43 -9.36
N GLY D 207 -11.98 30.45 -9.68
CA GLY D 207 -12.53 31.79 -9.93
C GLY D 207 -13.41 31.90 -11.15
N GLU D 208 -13.19 31.04 -12.14
CA GLU D 208 -14.05 31.01 -13.32
C GLU D 208 -15.44 30.51 -12.95
N PHE D 209 -15.50 29.51 -12.09
CA PHE D 209 -16.80 29.04 -11.53
C PHE D 209 -17.49 30.16 -10.72
N PHE D 210 -16.71 30.89 -9.92
CA PHE D 210 -17.27 32.04 -9.19
C PHE D 210 -17.92 33.01 -10.20
N SER D 211 -17.21 33.31 -11.27
CA SER D 211 -17.75 34.25 -12.30
C SER D 211 -19.03 33.67 -12.92
N TRP D 212 -19.03 32.36 -13.18
CA TRP D 212 -20.22 31.70 -13.67
C TRP D 212 -21.39 31.83 -12.66
N LEU D 213 -21.10 31.67 -11.38
CA LEU D 213 -22.13 31.86 -10.38
C LEU D 213 -22.71 33.26 -10.37
N GLU D 214 -21.87 34.27 -10.56
CA GLU D 214 -22.34 35.70 -10.61
C GLU D 214 -23.32 35.90 -11.74
N GLU D 215 -23.10 35.20 -12.85
CA GLU D 215 -23.99 35.33 -14.00
C GLU D 215 -25.21 34.40 -13.95
N ASN D 216 -25.19 33.37 -13.09
CA ASN D 216 -26.27 32.37 -13.06
C ASN D 216 -27.01 32.22 -11.75
N ILE D 217 -26.67 33.04 -10.74
CA ILE D 217 -27.25 32.87 -9.43
C ILE D 217 -28.79 32.98 -9.48
N ASP D 218 -29.32 33.88 -10.34
CA ASP D 218 -30.79 33.98 -10.48
C ASP D 218 -31.40 32.68 -10.99
N ALA D 219 -30.75 32.05 -11.98
CA ALA D 219 -31.29 30.81 -12.49
C ALA D 219 -31.21 29.70 -11.44
N LEU D 220 -30.14 29.67 -10.64
CA LEU D 220 -30.03 28.67 -9.61
C LEU D 220 -31.11 28.87 -8.57
N MET D 221 -31.34 30.11 -8.15
CA MET D 221 -32.38 30.37 -7.13
C MET D 221 -33.74 29.96 -7.69
N ALA D 222 -33.91 30.03 -9.02
CA ALA D 222 -35.16 29.62 -9.65
C ALA D 222 -35.23 28.15 -10.00
N LEU D 223 -34.23 27.38 -9.58
CA LEU D 223 -34.17 25.93 -9.87
C LEU D 223 -34.19 25.59 -11.36
N ASP D 224 -33.56 26.44 -12.17
CA ASP D 224 -33.33 26.08 -13.57
C ASP D 224 -32.54 24.75 -13.66
N ASN D 225 -33.08 23.79 -14.39
CA ASN D 225 -32.45 22.43 -14.42
C ASN D 225 -31.04 22.45 -15.00
N GLN D 226 -30.83 23.18 -16.09
CA GLN D 226 -29.55 23.22 -16.77
C GLN D 226 -28.48 23.89 -15.92
N ALA D 227 -28.79 25.00 -15.31
CA ALA D 227 -27.84 25.68 -14.39
C ALA D 227 -27.50 24.82 -13.19
N MET D 228 -28.54 24.29 -12.55
CA MET D 228 -28.36 23.59 -11.34
C MET D 228 -27.61 22.28 -11.53
N ALA D 229 -27.84 21.63 -12.64
CA ALA D 229 -27.13 20.38 -12.97
C ALA D 229 -25.64 20.70 -13.15
N TYR D 230 -25.34 21.77 -13.87
CA TYR D 230 -23.93 22.10 -14.04
C TYR D 230 -23.28 22.53 -12.71
N CYS D 231 -24.02 23.32 -11.94
CA CYS D 231 -23.60 23.77 -10.59
C CYS D 231 -23.19 22.61 -9.70
N ILE D 232 -24.09 21.63 -9.58
CA ILE D 232 -23.81 20.46 -8.78
C ILE D 232 -22.59 19.63 -9.32
N ARG D 233 -22.57 19.42 -10.63
CA ARG D 233 -21.47 18.71 -11.25
C ARG D 233 -20.14 19.37 -10.89
N ARG D 234 -20.04 20.69 -11.04
CA ARG D 234 -18.75 21.34 -10.85
C ARG D 234 -18.30 21.31 -9.39
N CYS D 235 -19.26 21.49 -8.46
CA CYS D 235 -18.91 21.42 -7.06
C CYS D 235 -18.34 20.06 -6.69
N CYS D 236 -18.99 19.01 -7.14
CA CYS D 236 -18.53 17.66 -6.86
C CYS D 236 -17.16 17.43 -7.49
N GLU D 237 -16.99 17.88 -8.72
CA GLU D 237 -15.70 17.81 -9.35
C GLU D 237 -14.65 18.47 -8.49
N LEU D 238 -14.91 19.67 -7.98
CA LEU D 238 -13.92 20.43 -7.23
C LEU D 238 -13.61 19.75 -5.92
N LYS D 239 -14.65 19.31 -5.20
CA LYS D 239 -14.45 18.62 -3.94
C LYS D 239 -13.62 17.33 -4.14
N ALA D 240 -13.94 16.56 -5.18
CA ALA D 240 -13.25 15.34 -5.45
C ALA D 240 -11.78 15.59 -5.79
N GLN D 241 -11.52 16.70 -6.50
CA GLN D 241 -10.15 17.04 -6.89
C GLN D 241 -9.34 17.35 -5.63
N VAL D 242 -9.93 18.08 -4.66
CA VAL D 242 -9.15 18.48 -3.50
C VAL D 242 -8.96 17.30 -2.54
N VAL D 243 -9.95 16.44 -2.42
CA VAL D 243 -9.82 15.23 -1.61
C VAL D 243 -8.79 14.30 -2.22
N ALA D 244 -8.81 14.13 -3.53
CA ALA D 244 -7.83 13.23 -4.19
C ALA D 244 -6.36 13.73 -4.02
N ALA D 245 -6.16 15.03 -4.06
CA ALA D 245 -4.88 15.62 -3.87
C ALA D 245 -4.41 15.56 -2.42
N ASP D 246 -5.32 15.40 -1.47
CA ASP D 246 -5.02 15.50 -0.05
C ASP D 246 -5.86 14.53 0.73
N GLU D 247 -5.63 13.25 0.49
CA GLU D 247 -6.58 12.24 0.96
C GLU D 247 -6.56 12.00 2.47
N LYS D 248 -5.45 12.33 3.17
CA LYS D 248 -5.34 12.09 4.64
C LYS D 248 -5.25 13.36 5.46
N GLU D 249 -5.61 14.51 4.88
CA GLU D 249 -5.66 15.80 5.55
C GLU D 249 -4.34 16.26 6.23
N THR D 250 -3.18 15.93 5.63
CA THR D 250 -1.85 16.45 6.07
C THR D 250 -1.47 17.59 5.16
N SER D 251 -1.47 17.35 3.84
CA SER D 251 -1.04 18.35 2.84
C SER D 251 -1.72 19.72 3.10
N GLY D 252 -2.86 19.76 3.81
CA GLY D 252 -3.54 21.01 4.12
C GLY D 252 -4.60 21.41 3.11
N LEU D 253 -4.63 20.80 1.92
CA LEU D 253 -5.55 21.21 0.87
C LEU D 253 -7.02 20.93 1.19
N ARG D 254 -7.29 19.82 1.84
CA ARG D 254 -8.65 19.47 2.24
C ARG D 254 -9.18 20.49 3.25
N ALA D 255 -8.27 21.10 4.01
CA ALA D 255 -8.64 22.07 5.03
C ALA D 255 -9.25 23.32 4.40
N LEU D 256 -8.91 23.58 3.15
CA LEU D 256 -9.48 24.73 2.44
C LEU D 256 -10.99 24.70 2.35
N LEU D 257 -11.57 23.51 2.44
CA LEU D 257 -13.02 23.33 2.46
C LEU D 257 -13.65 23.99 3.66
N ASN D 258 -12.85 24.40 4.63
CA ASN D 258 -13.37 25.07 5.84
C ASN D 258 -13.36 26.58 5.74
N LEU D 259 -13.20 27.15 4.53
CA LEU D 259 -13.38 28.62 4.42
C LEU D 259 -14.70 29.03 5.06
N GLY D 260 -14.61 30.04 5.94
CA GLY D 260 -15.75 30.61 6.62
C GLY D 260 -16.28 29.79 7.78
N HIS D 261 -15.77 28.57 7.98
CA HIS D 261 -16.33 27.63 8.91
C HIS D 261 -15.85 27.86 10.34
N THR D 262 -14.73 28.52 10.52
CA THR D 262 -14.23 28.82 11.83
C THR D 262 -15.12 29.91 12.44
N PHE D 263 -15.30 31.02 11.71
CA PHE D 263 -16.23 32.05 12.11
C PHE D 263 -17.66 31.46 12.20
N GLY D 264 -18.06 30.67 11.19
CA GLY D 264 -19.40 30.13 11.14
C GLY D 264 -19.73 29.23 12.31
N HIS D 265 -18.80 28.40 12.72
CA HIS D 265 -19.02 27.51 13.87
C HIS D 265 -19.34 28.36 15.12
N ALA D 266 -18.63 29.48 15.30
CA ALA D 266 -18.90 30.38 16.42
C ALA D 266 -20.34 30.86 16.41
N ILE D 267 -20.83 31.20 15.21
CA ILE D 267 -22.19 31.70 15.07
C ILE D 267 -23.17 30.57 15.44
N GLU D 268 -22.98 29.37 14.86
CA GLU D 268 -23.86 28.24 15.15
C GLU D 268 -23.86 27.90 16.65
N ALA D 269 -22.68 27.92 17.27
CA ALA D 269 -22.53 27.57 18.70
C ALA D 269 -23.29 28.54 19.59
N GLU D 270 -23.17 29.84 19.29
CA GLU D 270 -23.80 30.89 20.11
C GLU D 270 -25.27 31.06 19.82
N MET D 271 -25.67 30.85 18.57
CA MET D 271 -27.07 31.06 18.19
C MET D 271 -27.95 29.86 18.44
N GLY D 272 -27.38 28.66 18.33
CA GLY D 272 -28.12 27.42 18.52
C GLY D 272 -28.65 26.78 17.25
N TYR D 273 -28.98 25.50 17.32
CA TYR D 273 -29.36 24.72 16.15
C TYR D 273 -30.68 25.23 15.55
N GLY D 274 -30.70 25.43 14.24
CA GLY D 274 -31.86 25.85 13.49
C GLY D 274 -32.14 27.32 13.58
N VAL D 275 -31.38 28.05 14.42
CA VAL D 275 -31.58 29.49 14.49
C VAL D 275 -30.93 30.08 13.27
N TRP D 276 -29.60 29.91 13.14
CA TRP D 276 -28.92 30.17 11.88
C TRP D 276 -28.62 28.82 11.27
N LEU D 277 -28.91 28.66 10.00
CA LEU D 277 -28.52 27.43 9.32
C LEU D 277 -27.04 27.43 9.08
N HIS D 278 -26.52 26.25 8.86
CA HIS D 278 -25.07 26.11 8.64
C HIS D 278 -24.58 27.01 7.50
N GLY D 279 -25.26 27.01 6.37
CA GLY D 279 -24.80 27.82 5.25
C GLY D 279 -24.94 29.30 5.44
N GLU D 280 -25.95 29.72 6.22
CA GLU D 280 -26.04 31.11 6.59
C GLU D 280 -24.79 31.54 7.43
N ALA D 281 -24.40 30.71 8.38
CA ALA D 281 -23.21 30.98 9.19
C ALA D 281 -21.95 30.96 8.32
N VAL D 282 -21.88 30.03 7.39
CA VAL D 282 -20.72 29.95 6.49
C VAL D 282 -20.63 31.22 5.63
N ALA D 283 -21.76 31.70 5.15
CA ALA D 283 -21.82 32.89 4.32
C ALA D 283 -21.20 34.08 5.01
N ALA D 284 -21.70 34.39 6.20
CA ALA D 284 -21.17 35.48 6.99
C ALA D 284 -19.68 35.22 7.29
N GLY D 285 -19.33 33.96 7.56
CA GLY D 285 -17.96 33.57 7.82
C GLY D 285 -17.01 33.85 6.66
N MET D 286 -17.48 33.61 5.44
CA MET D 286 -16.65 33.85 4.28
C MET D 286 -16.35 35.34 4.11
N VAL D 287 -17.36 36.17 4.38
CA VAL D 287 -17.18 37.60 4.36
C VAL D 287 -16.12 38.02 5.41
N MET D 288 -16.22 37.47 6.62
CA MET D 288 -15.29 37.78 7.69
C MET D 288 -13.88 37.30 7.31
N ALA D 289 -13.80 36.15 6.66
CA ALA D 289 -12.52 35.65 6.19
C ALA D 289 -11.93 36.58 5.12
N ALA D 290 -12.79 37.06 4.22
CA ALA D 290 -12.36 38.04 3.20
C ALA D 290 -11.82 39.31 3.87
N LYS D 291 -12.54 39.81 4.86
CA LYS D 291 -12.12 41.03 5.57
C LYS D 291 -10.78 40.82 6.26
N THR D 292 -10.60 39.61 6.81
CA THR D 292 -9.33 39.24 7.42
C THR D 292 -8.20 39.28 6.37
N ALA D 293 -8.47 38.70 5.21
CA ALA D 293 -7.51 38.72 4.16
C ALA D 293 -7.18 40.15 3.70
N GLU D 294 -8.16 41.04 3.73
CA GLU D 294 -7.87 42.46 3.46
C GLU D 294 -6.90 43.07 4.46
N LEU D 295 -7.06 42.72 5.73
CA LEU D 295 -6.33 43.42 6.77
C LEU D 295 -4.88 42.99 6.83
N ILE D 296 -4.62 41.72 6.51
CA ILE D 296 -3.23 41.30 6.44
C ILE D 296 -2.56 41.69 5.12
N GLY D 297 -3.34 42.23 4.18
CA GLY D 297 -2.77 42.81 2.94
C GLY D 297 -2.75 41.90 1.71
N GLN D 298 -3.54 40.84 1.72
CA GLN D 298 -3.61 39.96 0.55
C GLN D 298 -4.88 40.06 -0.32
N PHE D 299 -5.91 40.74 0.13
CA PHE D 299 -7.19 40.80 -0.59
C PHE D 299 -7.56 42.25 -0.75
N THR D 300 -8.34 42.58 -1.77
CA THR D 300 -8.83 43.95 -1.93
C THR D 300 -10.28 44.10 -1.45
N PRO D 301 -10.68 45.33 -1.08
CA PRO D 301 -12.11 45.59 -0.86
C PRO D 301 -12.96 45.27 -2.10
N GLU D 302 -12.42 45.44 -3.30
CA GLU D 302 -13.14 45.07 -4.53
C GLU D 302 -13.48 43.58 -4.58
N GLN D 303 -12.51 42.77 -4.21
CA GLN D 303 -12.72 41.30 -4.14
C GLN D 303 -13.77 40.94 -3.09
N THR D 304 -13.67 41.54 -1.91
CA THR D 304 -14.61 41.27 -0.86
C THR D 304 -15.99 41.66 -1.29
N ASP D 305 -16.11 42.79 -1.96
CA ASP D 305 -17.40 43.26 -2.48
C ASP D 305 -18.03 42.30 -3.44
N ARG D 306 -17.24 41.60 -4.24
CA ARG D 306 -17.79 40.57 -5.13
C ARG D 306 -18.40 39.41 -4.37
N VAL D 307 -17.73 38.99 -3.30
CA VAL D 307 -18.24 37.93 -2.43
C VAL D 307 -19.56 38.42 -1.78
N ILE D 308 -19.53 39.61 -1.19
CA ILE D 308 -20.71 40.21 -0.56
C ILE D 308 -21.90 40.27 -1.52
N ALA D 309 -21.69 40.83 -2.72
CA ALA D 309 -22.75 40.99 -3.70
C ALA D 309 -23.41 39.68 -4.07
N LEU D 310 -22.60 38.65 -4.33
CA LEU D 310 -23.15 37.35 -4.75
C LEU D 310 -23.89 36.68 -3.58
N LEU D 311 -23.32 36.72 -2.38
CA LEU D 311 -24.07 36.20 -1.19
C LEU D 311 -25.43 36.88 -1.05
N LYS D 312 -25.49 38.20 -1.20
CA LYS D 312 -26.78 38.88 -1.09
C LYS D 312 -27.78 38.41 -2.17
N ARG D 313 -27.26 38.15 -3.37
CA ARG D 313 -28.13 37.68 -4.46
C ARG D 313 -28.71 36.30 -4.18
N ALA D 314 -27.97 35.50 -3.43
CA ALA D 314 -28.46 34.22 -3.00
C ALA D 314 -29.27 34.29 -1.72
N GLU D 315 -29.59 35.49 -1.24
CA GLU D 315 -30.38 35.71 -0.01
C GLU D 315 -29.68 35.17 1.22
N LEU D 316 -28.36 35.31 1.25
CA LEU D 316 -27.56 34.90 2.39
C LEU D 316 -27.07 36.13 3.17
N PRO D 317 -26.85 35.98 4.48
CA PRO D 317 -26.35 37.14 5.26
C PRO D 317 -24.88 37.40 4.98
N VAL D 318 -24.48 38.63 5.19
CA VAL D 318 -23.11 39.04 5.07
C VAL D 318 -22.65 39.77 6.35
N THR D 319 -23.48 39.72 7.39
CA THR D 319 -23.20 40.34 8.67
C THR D 319 -23.40 39.31 9.74
N GLY D 320 -22.77 39.54 10.88
CA GLY D 320 -22.96 38.65 12.01
C GLY D 320 -24.23 38.97 12.79
N PRO D 321 -24.70 38.02 13.63
CA PRO D 321 -25.88 38.29 14.45
C PRO D 321 -25.62 39.48 15.37
N ALA D 322 -26.64 40.33 15.54
CA ALA D 322 -26.56 41.46 16.46
C ALA D 322 -26.25 41.07 17.88
N LYS D 323 -26.62 39.84 18.25
CA LYS D 323 -26.45 39.34 19.63
C LYS D 323 -24.97 39.09 19.97
N MET D 324 -24.13 38.84 18.95
CA MET D 324 -22.71 38.55 19.20
C MET D 324 -21.83 39.77 18.93
N GLN D 325 -20.87 39.97 19.81
CA GLN D 325 -19.73 40.89 19.58
C GLN D 325 -18.49 40.05 19.30
N PRO D 326 -17.41 40.64 18.80
CA PRO D 326 -16.22 39.84 18.53
C PRO D 326 -15.70 38.94 19.63
N ASP D 327 -15.70 39.42 20.88
CA ASP D 327 -15.53 38.66 22.13
C ASP D 327 -16.12 37.25 22.12
N ASP D 328 -17.34 37.24 21.61
CA ASP D 328 -18.20 36.06 21.63
C ASP D 328 -17.76 35.05 20.60
N TYR D 329 -17.06 35.49 19.55
CA TYR D 329 -16.59 34.57 18.53
C TYR D 329 -15.35 33.79 19.00
N LEU D 330 -14.42 34.50 19.59
CA LEU D 330 -13.09 33.96 19.77
C LEU D 330 -13.00 32.66 20.60
N PRO D 331 -13.77 32.53 21.74
CA PRO D 331 -13.69 31.28 22.53
C PRO D 331 -14.05 30.06 21.67
N HIS D 332 -14.94 30.26 20.69
CA HIS D 332 -15.33 29.19 19.77
C HIS D 332 -14.30 28.90 18.69
N MET D 333 -13.38 29.82 18.42
CA MET D 333 -12.45 29.72 17.27
C MET D 333 -11.05 29.20 17.65
N LYS D 343 -2.06 33.35 15.85
CA LYS D 343 -2.43 32.59 17.07
C LYS D 343 -3.56 31.62 16.78
N LEU D 344 -4.53 32.02 15.95
CA LEU D 344 -5.59 31.14 15.45
C LEU D 344 -5.31 30.66 14.00
N HIS D 345 -5.97 29.56 13.65
CA HIS D 345 -5.83 28.93 12.35
C HIS D 345 -7.10 29.28 11.56
N LEU D 346 -6.92 29.89 10.41
CA LEU D 346 -8.03 30.31 9.57
C LEU D 346 -7.72 29.93 8.14
N ILE D 347 -8.75 29.60 7.39
CA ILE D 347 -8.66 29.51 5.96
C ILE D 347 -8.97 30.90 5.40
N LEU D 348 -8.07 31.42 4.57
CA LEU D 348 -8.25 32.73 3.96
C LEU D 348 -8.20 32.68 2.43
N PRO D 349 -9.04 33.47 1.75
CA PRO D 349 -8.86 33.63 0.32
C PRO D 349 -7.62 34.47 -0.01
N THR D 350 -6.99 34.12 -1.12
CA THR D 350 -5.87 34.91 -1.65
C THR D 350 -6.22 35.65 -2.95
N THR D 351 -7.09 35.05 -3.76
CA THR D 351 -7.83 35.73 -4.82
C THR D 351 -9.26 35.16 -4.78
N ILE D 352 -10.11 35.59 -5.71
CA ILE D 352 -11.32 34.85 -5.97
C ILE D 352 -10.94 33.69 -6.84
N GLY D 353 -10.85 32.52 -6.21
CA GLY D 353 -10.38 31.30 -6.85
C GLY D 353 -9.16 30.66 -6.24
N HIS D 354 -8.57 31.28 -5.22
CA HIS D 354 -7.31 30.81 -4.62
C HIS D 354 -7.41 31.01 -3.09
N SER D 355 -6.91 30.07 -2.29
CA SER D 355 -6.99 30.17 -0.86
C SER D 355 -5.83 29.45 -0.14
N GLU D 356 -5.70 29.72 1.16
CA GLU D 356 -4.58 29.22 1.93
C GLU D 356 -5.02 29.06 3.38
N MET D 357 -4.39 28.14 4.09
CA MET D 357 -4.50 28.04 5.52
C MET D 357 -3.42 28.93 6.12
N ARG D 358 -3.82 29.82 7.00
CA ARG D 358 -2.90 30.68 7.71
C ARG D 358 -3.00 30.39 9.24
N SER D 359 -1.86 30.12 9.85
CA SER D 359 -1.80 29.80 11.26
C SER D 359 -1.31 30.93 12.17
N ASP D 360 -0.93 32.05 11.65
CA ASP D 360 -0.33 33.11 12.44
C ASP D 360 -1.24 34.32 12.61
N VAL D 361 -2.56 34.18 12.48
CA VAL D 361 -3.43 35.37 12.41
C VAL D 361 -3.62 35.89 13.81
N ASP D 362 -3.40 37.19 14.01
CA ASP D 362 -3.49 37.73 15.35
C ASP D 362 -4.94 37.79 15.75
N ALA D 363 -5.20 37.59 17.02
CA ALA D 363 -6.54 37.77 17.56
C ALA D 363 -7.08 39.18 17.28
N SER D 364 -6.23 40.19 17.36
CA SER D 364 -6.60 41.56 17.04
C SER D 364 -7.11 41.74 15.59
N THR D 365 -6.50 41.02 14.67
CA THR D 365 -6.95 41.05 13.29
C THR D 365 -8.32 40.44 13.16
N VAL D 366 -8.56 39.33 13.84
CA VAL D 366 -9.86 38.65 13.77
C VAL D 366 -10.96 39.53 14.37
N THR D 367 -10.71 40.16 15.52
CA THR D 367 -11.68 41.07 16.15
C THR D 367 -12.00 42.25 15.21
N ALA D 368 -10.95 42.80 14.57
CA ALA D 368 -11.17 43.89 13.59
C ALA D 368 -12.00 43.43 12.38
N ALA D 369 -11.74 42.23 11.89
CA ALA D 369 -12.51 41.70 10.76
C ALA D 369 -13.94 41.43 11.15
N ILE D 370 -14.18 40.84 12.31
CA ILE D 370 -15.57 40.63 12.81
C ILE D 370 -16.28 41.95 12.97
N SER D 371 -15.61 42.93 13.56
CA SER D 371 -16.17 44.27 13.75
C SER D 371 -16.57 44.94 12.42
N ALA D 372 -15.81 44.66 11.38
CA ALA D 372 -16.08 45.22 10.05
C ALA D 372 -17.30 44.59 9.41
N CYS D 373 -17.86 43.53 10.00
CA CYS D 373 -19.04 42.86 9.45
C CYS D 373 -20.26 42.97 10.39
N ILE D 374 -20.24 43.89 11.32
CA ILE D 374 -21.43 44.03 12.18
C ILE D 374 -22.02 45.39 11.84
N PRO D 375 -23.28 45.43 11.39
CA PRO D 375 -23.89 46.56 10.67
C PRO D 375 -24.14 47.74 11.59
#